data_5ZLQ
# 
_entry.id   5ZLQ 
# 
_audit_conform.dict_name       mmcif_pdbx.dic 
_audit_conform.dict_version    5.387 
_audit_conform.dict_location   http://mmcif.pdb.org/dictionaries/ascii/mmcif_pdbx.dic 
# 
loop_
_database_2.database_id 
_database_2.database_code 
_database_2.pdbx_database_accession 
_database_2.pdbx_DOI 
PDB   5ZLQ         pdb_00005zlq 10.2210/pdb5zlq/pdb 
WWPDB D_1300007292 ?            ?                   
# 
loop_
_pdbx_audit_revision_history.ordinal 
_pdbx_audit_revision_history.data_content_type 
_pdbx_audit_revision_history.major_revision 
_pdbx_audit_revision_history.minor_revision 
_pdbx_audit_revision_history.revision_date 
1 'Structure model' 1 0 2018-10-10 
2 'Structure model' 1 1 2024-03-27 
# 
_pdbx_audit_revision_details.ordinal             1 
_pdbx_audit_revision_details.revision_ordinal    1 
_pdbx_audit_revision_details.data_content_type   'Structure model' 
_pdbx_audit_revision_details.provider            repository 
_pdbx_audit_revision_details.type                'Initial release' 
_pdbx_audit_revision_details.description         ? 
_pdbx_audit_revision_details.details             ? 
# 
loop_
_pdbx_audit_revision_group.ordinal 
_pdbx_audit_revision_group.revision_ordinal 
_pdbx_audit_revision_group.data_content_type 
_pdbx_audit_revision_group.group 
1 2 'Structure model' 'Data collection'     
2 2 'Structure model' 'Database references' 
3 2 'Structure model' 'Structure summary'   
# 
loop_
_pdbx_audit_revision_category.ordinal 
_pdbx_audit_revision_category.revision_ordinal 
_pdbx_audit_revision_category.data_content_type 
_pdbx_audit_revision_category.category 
1 2 'Structure model' chem_comp_atom 
2 2 'Structure model' chem_comp_bond 
3 2 'Structure model' database_2     
4 2 'Structure model' entity         
# 
loop_
_pdbx_audit_revision_item.ordinal 
_pdbx_audit_revision_item.revision_ordinal 
_pdbx_audit_revision_item.data_content_type 
_pdbx_audit_revision_item.item 
1 2 'Structure model' '_database_2.pdbx_DOI'                
2 2 'Structure model' '_database_2.pdbx_database_accession' 
3 2 'Structure model' '_entity.formula_weight'              
# 
_pdbx_database_status.status_code                     REL 
_pdbx_database_status.status_code_sf                  REL 
_pdbx_database_status.status_code_mr                  ? 
_pdbx_database_status.entry_id                        5ZLQ 
_pdbx_database_status.recvd_initial_deposition_date   2018-03-29 
_pdbx_database_status.SG_entry                        N 
_pdbx_database_status.deposit_site                    PDBJ 
_pdbx_database_status.process_site                    PDBJ 
_pdbx_database_status.status_code_cs                  ? 
_pdbx_database_status.methods_development_category    ? 
_pdbx_database_status.pdb_format_compatible           Y 
_pdbx_database_status.status_code_nmr_data            ? 
# 
loop_
_audit_author.name 
_audit_author.pdbx_ordinal 
_audit_author.identifier_ORCID 
'Furukawa, Y.' 1 ? 
'Lim, C.T.'    2 ? 
'Tosha, T.'    3 ? 
# 
_citation.abstract                  ? 
_citation.abstract_id_CAS           ? 
_citation.book_id_ISBN              ? 
_citation.book_publisher            ? 
_citation.book_publisher_city       ? 
_citation.book_title                ? 
_citation.coordinate_linkage        ? 
_citation.country                   US 
_citation.database_id_Medline       ? 
_citation.details                   ? 
_citation.id                        primary 
_citation.journal_abbrev            'PLoS ONE' 
_citation.journal_id_ASTM           ? 
_citation.journal_id_CSD            ? 
_citation.journal_id_ISSN           1932-6203 
_citation.journal_full              ? 
_citation.journal_issue             ? 
_citation.journal_volume            13 
_citation.language                  ? 
_citation.page_first                e0204355 
_citation.page_last                 e0204355 
_citation.title                     
'Identification of a novel zinc-binding protein, C1orf123, as an interactor with a heavy metal-associated domain' 
_citation.year                      2018 
_citation.database_id_CSD           ? 
_citation.pdbx_database_id_DOI      10.1371/journal.pone.0204355 
_citation.pdbx_database_id_PubMed   30260988 
_citation.unpublished_flag          ? 
# 
loop_
_citation_author.citation_id 
_citation_author.name 
_citation_author.ordinal 
_citation_author.identifier_ORCID 
primary 'Furukawa, Y.' 1 0000-0002-1918-372X 
primary 'Lim, C.'      2 ?                   
primary 'Tosha, T.'    3 0000-0002-8971-0759 
primary 'Yoshida, K.'  4 ?                   
primary 'Hagai, T.'    5 ?                   
primary 'Akiyama, S.'  6 ?                   
primary 'Watanabe, S.' 7 ?                   
primary 'Nakagome, K.' 8 ?                   
primary 'Shiro, Y.'    9 ?                   
# 
loop_
_entity.id 
_entity.type 
_entity.src_method 
_entity.pdbx_description 
_entity.formula_weight 
_entity.pdbx_number_of_molecules 
_entity.pdbx_ec 
_entity.pdbx_mutation 
_entity.pdbx_fragment 
_entity.details 
1 polymer     man 'UPF0587 protein C1orf123' 18222.590 1   ? ? ? ? 
2 non-polymer syn 'ZINC ION'                 65.409    1   ? ? ? ? 
3 water       nat water                      18.015    175 ? ? ? ? 
# 
_entity_poly.entity_id                      1 
_entity_poly.type                           'polypeptide(L)' 
_entity_poly.nstd_linkage                   no 
_entity_poly.nstd_monomer                   no 
_entity_poly.pdbx_seq_one_letter_code       
;GPMGKIALQLKATLENITNLRPVGEDFRWYLKMKCGNCGEISDKWQYIRLMDSVALKGGRGSASMVQKCKLCARENSIEI
LSSTIKPYNAEDNENFKTIVEFECRGLEPVDFQPQAGFAAEGVESGTAFSDINLQEKDWTDYDEKAQESVGIYEVTHQFV
KC
;
_entity_poly.pdbx_seq_one_letter_code_can   
;GPMGKIALQLKATLENITNLRPVGEDFRWYLKMKCGNCGEISDKWQYIRLMDSVALKGGRGSASMVQKCKLCARENSIEI
LSSTIKPYNAEDNENFKTIVEFECRGLEPVDFQPQAGFAAEGVESGTAFSDINLQEKDWTDYDEKAQESVGIYEVTHQFV
KC
;
_entity_poly.pdbx_strand_id                 A 
_entity_poly.pdbx_target_identifier         ? 
# 
loop_
_pdbx_entity_nonpoly.entity_id 
_pdbx_entity_nonpoly.name 
_pdbx_entity_nonpoly.comp_id 
2 'ZINC ION' ZN  
3 water      HOH 
# 
loop_
_entity_poly_seq.entity_id 
_entity_poly_seq.num 
_entity_poly_seq.mon_id 
_entity_poly_seq.hetero 
1 1   GLY n 
1 2   PRO n 
1 3   MET n 
1 4   GLY n 
1 5   LYS n 
1 6   ILE n 
1 7   ALA n 
1 8   LEU n 
1 9   GLN n 
1 10  LEU n 
1 11  LYS n 
1 12  ALA n 
1 13  THR n 
1 14  LEU n 
1 15  GLU n 
1 16  ASN n 
1 17  ILE n 
1 18  THR n 
1 19  ASN n 
1 20  LEU n 
1 21  ARG n 
1 22  PRO n 
1 23  VAL n 
1 24  GLY n 
1 25  GLU n 
1 26  ASP n 
1 27  PHE n 
1 28  ARG n 
1 29  TRP n 
1 30  TYR n 
1 31  LEU n 
1 32  LYS n 
1 33  MET n 
1 34  LYS n 
1 35  CYS n 
1 36  GLY n 
1 37  ASN n 
1 38  CYS n 
1 39  GLY n 
1 40  GLU n 
1 41  ILE n 
1 42  SER n 
1 43  ASP n 
1 44  LYS n 
1 45  TRP n 
1 46  GLN n 
1 47  TYR n 
1 48  ILE n 
1 49  ARG n 
1 50  LEU n 
1 51  MET n 
1 52  ASP n 
1 53  SER n 
1 54  VAL n 
1 55  ALA n 
1 56  LEU n 
1 57  LYS n 
1 58  GLY n 
1 59  GLY n 
1 60  ARG n 
1 61  GLY n 
1 62  SER n 
1 63  ALA n 
1 64  SER n 
1 65  MET n 
1 66  VAL n 
1 67  GLN n 
1 68  LYS n 
1 69  CYS n 
1 70  LYS n 
1 71  LEU n 
1 72  CYS n 
1 73  ALA n 
1 74  ARG n 
1 75  GLU n 
1 76  ASN n 
1 77  SER n 
1 78  ILE n 
1 79  GLU n 
1 80  ILE n 
1 81  LEU n 
1 82  SER n 
1 83  SER n 
1 84  THR n 
1 85  ILE n 
1 86  LYS n 
1 87  PRO n 
1 88  TYR n 
1 89  ASN n 
1 90  ALA n 
1 91  GLU n 
1 92  ASP n 
1 93  ASN n 
1 94  GLU n 
1 95  ASN n 
1 96  PHE n 
1 97  LYS n 
1 98  THR n 
1 99  ILE n 
1 100 VAL n 
1 101 GLU n 
1 102 PHE n 
1 103 GLU n 
1 104 CYS n 
1 105 ARG n 
1 106 GLY n 
1 107 LEU n 
1 108 GLU n 
1 109 PRO n 
1 110 VAL n 
1 111 ASP n 
1 112 PHE n 
1 113 GLN n 
1 114 PRO n 
1 115 GLN n 
1 116 ALA n 
1 117 GLY n 
1 118 PHE n 
1 119 ALA n 
1 120 ALA n 
1 121 GLU n 
1 122 GLY n 
1 123 VAL n 
1 124 GLU n 
1 125 SER n 
1 126 GLY n 
1 127 THR n 
1 128 ALA n 
1 129 PHE n 
1 130 SER n 
1 131 ASP n 
1 132 ILE n 
1 133 ASN n 
1 134 LEU n 
1 135 GLN n 
1 136 GLU n 
1 137 LYS n 
1 138 ASP n 
1 139 TRP n 
1 140 THR n 
1 141 ASP n 
1 142 TYR n 
1 143 ASP n 
1 144 GLU n 
1 145 LYS n 
1 146 ALA n 
1 147 GLN n 
1 148 GLU n 
1 149 SER n 
1 150 VAL n 
1 151 GLY n 
1 152 ILE n 
1 153 TYR n 
1 154 GLU n 
1 155 VAL n 
1 156 THR n 
1 157 HIS n 
1 158 GLN n 
1 159 PHE n 
1 160 VAL n 
1 161 LYS n 
1 162 CYS n 
# 
_entity_src_gen.entity_id                          1 
_entity_src_gen.pdbx_src_id                        1 
_entity_src_gen.pdbx_alt_source_flag               sample 
_entity_src_gen.pdbx_seq_type                      'Biological sequence' 
_entity_src_gen.pdbx_beg_seq_num                   1 
_entity_src_gen.pdbx_end_seq_num                   162 
_entity_src_gen.gene_src_common_name               Human 
_entity_src_gen.gene_src_genus                     ? 
_entity_src_gen.pdbx_gene_src_gene                 C1orf123 
_entity_src_gen.gene_src_species                   ? 
_entity_src_gen.gene_src_strain                    ? 
_entity_src_gen.gene_src_tissue                    ? 
_entity_src_gen.gene_src_tissue_fraction           ? 
_entity_src_gen.gene_src_details                   ? 
_entity_src_gen.pdbx_gene_src_fragment             ? 
_entity_src_gen.pdbx_gene_src_scientific_name      'Homo sapiens' 
_entity_src_gen.pdbx_gene_src_ncbi_taxonomy_id     9606 
_entity_src_gen.pdbx_gene_src_variant              ? 
_entity_src_gen.pdbx_gene_src_cell_line            ? 
_entity_src_gen.pdbx_gene_src_atcc                 ? 
_entity_src_gen.pdbx_gene_src_organ                ? 
_entity_src_gen.pdbx_gene_src_organelle            ? 
_entity_src_gen.pdbx_gene_src_cell                 ? 
_entity_src_gen.pdbx_gene_src_cellular_location    ? 
_entity_src_gen.host_org_common_name               ? 
_entity_src_gen.pdbx_host_org_scientific_name      'Escherichia coli BL21(DE3)' 
_entity_src_gen.pdbx_host_org_ncbi_taxonomy_id     469008 
_entity_src_gen.host_org_genus                     ? 
_entity_src_gen.pdbx_host_org_gene                 ? 
_entity_src_gen.pdbx_host_org_organ                ? 
_entity_src_gen.host_org_species                   ? 
_entity_src_gen.pdbx_host_org_tissue               ? 
_entity_src_gen.pdbx_host_org_tissue_fraction      ? 
_entity_src_gen.pdbx_host_org_strain               'BL21(DE3)' 
_entity_src_gen.pdbx_host_org_variant              ? 
_entity_src_gen.pdbx_host_org_cell_line            ? 
_entity_src_gen.pdbx_host_org_atcc                 ? 
_entity_src_gen.pdbx_host_org_culture_collection   ? 
_entity_src_gen.pdbx_host_org_cell                 ? 
_entity_src_gen.pdbx_host_org_organelle            ? 
_entity_src_gen.pdbx_host_org_cellular_location    ? 
_entity_src_gen.pdbx_host_org_vector_type          plasmid 
_entity_src_gen.pdbx_host_org_vector               ? 
_entity_src_gen.host_org_details                   ? 
_entity_src_gen.expression_system_id               ? 
_entity_src_gen.plasmid_name                       pET15b 
_entity_src_gen.plasmid_details                    ? 
_entity_src_gen.pdbx_description                   ? 
# 
loop_
_chem_comp.id 
_chem_comp.type 
_chem_comp.mon_nstd_flag 
_chem_comp.name 
_chem_comp.pdbx_synonyms 
_chem_comp.formula 
_chem_comp.formula_weight 
ALA 'L-peptide linking' y ALANINE         ? 'C3 H7 N O2'     89.093  
ARG 'L-peptide linking' y ARGININE        ? 'C6 H15 N4 O2 1' 175.209 
ASN 'L-peptide linking' y ASPARAGINE      ? 'C4 H8 N2 O3'    132.118 
ASP 'L-peptide linking' y 'ASPARTIC ACID' ? 'C4 H7 N O4'     133.103 
CYS 'L-peptide linking' y CYSTEINE        ? 'C3 H7 N O2 S'   121.158 
GLN 'L-peptide linking' y GLUTAMINE       ? 'C5 H10 N2 O3'   146.144 
GLU 'L-peptide linking' y 'GLUTAMIC ACID' ? 'C5 H9 N O4'     147.129 
GLY 'peptide linking'   y GLYCINE         ? 'C2 H5 N O2'     75.067  
HIS 'L-peptide linking' y HISTIDINE       ? 'C6 H10 N3 O2 1' 156.162 
HOH non-polymer         . WATER           ? 'H2 O'           18.015  
ILE 'L-peptide linking' y ISOLEUCINE      ? 'C6 H13 N O2'    131.173 
LEU 'L-peptide linking' y LEUCINE         ? 'C6 H13 N O2'    131.173 
LYS 'L-peptide linking' y LYSINE          ? 'C6 H15 N2 O2 1' 147.195 
MET 'L-peptide linking' y METHIONINE      ? 'C5 H11 N O2 S'  149.211 
PHE 'L-peptide linking' y PHENYLALANINE   ? 'C9 H11 N O2'    165.189 
PRO 'L-peptide linking' y PROLINE         ? 'C5 H9 N O2'     115.130 
SER 'L-peptide linking' y SERINE          ? 'C3 H7 N O3'     105.093 
THR 'L-peptide linking' y THREONINE       ? 'C4 H9 N O3'     119.119 
TRP 'L-peptide linking' y TRYPTOPHAN      ? 'C11 H12 N2 O2'  204.225 
TYR 'L-peptide linking' y TYROSINE        ? 'C9 H11 N O3'    181.189 
VAL 'L-peptide linking' y VALINE          ? 'C5 H11 N O2'    117.146 
ZN  non-polymer         . 'ZINC ION'      ? 'Zn 2'           65.409  
# 
loop_
_pdbx_poly_seq_scheme.asym_id 
_pdbx_poly_seq_scheme.entity_id 
_pdbx_poly_seq_scheme.seq_id 
_pdbx_poly_seq_scheme.mon_id 
_pdbx_poly_seq_scheme.ndb_seq_num 
_pdbx_poly_seq_scheme.pdb_seq_num 
_pdbx_poly_seq_scheme.auth_seq_num 
_pdbx_poly_seq_scheme.pdb_mon_id 
_pdbx_poly_seq_scheme.auth_mon_id 
_pdbx_poly_seq_scheme.pdb_strand_id 
_pdbx_poly_seq_scheme.pdb_ins_code 
_pdbx_poly_seq_scheme.hetero 
A 1 1   GLY 1   -1  ?   ?   ?   A . n 
A 1 2   PRO 2   0   ?   ?   ?   A . n 
A 1 3   MET 3   1   ?   ?   ?   A . n 
A 1 4   GLY 4   2   2   GLY GLY A . n 
A 1 5   LYS 5   3   3   LYS LYS A . n 
A 1 6   ILE 6   4   4   ILE ILE A . n 
A 1 7   ALA 7   5   5   ALA ALA A . n 
A 1 8   LEU 8   6   6   LEU LEU A . n 
A 1 9   GLN 9   7   7   GLN GLN A . n 
A 1 10  LEU 10  8   8   LEU LEU A . n 
A 1 11  LYS 11  9   9   LYS LYS A . n 
A 1 12  ALA 12  10  10  ALA ALA A . n 
A 1 13  THR 13  11  11  THR THR A . n 
A 1 14  LEU 14  12  12  LEU LEU A . n 
A 1 15  GLU 15  13  13  GLU GLU A . n 
A 1 16  ASN 16  14  14  ASN ASN A . n 
A 1 17  ILE 17  15  15  ILE ILE A . n 
A 1 18  THR 18  16  16  THR THR A . n 
A 1 19  ASN 19  17  17  ASN ASN A . n 
A 1 20  LEU 20  18  18  LEU LEU A . n 
A 1 21  ARG 21  19  19  ARG ARG A . n 
A 1 22  PRO 22  20  20  PRO PRO A . n 
A 1 23  VAL 23  21  21  VAL VAL A . n 
A 1 24  GLY 24  22  22  GLY GLY A . n 
A 1 25  GLU 25  23  23  GLU GLU A . n 
A 1 26  ASP 26  24  24  ASP ASP A . n 
A 1 27  PHE 27  25  25  PHE PHE A . n 
A 1 28  ARG 28  26  26  ARG ARG A . n 
A 1 29  TRP 29  27  27  TRP TRP A . n 
A 1 30  TYR 30  28  28  TYR TYR A . n 
A 1 31  LEU 31  29  29  LEU LEU A . n 
A 1 32  LYS 32  30  30  LYS LYS A . n 
A 1 33  MET 33  31  31  MET MET A . n 
A 1 34  LYS 34  32  32  LYS LYS A . n 
A 1 35  CYS 35  33  33  CYS CYS A . n 
A 1 36  GLY 36  34  34  GLY GLY A . n 
A 1 37  ASN 37  35  35  ASN ASN A . n 
A 1 38  CYS 38  36  36  CYS CYS A . n 
A 1 39  GLY 39  37  37  GLY GLY A . n 
A 1 40  GLU 40  38  38  GLU GLU A . n 
A 1 41  ILE 41  39  39  ILE ILE A . n 
A 1 42  SER 42  40  40  SER SER A . n 
A 1 43  ASP 43  41  41  ASP ASP A . n 
A 1 44  LYS 44  42  42  LYS LYS A . n 
A 1 45  TRP 45  43  43  TRP TRP A . n 
A 1 46  GLN 46  44  44  GLN GLN A . n 
A 1 47  TYR 47  45  45  TYR TYR A . n 
A 1 48  ILE 48  46  46  ILE ILE A . n 
A 1 49  ARG 49  47  47  ARG ARG A . n 
A 1 50  LEU 50  48  48  LEU LEU A . n 
A 1 51  MET 51  49  49  MET MET A . n 
A 1 52  ASP 52  50  50  ASP ASP A . n 
A 1 53  SER 53  51  51  SER SER A . n 
A 1 54  VAL 54  52  52  VAL VAL A . n 
A 1 55  ALA 55  53  53  ALA ALA A . n 
A 1 56  LEU 56  54  54  LEU LEU A . n 
A 1 57  LYS 57  55  55  LYS LYS A . n 
A 1 58  GLY 58  56  56  GLY GLY A . n 
A 1 59  GLY 59  57  57  GLY GLY A . n 
A 1 60  ARG 60  58  58  ARG ARG A . n 
A 1 61  GLY 61  59  59  GLY GLY A . n 
A 1 62  SER 62  60  60  SER SER A . n 
A 1 63  ALA 63  61  61  ALA ALA A . n 
A 1 64  SER 64  62  62  SER SER A . n 
A 1 65  MET 65  63  63  MET MET A . n 
A 1 66  VAL 66  64  64  VAL VAL A . n 
A 1 67  GLN 67  65  65  GLN GLN A . n 
A 1 68  LYS 68  66  66  LYS LYS A . n 
A 1 69  CYS 69  67  67  CYS CYS A . n 
A 1 70  LYS 70  68  68  LYS LYS A . n 
A 1 71  LEU 71  69  69  LEU LEU A . n 
A 1 72  CYS 72  70  70  CYS CYS A . n 
A 1 73  ALA 73  71  71  ALA ALA A . n 
A 1 74  ARG 74  72  72  ARG ARG A . n 
A 1 75  GLU 75  73  73  GLU GLU A . n 
A 1 76  ASN 76  74  74  ASN ASN A . n 
A 1 77  SER 77  75  75  SER SER A . n 
A 1 78  ILE 78  76  76  ILE ILE A . n 
A 1 79  GLU 79  77  77  GLU GLU A . n 
A 1 80  ILE 80  78  78  ILE ILE A . n 
A 1 81  LEU 81  79  79  LEU LEU A . n 
A 1 82  SER 82  80  80  SER SER A . n 
A 1 83  SER 83  81  81  SER SER A . n 
A 1 84  THR 84  82  82  THR THR A . n 
A 1 85  ILE 85  83  83  ILE ILE A . n 
A 1 86  LYS 86  84  84  LYS LYS A . n 
A 1 87  PRO 87  85  85  PRO PRO A . n 
A 1 88  TYR 88  86  86  TYR TYR A . n 
A 1 89  ASN 89  87  87  ASN ASN A . n 
A 1 90  ALA 90  88  88  ALA ALA A . n 
A 1 91  GLU 91  89  89  GLU GLU A . n 
A 1 92  ASP 92  90  90  ASP ASP A . n 
A 1 93  ASN 93  91  91  ASN ASN A . n 
A 1 94  GLU 94  92  92  GLU GLU A . n 
A 1 95  ASN 95  93  93  ASN ASN A . n 
A 1 96  PHE 96  94  94  PHE PHE A . n 
A 1 97  LYS 97  95  95  LYS LYS A . n 
A 1 98  THR 98  96  96  THR THR A . n 
A 1 99  ILE 99  97  97  ILE ILE A . n 
A 1 100 VAL 100 98  98  VAL VAL A . n 
A 1 101 GLU 101 99  99  GLU GLU A . n 
A 1 102 PHE 102 100 100 PHE PHE A . n 
A 1 103 GLU 103 101 101 GLU GLU A . n 
A 1 104 CYS 104 102 102 CYS CYS A . n 
A 1 105 ARG 105 103 103 ARG ARG A . n 
A 1 106 GLY 106 104 104 GLY GLY A . n 
A 1 107 LEU 107 105 105 LEU LEU A . n 
A 1 108 GLU 108 106 106 GLU GLU A . n 
A 1 109 PRO 109 107 107 PRO PRO A . n 
A 1 110 VAL 110 108 108 VAL VAL A . n 
A 1 111 ASP 111 109 109 ASP ASP A . n 
A 1 112 PHE 112 110 110 PHE PHE A . n 
A 1 113 GLN 113 111 111 GLN GLN A . n 
A 1 114 PRO 114 112 112 PRO PRO A . n 
A 1 115 GLN 115 113 113 GLN GLN A . n 
A 1 116 ALA 116 114 114 ALA ALA A . n 
A 1 117 GLY 117 115 115 GLY GLY A . n 
A 1 118 PHE 118 116 116 PHE PHE A . n 
A 1 119 ALA 119 117 117 ALA ALA A . n 
A 1 120 ALA 120 118 118 ALA ALA A . n 
A 1 121 GLU 121 119 119 GLU GLU A . n 
A 1 122 GLY 122 120 120 GLY GLY A . n 
A 1 123 VAL 123 121 121 VAL VAL A . n 
A 1 124 GLU 124 122 122 GLU GLU A . n 
A 1 125 SER 125 123 123 SER SER A . n 
A 1 126 GLY 126 124 124 GLY GLY A . n 
A 1 127 THR 127 125 125 THR THR A . n 
A 1 128 ALA 128 126 126 ALA ALA A . n 
A 1 129 PHE 129 127 127 PHE PHE A . n 
A 1 130 SER 130 128 128 SER SER A . n 
A 1 131 ASP 131 129 129 ASP ASP A . n 
A 1 132 ILE 132 130 130 ILE ILE A . n 
A 1 133 ASN 133 131 131 ASN ASN A . n 
A 1 134 LEU 134 132 132 LEU LEU A . n 
A 1 135 GLN 135 133 133 GLN GLN A . n 
A 1 136 GLU 136 134 134 GLU GLU A . n 
A 1 137 LYS 137 135 135 LYS LYS A . n 
A 1 138 ASP 138 136 136 ASP ASP A . n 
A 1 139 TRP 139 137 137 TRP TRP A . n 
A 1 140 THR 140 138 138 THR THR A . n 
A 1 141 ASP 141 139 139 ASP ASP A . n 
A 1 142 TYR 142 140 140 TYR TYR A . n 
A 1 143 ASP 143 141 141 ASP ASP A . n 
A 1 144 GLU 144 142 142 GLU GLU A . n 
A 1 145 LYS 145 143 143 LYS LYS A . n 
A 1 146 ALA 146 144 144 ALA ALA A . n 
A 1 147 GLN 147 145 145 GLN GLN A . n 
A 1 148 GLU 148 146 146 GLU GLU A . n 
A 1 149 SER 149 147 147 SER SER A . n 
A 1 150 VAL 150 148 148 VAL VAL A . n 
A 1 151 GLY 151 149 149 GLY GLY A . n 
A 1 152 ILE 152 150 150 ILE ILE A . n 
A 1 153 TYR 153 151 151 TYR TYR A . n 
A 1 154 GLU 154 152 152 GLU GLU A . n 
A 1 155 VAL 155 153 153 VAL VAL A . n 
A 1 156 THR 156 154 154 THR THR A . n 
A 1 157 HIS 157 155 155 HIS HIS A . n 
A 1 158 GLN 158 156 156 GLN GLN A . n 
A 1 159 PHE 159 157 157 PHE PHE A . n 
A 1 160 VAL 160 158 158 VAL VAL A . n 
A 1 161 LYS 161 159 159 LYS LYS A . n 
A 1 162 CYS 162 160 160 CYS CYS A . n 
# 
loop_
_pdbx_nonpoly_scheme.asym_id 
_pdbx_nonpoly_scheme.entity_id 
_pdbx_nonpoly_scheme.mon_id 
_pdbx_nonpoly_scheme.ndb_seq_num 
_pdbx_nonpoly_scheme.pdb_seq_num 
_pdbx_nonpoly_scheme.auth_seq_num 
_pdbx_nonpoly_scheme.pdb_mon_id 
_pdbx_nonpoly_scheme.auth_mon_id 
_pdbx_nonpoly_scheme.pdb_strand_id 
_pdbx_nonpoly_scheme.pdb_ins_code 
B 2 ZN  1   201 161 ZN  ZN  A . 
C 3 HOH 1   301 55  HOH HOH A . 
C 3 HOH 2   302 20  HOH HOH A . 
C 3 HOH 3   303 100 HOH HOH A . 
C 3 HOH 4   304 142 HOH HOH A . 
C 3 HOH 5   305 193 HOH HOH A . 
C 3 HOH 6   306 31  HOH HOH A . 
C 3 HOH 7   307 34  HOH HOH A . 
C 3 HOH 8   308 24  HOH HOH A . 
C 3 HOH 9   309 83  HOH HOH A . 
C 3 HOH 10  310 114 HOH HOH A . 
C 3 HOH 11  311 140 HOH HOH A . 
C 3 HOH 12  312 11  HOH HOH A . 
C 3 HOH 13  313 4   HOH HOH A . 
C 3 HOH 14  314 25  HOH HOH A . 
C 3 HOH 15  315 22  HOH HOH A . 
C 3 HOH 16  316 182 HOH HOH A . 
C 3 HOH 17  317 127 HOH HOH A . 
C 3 HOH 18  318 191 HOH HOH A . 
C 3 HOH 19  319 166 HOH HOH A . 
C 3 HOH 20  320 95  HOH HOH A . 
C 3 HOH 21  321 84  HOH HOH A . 
C 3 HOH 22  322 28  HOH HOH A . 
C 3 HOH 23  323 50  HOH HOH A . 
C 3 HOH 24  324 152 HOH HOH A . 
C 3 HOH 25  325 196 HOH HOH A . 
C 3 HOH 26  326 60  HOH HOH A . 
C 3 HOH 27  327 147 HOH HOH A . 
C 3 HOH 28  328 137 HOH HOH A . 
C 3 HOH 29  329 71  HOH HOH A . 
C 3 HOH 30  330 63  HOH HOH A . 
C 3 HOH 31  331 103 HOH HOH A . 
C 3 HOH 32  332 155 HOH HOH A . 
C 3 HOH 33  333 89  HOH HOH A . 
C 3 HOH 34  334 153 HOH HOH A . 
C 3 HOH 35  335 9   HOH HOH A . 
C 3 HOH 36  336 67  HOH HOH A . 
C 3 HOH 37  337 85  HOH HOH A . 
C 3 HOH 38  338 32  HOH HOH A . 
C 3 HOH 39  339 61  HOH HOH A . 
C 3 HOH 40  340 54  HOH HOH A . 
C 3 HOH 41  341 151 HOH HOH A . 
C 3 HOH 42  342 29  HOH HOH A . 
C 3 HOH 43  343 44  HOH HOH A . 
C 3 HOH 44  344 69  HOH HOH A . 
C 3 HOH 45  345 88  HOH HOH A . 
C 3 HOH 46  346 188 HOH HOH A . 
C 3 HOH 47  347 23  HOH HOH A . 
C 3 HOH 48  348 180 HOH HOH A . 
C 3 HOH 49  349 109 HOH HOH A . 
C 3 HOH 50  350 86  HOH HOH A . 
C 3 HOH 51  351 76  HOH HOH A . 
C 3 HOH 52  352 134 HOH HOH A . 
C 3 HOH 53  353 93  HOH HOH A . 
C 3 HOH 54  354 96  HOH HOH A . 
C 3 HOH 55  355 81  HOH HOH A . 
C 3 HOH 56  356 36  HOH HOH A . 
C 3 HOH 57  357 53  HOH HOH A . 
C 3 HOH 58  358 120 HOH HOH A . 
C 3 HOH 59  359 78  HOH HOH A . 
C 3 HOH 60  360 97  HOH HOH A . 
C 3 HOH 61  361 184 HOH HOH A . 
C 3 HOH 62  362 30  HOH HOH A . 
C 3 HOH 63  363 5   HOH HOH A . 
C 3 HOH 64  364 99  HOH HOH A . 
C 3 HOH 65  365 27  HOH HOH A . 
C 3 HOH 66  366 135 HOH HOH A . 
C 3 HOH 67  367 2   HOH HOH A . 
C 3 HOH 68  368 124 HOH HOH A . 
C 3 HOH 69  369 91  HOH HOH A . 
C 3 HOH 70  370 66  HOH HOH A . 
C 3 HOH 71  371 10  HOH HOH A . 
C 3 HOH 72  372 6   HOH HOH A . 
C 3 HOH 73  373 190 HOH HOH A . 
C 3 HOH 74  374 74  HOH HOH A . 
C 3 HOH 75  375 90  HOH HOH A . 
C 3 HOH 76  376 43  HOH HOH A . 
C 3 HOH 77  377 132 HOH HOH A . 
C 3 HOH 78  378 150 HOH HOH A . 
C 3 HOH 79  379 102 HOH HOH A . 
C 3 HOH 80  380 52  HOH HOH A . 
C 3 HOH 81  381 161 HOH HOH A . 
C 3 HOH 82  382 26  HOH HOH A . 
C 3 HOH 83  383 122 HOH HOH A . 
C 3 HOH 84  384 3   HOH HOH A . 
C 3 HOH 85  385 183 HOH HOH A . 
C 3 HOH 86  386 51  HOH HOH A . 
C 3 HOH 87  387 195 HOH HOH A . 
C 3 HOH 88  388 119 HOH HOH A . 
C 3 HOH 89  389 101 HOH HOH A . 
C 3 HOH 90  390 46  HOH HOH A . 
C 3 HOH 91  391 13  HOH HOH A . 
C 3 HOH 92  392 38  HOH HOH A . 
C 3 HOH 93  393 14  HOH HOH A . 
C 3 HOH 94  394 80  HOH HOH A . 
C 3 HOH 95  395 65  HOH HOH A . 
C 3 HOH 96  396 21  HOH HOH A . 
C 3 HOH 97  397 139 HOH HOH A . 
C 3 HOH 98  398 59  HOH HOH A . 
C 3 HOH 99  399 141 HOH HOH A . 
C 3 HOH 100 400 8   HOH HOH A . 
C 3 HOH 101 401 148 HOH HOH A . 
C 3 HOH 102 402 143 HOH HOH A . 
C 3 HOH 103 403 33  HOH HOH A . 
C 3 HOH 104 404 56  HOH HOH A . 
C 3 HOH 105 405 82  HOH HOH A . 
C 3 HOH 106 406 16  HOH HOH A . 
C 3 HOH 107 407 157 HOH HOH A . 
C 3 HOH 108 408 1   HOH HOH A . 
C 3 HOH 109 409 40  HOH HOH A . 
C 3 HOH 110 410 194 HOH HOH A . 
C 3 HOH 111 411 144 HOH HOH A . 
C 3 HOH 112 412 68  HOH HOH A . 
C 3 HOH 113 413 167 HOH HOH A . 
C 3 HOH 114 414 58  HOH HOH A . 
C 3 HOH 115 415 158 HOH HOH A . 
C 3 HOH 116 416 19  HOH HOH A . 
C 3 HOH 117 417 77  HOH HOH A . 
C 3 HOH 118 418 125 HOH HOH A . 
C 3 HOH 119 419 94  HOH HOH A . 
C 3 HOH 120 420 172 HOH HOH A . 
C 3 HOH 121 421 92  HOH HOH A . 
C 3 HOH 122 422 106 HOH HOH A . 
C 3 HOH 123 423 15  HOH HOH A . 
C 3 HOH 124 424 112 HOH HOH A . 
C 3 HOH 125 425 37  HOH HOH A . 
C 3 HOH 126 426 171 HOH HOH A . 
C 3 HOH 127 427 168 HOH HOH A . 
C 3 HOH 128 428 75  HOH HOH A . 
C 3 HOH 129 429 98  HOH HOH A . 
C 3 HOH 130 430 79  HOH HOH A . 
C 3 HOH 131 431 145 HOH HOH A . 
C 3 HOH 132 432 64  HOH HOH A . 
C 3 HOH 133 433 39  HOH HOH A . 
C 3 HOH 134 434 117 HOH HOH A . 
C 3 HOH 135 435 17  HOH HOH A . 
C 3 HOH 136 436 118 HOH HOH A . 
C 3 HOH 137 437 170 HOH HOH A . 
C 3 HOH 138 438 179 HOH HOH A . 
C 3 HOH 139 439 35  HOH HOH A . 
C 3 HOH 140 440 130 HOH HOH A . 
C 3 HOH 141 441 138 HOH HOH A . 
C 3 HOH 142 442 163 HOH HOH A . 
C 3 HOH 143 443 159 HOH HOH A . 
C 3 HOH 144 444 110 HOH HOH A . 
C 3 HOH 145 445 165 HOH HOH A . 
C 3 HOH 146 446 146 HOH HOH A . 
C 3 HOH 147 447 189 HOH HOH A . 
C 3 HOH 148 448 197 HOH HOH A . 
C 3 HOH 149 449 70  HOH HOH A . 
C 3 HOH 150 450 173 HOH HOH A . 
C 3 HOH 151 451 131 HOH HOH A . 
C 3 HOH 152 452 187 HOH HOH A . 
C 3 HOH 153 453 181 HOH HOH A . 
C 3 HOH 154 454 169 HOH HOH A . 
C 3 HOH 155 455 45  HOH HOH A . 
C 3 HOH 156 456 154 HOH HOH A . 
C 3 HOH 157 457 121 HOH HOH A . 
C 3 HOH 158 458 47  HOH HOH A . 
C 3 HOH 159 459 104 HOH HOH A . 
C 3 HOH 160 460 49  HOH HOH A . 
C 3 HOH 161 461 136 HOH HOH A . 
C 3 HOH 162 462 48  HOH HOH A . 
C 3 HOH 163 463 176 HOH HOH A . 
C 3 HOH 164 464 133 HOH HOH A . 
C 3 HOH 165 465 57  HOH HOH A . 
C 3 HOH 166 466 162 HOH HOH A . 
C 3 HOH 167 467 178 HOH HOH A . 
C 3 HOH 168 468 174 HOH HOH A . 
C 3 HOH 169 469 62  HOH HOH A . 
C 3 HOH 170 470 156 HOH HOH A . 
C 3 HOH 171 471 113 HOH HOH A . 
C 3 HOH 172 472 160 HOH HOH A . 
C 3 HOH 173 473 186 HOH HOH A . 
C 3 HOH 174 474 129 HOH HOH A . 
C 3 HOH 175 475 128 HOH HOH A . 
# 
loop_
_software.citation_id 
_software.classification 
_software.compiler_name 
_software.compiler_version 
_software.contact_author 
_software.contact_author_email 
_software.date 
_software.description 
_software.dependencies 
_software.hardware 
_software.language 
_software.location 
_software.mods 
_software.name 
_software.os 
_software.os_version 
_software.type 
_software.version 
_software.pdbx_ordinal 
? 'data scaling'    ? ? ? ? ? ? ? ? ? ? ? HKL-2000    ? ? ? .        1 
? refinement        ? ? ? ? ? ? ? ? ? ? ? REFMAC      ? ? ? 5.8.0189 2 
? 'data extraction' ? ? ? ? ? ? ? ? ? ? ? PDB_EXTRACT ? ? ? 3.24     3 
? 'data reduction'  ? ? ? ? ? ? ? ? ? ? ? HKL-2000    ? ? ? .        4 
? phasing           ? ? ? ? ? ? ? ? ? ? ? AutoSol     ? ? ? .        5 
# 
_cell.angle_alpha                  90.000 
_cell.angle_alpha_esd              ? 
_cell.angle_beta                   90.000 
_cell.angle_beta_esd               ? 
_cell.angle_gamma                  90.000 
_cell.angle_gamma_esd              ? 
_cell.entry_id                     5ZLQ 
_cell.details                      ? 
_cell.formula_units_Z              ? 
_cell.length_a                     118.131 
_cell.length_a_esd                 ? 
_cell.length_b                     118.131 
_cell.length_b_esd                 ? 
_cell.length_c                     118.131 
_cell.length_c_esd                 ? 
_cell.volume                       ? 
_cell.volume_esd                   ? 
_cell.Z_PDB                        24 
_cell.reciprocal_angle_alpha       ? 
_cell.reciprocal_angle_beta        ? 
_cell.reciprocal_angle_gamma       ? 
_cell.reciprocal_angle_alpha_esd   ? 
_cell.reciprocal_angle_beta_esd    ? 
_cell.reciprocal_angle_gamma_esd   ? 
_cell.reciprocal_length_a          ? 
_cell.reciprocal_length_b          ? 
_cell.reciprocal_length_c          ? 
_cell.reciprocal_length_a_esd      ? 
_cell.reciprocal_length_b_esd      ? 
_cell.reciprocal_length_c_esd      ? 
_cell.pdbx_unique_axis             ? 
# 
_symmetry.entry_id                         5ZLQ 
_symmetry.cell_setting                     ? 
_symmetry.Int_Tables_number                197 
_symmetry.space_group_name_Hall            ? 
_symmetry.space_group_name_H-M             'I 2 3' 
_symmetry.pdbx_full_space_group_name_H-M   ? 
# 
_exptl.absorpt_coefficient_mu     ? 
_exptl.absorpt_correction_T_max   ? 
_exptl.absorpt_correction_T_min   ? 
_exptl.absorpt_correction_type    ? 
_exptl.absorpt_process_details    ? 
_exptl.entry_id                   5ZLQ 
_exptl.crystals_number            1 
_exptl.details                    ? 
_exptl.method                     'X-RAY DIFFRACTION' 
_exptl.method_details             ? 
# 
_exptl_crystal.colour                      ? 
_exptl_crystal.density_diffrn              ? 
_exptl_crystal.density_Matthews            3.83 
_exptl_crystal.density_method              ? 
_exptl_crystal.density_percent_sol         67.88 
_exptl_crystal.description                 Cubic 
_exptl_crystal.F_000                       ? 
_exptl_crystal.id                          1 
_exptl_crystal.preparation                 ? 
_exptl_crystal.size_max                    ? 
_exptl_crystal.size_mid                    ? 
_exptl_crystal.size_min                    ? 
_exptl_crystal.size_rad                    ? 
_exptl_crystal.colour_lustre               ? 
_exptl_crystal.colour_modifier             ? 
_exptl_crystal.colour_primary              ? 
_exptl_crystal.density_meas                ? 
_exptl_crystal.density_meas_esd            ? 
_exptl_crystal.density_meas_gt             ? 
_exptl_crystal.density_meas_lt             ? 
_exptl_crystal.density_meas_temp           ? 
_exptl_crystal.density_meas_temp_esd       ? 
_exptl_crystal.density_meas_temp_gt        ? 
_exptl_crystal.density_meas_temp_lt        ? 
_exptl_crystal.pdbx_crystal_image_url      ? 
_exptl_crystal.pdbx_crystal_image_format   ? 
_exptl_crystal.pdbx_mosaicity              ? 
_exptl_crystal.pdbx_mosaicity_esd          ? 
# 
_exptl_crystal_grow.apparatus       ? 
_exptl_crystal_grow.atmosphere      ? 
_exptl_crystal_grow.crystal_id      1 
_exptl_crystal_grow.details         ? 
_exptl_crystal_grow.method          'VAPOR DIFFUSION, SITTING DROP' 
_exptl_crystal_grow.method_ref      ? 
_exptl_crystal_grow.pH              4.5 
_exptl_crystal_grow.pressure        ? 
_exptl_crystal_grow.pressure_esd    ? 
_exptl_crystal_grow.seeding         ? 
_exptl_crystal_grow.seeding_ref     ? 
_exptl_crystal_grow.temp            293 
_exptl_crystal_grow.temp_details    ? 
_exptl_crystal_grow.temp_esd        ? 
_exptl_crystal_grow.time            ? 
_exptl_crystal_grow.pdbx_details    'Ammonium sulfate, Sodium acetate' 
_exptl_crystal_grow.pdbx_pH_range   ? 
# 
_diffrn.ambient_environment    ? 
_diffrn.ambient_temp           100 
_diffrn.ambient_temp_details   ? 
_diffrn.ambient_temp_esd       ? 
_diffrn.crystal_id             1 
_diffrn.crystal_support        ? 
_diffrn.crystal_treatment      ? 
_diffrn.details                ? 
_diffrn.id                     1 
_diffrn.ambient_pressure       ? 
_diffrn.ambient_pressure_esd   ? 
_diffrn.ambient_pressure_gt    ? 
_diffrn.ambient_pressure_lt    ? 
_diffrn.ambient_temp_gt        ? 
_diffrn.ambient_temp_lt        ? 
# 
_diffrn_detector.details                      MX225HE 
_diffrn_detector.detector                     CCD 
_diffrn_detector.diffrn_id                    1 
_diffrn_detector.type                         'RAYONIX MX225HE' 
_diffrn_detector.area_resol_mean              ? 
_diffrn_detector.dtime                        ? 
_diffrn_detector.pdbx_frames_total            ? 
_diffrn_detector.pdbx_collection_time_total   ? 
_diffrn_detector.pdbx_collection_date         2015-07-01 
# 
_diffrn_radiation.collimation                      ? 
_diffrn_radiation.diffrn_id                        1 
_diffrn_radiation.filter_edge                      ? 
_diffrn_radiation.inhomogeneity                    ? 
_diffrn_radiation.monochromator                    Si 
_diffrn_radiation.polarisn_norm                    ? 
_diffrn_radiation.polarisn_ratio                   ? 
_diffrn_radiation.probe                            ? 
_diffrn_radiation.type                             ? 
_diffrn_radiation.xray_symbol                      ? 
_diffrn_radiation.wavelength_id                    1 
_diffrn_radiation.pdbx_monochromatic_or_laue_m_l   M 
_diffrn_radiation.pdbx_wavelength_list             ? 
_diffrn_radiation.pdbx_wavelength                  ? 
_diffrn_radiation.pdbx_diffrn_protocol             'SINGLE WAVELENGTH' 
_diffrn_radiation.pdbx_analyzer                    ? 
_diffrn_radiation.pdbx_scattering_type             x-ray 
# 
_diffrn_radiation_wavelength.id           1 
_diffrn_radiation_wavelength.wavelength   1.0 
_diffrn_radiation_wavelength.wt           1.0 
# 
_diffrn_source.current                     ? 
_diffrn_source.details                     ? 
_diffrn_source.diffrn_id                   1 
_diffrn_source.power                       ? 
_diffrn_source.size                        ? 
_diffrn_source.source                      SYNCHROTRON 
_diffrn_source.target                      ? 
_diffrn_source.type                        'SPRING-8 BEAMLINE BL26B2' 
_diffrn_source.voltage                     ? 
_diffrn_source.take-off_angle              ? 
_diffrn_source.pdbx_wavelength_list        1.0 
_diffrn_source.pdbx_wavelength             ? 
_diffrn_source.pdbx_synchrotron_beamline   BL26B2 
_diffrn_source.pdbx_synchrotron_site       SPring-8 
# 
_reflns.B_iso_Wilson_estimate            ? 
_reflns.entry_id                         5ZLQ 
_reflns.data_reduction_details           ? 
_reflns.data_reduction_method            ? 
_reflns.d_resolution_high                2.000 
_reflns.d_resolution_low                 50.000 
_reflns.details                          ? 
_reflns.limit_h_max                      ? 
_reflns.limit_h_min                      ? 
_reflns.limit_k_max                      ? 
_reflns.limit_k_min                      ? 
_reflns.limit_l_max                      ? 
_reflns.limit_l_min                      ? 
_reflns.number_all                       ? 
_reflns.number_obs                       18717 
_reflns.observed_criterion               ? 
_reflns.observed_criterion_F_max         ? 
_reflns.observed_criterion_F_min         ? 
_reflns.observed_criterion_I_max         ? 
_reflns.observed_criterion_I_min         ? 
_reflns.observed_criterion_sigma_F       ? 
_reflns.observed_criterion_sigma_I       ? 
_reflns.percent_possible_obs             99.900 
_reflns.R_free_details                   ? 
_reflns.Rmerge_F_all                     ? 
_reflns.Rmerge_F_obs                     ? 
_reflns.Friedel_coverage                 ? 
_reflns.number_gt                        ? 
_reflns.threshold_expression             ? 
_reflns.pdbx_redundancy                  44.200 
_reflns.pdbx_Rmerge_I_obs                0.067 
_reflns.pdbx_Rmerge_I_all                ? 
_reflns.pdbx_Rsym_value                  ? 
_reflns.pdbx_netI_over_av_sigmaI         ? 
_reflns.pdbx_netI_over_sigmaI            13.000 
_reflns.pdbx_res_netI_over_av_sigmaI_2   ? 
_reflns.pdbx_res_netI_over_sigmaI_2      ? 
_reflns.pdbx_chi_squared                 1.146 
_reflns.pdbx_scaling_rejects             ? 
_reflns.pdbx_d_res_high_opt              ? 
_reflns.pdbx_d_res_low_opt               ? 
_reflns.pdbx_d_res_opt_method            ? 
_reflns.phase_calculation_details        ? 
_reflns.pdbx_Rrim_I_all                  0.067 
_reflns.pdbx_Rpim_I_all                  0.010 
_reflns.pdbx_d_opt                       ? 
_reflns.pdbx_number_measured_all         ? 
_reflns.pdbx_diffrn_id                   1 
_reflns.pdbx_ordinal                     1 
_reflns.pdbx_CC_half                     ? 
_reflns.pdbx_R_split                     ? 
# 
loop_
_reflns_shell.d_res_high 
_reflns_shell.d_res_low 
_reflns_shell.meanI_over_sigI_all 
_reflns_shell.meanI_over_sigI_obs 
_reflns_shell.number_measured_all 
_reflns_shell.number_measured_obs 
_reflns_shell.number_possible 
_reflns_shell.number_unique_all 
_reflns_shell.number_unique_obs 
_reflns_shell.percent_possible_all 
_reflns_shell.percent_possible_obs 
_reflns_shell.Rmerge_F_all 
_reflns_shell.Rmerge_F_obs 
_reflns_shell.Rmerge_I_all 
_reflns_shell.Rmerge_I_obs 
_reflns_shell.meanI_over_sigI_gt 
_reflns_shell.meanI_over_uI_all 
_reflns_shell.meanI_over_uI_gt 
_reflns_shell.number_measured_gt 
_reflns_shell.number_unique_gt 
_reflns_shell.percent_possible_gt 
_reflns_shell.Rmerge_F_gt 
_reflns_shell.Rmerge_I_gt 
_reflns_shell.pdbx_redundancy 
_reflns_shell.pdbx_Rsym_value 
_reflns_shell.pdbx_chi_squared 
_reflns_shell.pdbx_netI_over_sigmaI_all 
_reflns_shell.pdbx_netI_over_sigmaI_obs 
_reflns_shell.pdbx_Rrim_I_all 
_reflns_shell.pdbx_Rpim_I_all 
_reflns_shell.pdbx_rejects 
_reflns_shell.pdbx_ordinal 
_reflns_shell.pdbx_diffrn_id 
_reflns_shell.pdbx_CC_half 
_reflns_shell.pdbx_R_split 
2.000 2.030  ? ? ? ? ? ? 915 100.000 ? ? ? ? 0.727 ? ? ? ? ? ? ? ? 42.100 ? 0.847 ? ? 0.735 0.113 ? 1  1 0.975 ? 
2.030 2.070  ? ? ? ? ? ? 909 100.000 ? ? ? ? 0.640 ? ? ? ? ? ? ? ? 42.700 ? 0.862 ? ? 0.648 0.099 ? 2  1 0.982 ? 
2.070 2.110  ? ? ? ? ? ? 947 100.000 ? ? ? ? 0.498 ? ? ? ? ? ? ? ? 42.900 ? 0.864 ? ? 0.504 0.077 ? 3  1 0.988 ? 
2.110 2.150  ? ? ? ? ? ? 932 100.000 ? ? ? ? 0.430 ? ? ? ? ? ? ? ? 43.200 ? 0.873 ? ? 0.435 0.066 ? 4  1 0.992 ? 
2.150 2.200  ? ? ? ? ? ? 938 100.000 ? ? ? ? 0.345 ? ? ? ? ? ? ? ? 43.800 ? 0.885 ? ? 0.349 0.053 ? 5  1 0.994 ? 
2.200 2.250  ? ? ? ? ? ? 905 100.000 ? ? ? ? 0.269 ? ? ? ? ? ? ? ? 44.300 ? 0.926 ? ? 0.272 0.041 ? 6  1 0.996 ? 
2.250 2.310  ? ? ? ? ? ? 935 100.000 ? ? ? ? 0.278 ? ? ? ? ? ? ? ? 44.500 ? 0.933 ? ? 0.281 0.042 ? 7  1 0.997 ? 
2.310 2.370  ? ? ? ? ? ? 912 100.000 ? ? ? ? 0.242 ? ? ? ? ? ? ? ? 44.800 ? 0.907 ? ? 0.245 0.037 ? 8  1 0.997 ? 
2.370 2.440  ? ? ? ? ? ? 942 100.000 ? ? ? ? 0.185 ? ? ? ? ? ? ? ? 45.100 ? 0.921 ? ? 0.188 0.028 ? 9  1 0.998 ? 
2.440 2.520  ? ? ? ? ? ? 931 100.000 ? ? ? ? 0.163 ? ? ? ? ? ? ? ? 45.000 ? 0.940 ? ? 0.164 0.024 ? 10 1 0.999 ? 
2.520 2.610  ? ? ? ? ? ? 950 100.000 ? ? ? ? 0.141 ? ? ? ? ? ? ? ? 45.300 ? 1.021 ? ? 0.142 0.021 ? 11 1 0.999 ? 
2.610 2.710  ? ? ? ? ? ? 923 100.000 ? ? ? ? 0.122 ? ? ? ? ? ? ? ? 45.100 ? 1.209 ? ? 0.124 0.018 ? 12 1 0.999 ? 
2.710 2.840  ? ? ? ? ? ? 929 100.000 ? ? ? ? 0.117 ? ? ? ? ? ? ? ? 45.500 ? 1.507 ? ? 0.118 0.017 ? 13 1 0.999 ? 
2.840 2.990  ? ? ? ? ? ? 932 100.000 ? ? ? ? 0.106 ? ? ? ? ? ? ? ? 45.000 ? 1.881 ? ? 0.108 0.016 ? 14 1 0.999 ? 
2.990 3.170  ? ? ? ? ? ? 938 100.000 ? ? ? ? 0.099 ? ? ? ? ? ? ? ? 45.200 ? 2.103 ? ? 0.100 0.015 ? 15 1 0.999 ? 
3.170 3.420  ? ? ? ? ? ? 944 100.000 ? ? ? ? 0.082 ? ? ? ? ? ? ? ? 45.000 ? 2.059 ? ? 0.083 0.012 ? 16 1 0.999 ? 
3.420 3.760  ? ? ? ? ? ? 937 100.000 ? ? ? ? 0.061 ? ? ? ? ? ? ? ? 45.000 ? 1.624 ? ? 0.062 0.009 ? 17 1 1.000 ? 
3.760 4.310  ? ? ? ? ? ? 961 100.000 ? ? ? ? 0.044 ? ? ? ? ? ? ? ? 44.500 ? 1.126 ? ? 0.045 0.007 ? 18 1 1.000 ? 
4.310 5.430  ? ? ? ? ? ? 950 100.000 ? ? ? ? 0.036 ? ? ? ? ? ? ? ? 44.500 ? 0.838 ? ? 0.036 0.005 ? 19 1 1.000 ? 
5.430 50.000 ? ? ? ? ? ? 987 98.200  ? ? ? ? 0.026 ? ? ? ? ? ? ? ? 41.600 ? 0.470 ? ? 0.027 0.004 ? 20 1 1.000 ? 
# 
_refine.aniso_B[1][1]                            0.0000 
_refine.aniso_B[1][2]                            0.0000 
_refine.aniso_B[1][3]                            0.0000 
_refine.aniso_B[2][2]                            0.0000 
_refine.aniso_B[2][3]                            0.0000 
_refine.aniso_B[3][3]                            0.0000 
_refine.B_iso_max                                98.670 
_refine.B_iso_mean                               27.0860 
_refine.B_iso_min                                4.970 
_refine.correlation_coeff_Fo_to_Fc               0.9530 
_refine.correlation_coeff_Fo_to_Fc_free          0.9120 
_refine.details                                  
'HYDROGENS HAVE BEEN ADDED IN THE RIDING POSITIONS U VALUES      : REFINED INDIVIDUALLY' 
_refine.diff_density_max                         ? 
_refine.diff_density_max_esd                     ? 
_refine.diff_density_min                         ? 
_refine.diff_density_min_esd                     ? 
_refine.diff_density_rms                         ? 
_refine.diff_density_rms_esd                     ? 
_refine.entry_id                                 5ZLQ 
_refine.pdbx_refine_id                           'X-RAY DIFFRACTION' 
_refine.ls_abs_structure_details                 ? 
_refine.ls_abs_structure_Flack                   ? 
_refine.ls_abs_structure_Flack_esd               ? 
_refine.ls_abs_structure_Rogers                  ? 
_refine.ls_abs_structure_Rogers_esd              ? 
_refine.ls_d_res_high                            2.0000 
_refine.ls_d_res_low                             19.6900 
_refine.ls_extinction_coef                       ? 
_refine.ls_extinction_coef_esd                   ? 
_refine.ls_extinction_expression                 ? 
_refine.ls_extinction_method                     ? 
_refine.ls_goodness_of_fit_all                   ? 
_refine.ls_goodness_of_fit_all_esd               ? 
_refine.ls_goodness_of_fit_obs                   ? 
_refine.ls_goodness_of_fit_obs_esd               ? 
_refine.ls_hydrogen_treatment                    ? 
_refine.ls_matrix_type                           ? 
_refine.ls_number_constraints                    ? 
_refine.ls_number_parameters                     ? 
_refine.ls_number_reflns_all                     ? 
_refine.ls_number_reflns_obs                     16601 
_refine.ls_number_reflns_R_free                  898 
_refine.ls_number_reflns_R_work                  ? 
_refine.ls_number_restraints                     ? 
_refine.ls_percent_reflns_obs                    93.5900 
_refine.ls_percent_reflns_R_free                 5.1000 
_refine.ls_R_factor_all                          ? 
_refine.ls_R_factor_obs                          0.1831 
_refine.ls_R_factor_R_free                       0.2330 
_refine.ls_R_factor_R_free_error                 ? 
_refine.ls_R_factor_R_free_error_details         ? 
_refine.ls_R_factor_R_work                       0.1803 
_refine.ls_R_Fsqd_factor_obs                     ? 
_refine.ls_R_I_factor_obs                        ? 
_refine.ls_redundancy_reflns_all                 ? 
_refine.ls_redundancy_reflns_obs                 ? 
_refine.ls_restrained_S_all                      ? 
_refine.ls_restrained_S_obs                      ? 
_refine.ls_shift_over_esd_max                    ? 
_refine.ls_shift_over_esd_mean                   ? 
_refine.ls_structure_factor_coef                 ? 
_refine.ls_weighting_details                     ? 
_refine.ls_weighting_scheme                      ? 
_refine.ls_wR_factor_all                         ? 
_refine.ls_wR_factor_obs                         ? 
_refine.ls_wR_factor_R_free                      ? 
_refine.ls_wR_factor_R_work                      ? 
_refine.occupancy_max                            ? 
_refine.occupancy_min                            ? 
_refine.solvent_model_details                    ? 
_refine.solvent_model_param_bsol                 ? 
_refine.solvent_model_param_ksol                 ? 
_refine.ls_R_factor_gt                           ? 
_refine.ls_goodness_of_fit_gt                    ? 
_refine.ls_goodness_of_fit_ref                   ? 
_refine.ls_shift_over_su_max                     ? 
_refine.ls_shift_over_su_max_lt                  ? 
_refine.ls_shift_over_su_mean                    ? 
_refine.ls_shift_over_su_mean_lt                 ? 
_refine.pdbx_ls_sigma_I                          ? 
_refine.pdbx_ls_sigma_F                          0.000 
_refine.pdbx_ls_sigma_Fsqd                       ? 
_refine.pdbx_data_cutoff_high_absF               ? 
_refine.pdbx_data_cutoff_high_rms_absF           ? 
_refine.pdbx_data_cutoff_low_absF                ? 
_refine.pdbx_isotropic_thermal_model             ? 
_refine.pdbx_ls_cross_valid_method               THROUGHOUT 
_refine.pdbx_method_to_determine_struct          SAD 
_refine.pdbx_starting_model                      ? 
_refine.pdbx_stereochemistry_target_values       ? 
_refine.pdbx_R_Free_selection_details            RANDOM 
_refine.pdbx_stereochem_target_val_spec_case     ? 
_refine.pdbx_overall_ESU_R                       0.1360 
_refine.pdbx_overall_ESU_R_Free                  0.1420 
_refine.pdbx_solvent_vdw_probe_radii             1.2000 
_refine.pdbx_solvent_ion_probe_radii             0.8000 
_refine.pdbx_solvent_shrinkage_radii             0.8000 
_refine.pdbx_real_space_R                        ? 
_refine.pdbx_density_correlation                 ? 
_refine.pdbx_pd_number_of_powder_patterns        ? 
_refine.pdbx_pd_number_of_points                 ? 
_refine.pdbx_pd_meas_number_of_points            ? 
_refine.pdbx_pd_proc_ls_prof_R_factor            ? 
_refine.pdbx_pd_proc_ls_prof_wR_factor           ? 
_refine.pdbx_pd_Marquardt_correlation_coeff      ? 
_refine.pdbx_pd_Fsqrd_R_factor                   ? 
_refine.pdbx_pd_ls_matrix_band_width             ? 
_refine.pdbx_overall_phase_error                 ? 
_refine.pdbx_overall_SU_R_free_Cruickshank_DPI   ? 
_refine.pdbx_overall_SU_R_free_Blow_DPI          ? 
_refine.pdbx_overall_SU_R_Blow_DPI               ? 
_refine.pdbx_TLS_residual_ADP_flag               ? 
_refine.pdbx_diffrn_id                           1 
_refine.overall_SU_B                             3.2840 
_refine.overall_SU_ML                            0.0920 
_refine.overall_SU_R_Cruickshank_DPI             0.1361 
_refine.overall_SU_R_free                        ? 
_refine.overall_FOM_free_R_set                   ? 
_refine.overall_FOM_work_R_set                   ? 
_refine.pdbx_average_fsc_overall                 ? 
_refine.pdbx_average_fsc_work                    ? 
_refine.pdbx_average_fsc_free                    ? 
# 
_refine_hist.cycle_id                         final 
_refine_hist.pdbx_refine_id                   'X-RAY DIFFRACTION' 
_refine_hist.d_res_high                       2.0000 
_refine_hist.d_res_low                        19.6900 
_refine_hist.pdbx_number_atoms_ligand         1 
_refine_hist.number_atoms_solvent             175 
_refine_hist.number_atoms_total               1432 
_refine_hist.pdbx_number_residues_total       159 
_refine_hist.pdbx_B_iso_mean_ligand           22.52 
_refine_hist.pdbx_B_iso_mean_solvent          33.53 
_refine_hist.pdbx_number_atoms_protein        1256 
_refine_hist.pdbx_number_atoms_nucleic_acid   0 
# 
loop_
_refine_ls_restr.pdbx_refine_id 
_refine_ls_restr.criterion 
_refine_ls_restr.dev_ideal 
_refine_ls_restr.dev_ideal_target 
_refine_ls_restr.number 
_refine_ls_restr.rejects 
_refine_ls_restr.type 
_refine_ls_restr.weight 
_refine_ls_restr.pdbx_restraint_function 
'X-RAY DIFFRACTION' ? 0.020  0.019  1278 ? r_bond_refined_d       ? ? 
'X-RAY DIFFRACTION' ? 0.003  0.020  1168 ? r_bond_other_d         ? ? 
'X-RAY DIFFRACTION' ? 1.937  1.954  1721 ? r_angle_refined_deg    ? ? 
'X-RAY DIFFRACTION' ? 1.033  3.003  2722 ? r_angle_other_deg      ? ? 
'X-RAY DIFFRACTION' ? 7.348  5.000  158  ? r_dihedral_angle_1_deg ? ? 
'X-RAY DIFFRACTION' ? 34.300 25.556 63   ? r_dihedral_angle_2_deg ? ? 
'X-RAY DIFFRACTION' ? 14.635 15.000 234  ? r_dihedral_angle_3_deg ? ? 
'X-RAY DIFFRACTION' ? 14.276 15.000 6    ? r_dihedral_angle_4_deg ? ? 
'X-RAY DIFFRACTION' ? 0.127  0.200  184  ? r_chiral_restr         ? ? 
'X-RAY DIFFRACTION' ? 0.010  0.020  1433 ? r_gen_planes_refined   ? ? 
'X-RAY DIFFRACTION' ? 0.001  0.020  253  ? r_gen_planes_other     ? ? 
# 
_refine_ls_shell.pdbx_refine_id                   'X-RAY DIFFRACTION' 
_refine_ls_shell.d_res_high                       1.9990 
_refine_ls_shell.d_res_low                        2.0500 
_refine_ls_shell.number_reflns_all                1182 
_refine_ls_shell.number_reflns_obs                ? 
_refine_ls_shell.number_reflns_R_free             63 
_refine_ls_shell.number_reflns_R_work             1119 
_refine_ls_shell.percent_reflns_obs               89.0100 
_refine_ls_shell.percent_reflns_R_free            ? 
_refine_ls_shell.R_factor_all                     ? 
_refine_ls_shell.R_factor_obs                     ? 
_refine_ls_shell.R_factor_R_free                  0.2840 
_refine_ls_shell.R_factor_R_free_error            0.0000 
_refine_ls_shell.R_factor_R_work                  0.2210 
_refine_ls_shell.redundancy_reflns_all            ? 
_refine_ls_shell.redundancy_reflns_obs            ? 
_refine_ls_shell.wR_factor_all                    ? 
_refine_ls_shell.wR_factor_obs                    ? 
_refine_ls_shell.wR_factor_R_free                 ? 
_refine_ls_shell.wR_factor_R_work                 ? 
_refine_ls_shell.pdbx_total_number_of_bins_used   20 
_refine_ls_shell.pdbx_phase_error                 ? 
_refine_ls_shell.pdbx_fsc_work                    ? 
_refine_ls_shell.pdbx_fsc_free                    ? 
# 
_struct.entry_id                     5ZLQ 
_struct.title                        'Crystal Structure of C1orf123' 
_struct.pdbx_model_details           ? 
_struct.pdbx_formula_weight          ? 
_struct.pdbx_formula_weight_method   ? 
_struct.pdbx_model_type_details      ? 
_struct.pdbx_CASP_flag               N 
# 
_struct_keywords.entry_id        5ZLQ 
_struct_keywords.text            'Zn-containing, Cys-X-X-Cys motif, METAL BINDING PROTEIN' 
_struct_keywords.pdbx_keywords   'METAL BINDING PROTEIN' 
# 
loop_
_struct_asym.id 
_struct_asym.pdbx_blank_PDB_chainid_flag 
_struct_asym.pdbx_modified 
_struct_asym.entity_id 
_struct_asym.details 
A N N 1 ? 
B N N 2 ? 
C N N 3 ? 
# 
_struct_ref.id                         1 
_struct_ref.db_name                    UNP 
_struct_ref.db_code                    CA123_HUMAN 
_struct_ref.pdbx_db_accession          Q9NWV4 
_struct_ref.pdbx_db_isoform            ? 
_struct_ref.entity_id                  1 
_struct_ref.pdbx_seq_one_letter_code   
;MGKIALQLKATLENITNLRPVGEDFRWYLKMKCGNCGEISDKWQYIRLMDSVALKGGRGSASMVQKCKLCARENSIEILS
STIKPYNAEDNENFKTIVEFECRGLEPVDFQPQAGFAAEGVESGTAFSDINLQEKDWTDYDEKAQESVGIYEVTHQFVKC

;
_struct_ref.pdbx_align_begin           1 
# 
_struct_ref_seq.align_id                      1 
_struct_ref_seq.ref_id                        1 
_struct_ref_seq.pdbx_PDB_id_code              5ZLQ 
_struct_ref_seq.pdbx_strand_id                A 
_struct_ref_seq.seq_align_beg                 3 
_struct_ref_seq.pdbx_seq_align_beg_ins_code   ? 
_struct_ref_seq.seq_align_end                 162 
_struct_ref_seq.pdbx_seq_align_end_ins_code   ? 
_struct_ref_seq.pdbx_db_accession             Q9NWV4 
_struct_ref_seq.db_align_beg                  1 
_struct_ref_seq.pdbx_db_align_beg_ins_code    ? 
_struct_ref_seq.db_align_end                  160 
_struct_ref_seq.pdbx_db_align_end_ins_code    ? 
_struct_ref_seq.pdbx_auth_seq_align_beg       1 
_struct_ref_seq.pdbx_auth_seq_align_end       160 
# 
loop_
_struct_ref_seq_dif.align_id 
_struct_ref_seq_dif.pdbx_pdb_id_code 
_struct_ref_seq_dif.mon_id 
_struct_ref_seq_dif.pdbx_pdb_strand_id 
_struct_ref_seq_dif.seq_num 
_struct_ref_seq_dif.pdbx_pdb_ins_code 
_struct_ref_seq_dif.pdbx_seq_db_name 
_struct_ref_seq_dif.pdbx_seq_db_accession_code 
_struct_ref_seq_dif.db_mon_id 
_struct_ref_seq_dif.pdbx_seq_db_seq_num 
_struct_ref_seq_dif.details 
_struct_ref_seq_dif.pdbx_auth_seq_num 
_struct_ref_seq_dif.pdbx_ordinal 
1 5ZLQ GLY A 1 ? UNP Q9NWV4 ? ? 'expression tag' -1 1 
1 5ZLQ PRO A 2 ? UNP Q9NWV4 ? ? 'expression tag' 0  2 
# 
_pdbx_struct_assembly.id                   1 
_pdbx_struct_assembly.details              author_defined_assembly 
_pdbx_struct_assembly.method_details       ? 
_pdbx_struct_assembly.oligomeric_details   monomeric 
_pdbx_struct_assembly.oligomeric_count     1 
# 
loop_
_pdbx_struct_assembly_prop.biol_id 
_pdbx_struct_assembly_prop.type 
_pdbx_struct_assembly_prop.value 
_pdbx_struct_assembly_prop.details 
1 'ABSA (A^2)' 0    ? 
1 MORE         0    ? 
1 'SSA (A^2)'  8290 ? 
# 
_pdbx_struct_assembly_gen.assembly_id       1 
_pdbx_struct_assembly_gen.oper_expression   1 
_pdbx_struct_assembly_gen.asym_id_list      A,B,C 
# 
_pdbx_struct_assembly_auth_evidence.id                     1 
_pdbx_struct_assembly_auth_evidence.assembly_id            1 
_pdbx_struct_assembly_auth_evidence.experimental_support   'gel filtration' 
_pdbx_struct_assembly_auth_evidence.details                ? 
# 
_pdbx_struct_oper_list.id                   1 
_pdbx_struct_oper_list.type                 'identity operation' 
_pdbx_struct_oper_list.name                 1_555 
_pdbx_struct_oper_list.symmetry_operation   x,y,z 
_pdbx_struct_oper_list.matrix[1][1]         1.0000000000 
_pdbx_struct_oper_list.matrix[1][2]         0.0000000000 
_pdbx_struct_oper_list.matrix[1][3]         0.0000000000 
_pdbx_struct_oper_list.vector[1]            0.0000000000 
_pdbx_struct_oper_list.matrix[2][1]         0.0000000000 
_pdbx_struct_oper_list.matrix[2][2]         1.0000000000 
_pdbx_struct_oper_list.matrix[2][3]         0.0000000000 
_pdbx_struct_oper_list.vector[2]            0.0000000000 
_pdbx_struct_oper_list.matrix[3][1]         0.0000000000 
_pdbx_struct_oper_list.matrix[3][2]         0.0000000000 
_pdbx_struct_oper_list.matrix[3][3]         1.0000000000 
_pdbx_struct_oper_list.vector[3]            0.0000000000 
# 
loop_
_struct_conf.conf_type_id 
_struct_conf.id 
_struct_conf.pdbx_PDB_helix_id 
_struct_conf.beg_label_comp_id 
_struct_conf.beg_label_asym_id 
_struct_conf.beg_label_seq_id 
_struct_conf.pdbx_beg_PDB_ins_code 
_struct_conf.end_label_comp_id 
_struct_conf.end_label_asym_id 
_struct_conf.end_label_seq_id 
_struct_conf.pdbx_end_PDB_ins_code 
_struct_conf.beg_auth_comp_id 
_struct_conf.beg_auth_asym_id 
_struct_conf.beg_auth_seq_id 
_struct_conf.end_auth_comp_id 
_struct_conf.end_auth_asym_id 
_struct_conf.end_auth_seq_id 
_struct_conf.pdbx_PDB_helix_class 
_struct_conf.details 
_struct_conf.pdbx_PDB_helix_length 
HELX_P HELX_P1 AA1 SER A 82 ? ILE A 85 ? SER A 80 ILE A 83 5 ? 4 
HELX_P HELX_P2 AA2 ASN A 89 ? ASN A 93 ? ASN A 87 ASN A 91 5 ? 5 
# 
_struct_conf_type.id          HELX_P 
_struct_conf_type.criteria    ? 
_struct_conf_type.reference   ? 
# 
loop_
_struct_conn.id 
_struct_conn.conn_type_id 
_struct_conn.pdbx_leaving_atom_flag 
_struct_conn.pdbx_PDB_id 
_struct_conn.ptnr1_label_asym_id 
_struct_conn.ptnr1_label_comp_id 
_struct_conn.ptnr1_label_seq_id 
_struct_conn.ptnr1_label_atom_id 
_struct_conn.pdbx_ptnr1_label_alt_id 
_struct_conn.pdbx_ptnr1_PDB_ins_code 
_struct_conn.pdbx_ptnr1_standard_comp_id 
_struct_conn.ptnr1_symmetry 
_struct_conn.ptnr2_label_asym_id 
_struct_conn.ptnr2_label_comp_id 
_struct_conn.ptnr2_label_seq_id 
_struct_conn.ptnr2_label_atom_id 
_struct_conn.pdbx_ptnr2_label_alt_id 
_struct_conn.pdbx_ptnr2_PDB_ins_code 
_struct_conn.ptnr1_auth_asym_id 
_struct_conn.ptnr1_auth_comp_id 
_struct_conn.ptnr1_auth_seq_id 
_struct_conn.ptnr2_auth_asym_id 
_struct_conn.ptnr2_auth_comp_id 
_struct_conn.ptnr2_auth_seq_id 
_struct_conn.ptnr2_symmetry 
_struct_conn.pdbx_ptnr3_label_atom_id 
_struct_conn.pdbx_ptnr3_label_seq_id 
_struct_conn.pdbx_ptnr3_label_comp_id 
_struct_conn.pdbx_ptnr3_label_asym_id 
_struct_conn.pdbx_ptnr3_label_alt_id 
_struct_conn.pdbx_ptnr3_PDB_ins_code 
_struct_conn.details 
_struct_conn.pdbx_dist_value 
_struct_conn.pdbx_value_order 
_struct_conn.pdbx_role 
metalc1 metalc ? ? A CYS 35 SG ? ? ? 1_555 B ZN . ZN ? ? A CYS 33 A ZN 201 1_555 ? ? ? ? ? ? ? 2.261 ? ? 
metalc2 metalc ? ? A CYS 38 SG ? ? ? 1_555 B ZN . ZN ? ? A CYS 36 A ZN 201 1_555 ? ? ? ? ? ? ? 2.147 ? ? 
metalc3 metalc ? ? A CYS 69 SG ? ? ? 1_555 B ZN . ZN ? ? A CYS 67 A ZN 201 1_555 ? ? ? ? ? ? ? 2.376 ? ? 
metalc4 metalc ? ? A CYS 72 SG ? ? ? 1_555 B ZN . ZN ? ? A CYS 70 A ZN 201 1_555 ? ? ? ? ? ? ? 2.393 ? ? 
# 
_struct_conn_type.id          metalc 
_struct_conn_type.criteria    ? 
_struct_conn_type.reference   ? 
# 
loop_
_pdbx_struct_conn_angle.id 
_pdbx_struct_conn_angle.ptnr1_label_atom_id 
_pdbx_struct_conn_angle.ptnr1_label_alt_id 
_pdbx_struct_conn_angle.ptnr1_label_asym_id 
_pdbx_struct_conn_angle.ptnr1_label_comp_id 
_pdbx_struct_conn_angle.ptnr1_label_seq_id 
_pdbx_struct_conn_angle.ptnr1_auth_atom_id 
_pdbx_struct_conn_angle.ptnr1_auth_asym_id 
_pdbx_struct_conn_angle.ptnr1_auth_comp_id 
_pdbx_struct_conn_angle.ptnr1_auth_seq_id 
_pdbx_struct_conn_angle.ptnr1_PDB_ins_code 
_pdbx_struct_conn_angle.ptnr1_symmetry 
_pdbx_struct_conn_angle.ptnr2_label_atom_id 
_pdbx_struct_conn_angle.ptnr2_label_alt_id 
_pdbx_struct_conn_angle.ptnr2_label_asym_id 
_pdbx_struct_conn_angle.ptnr2_label_comp_id 
_pdbx_struct_conn_angle.ptnr2_label_seq_id 
_pdbx_struct_conn_angle.ptnr2_auth_atom_id 
_pdbx_struct_conn_angle.ptnr2_auth_asym_id 
_pdbx_struct_conn_angle.ptnr2_auth_comp_id 
_pdbx_struct_conn_angle.ptnr2_auth_seq_id 
_pdbx_struct_conn_angle.ptnr2_PDB_ins_code 
_pdbx_struct_conn_angle.ptnr2_symmetry 
_pdbx_struct_conn_angle.ptnr3_label_atom_id 
_pdbx_struct_conn_angle.ptnr3_label_alt_id 
_pdbx_struct_conn_angle.ptnr3_label_asym_id 
_pdbx_struct_conn_angle.ptnr3_label_comp_id 
_pdbx_struct_conn_angle.ptnr3_label_seq_id 
_pdbx_struct_conn_angle.ptnr3_auth_atom_id 
_pdbx_struct_conn_angle.ptnr3_auth_asym_id 
_pdbx_struct_conn_angle.ptnr3_auth_comp_id 
_pdbx_struct_conn_angle.ptnr3_auth_seq_id 
_pdbx_struct_conn_angle.ptnr3_PDB_ins_code 
_pdbx_struct_conn_angle.ptnr3_symmetry 
_pdbx_struct_conn_angle.value 
_pdbx_struct_conn_angle.value_esd 
1 SG ? A CYS 35 ? A CYS 33 ? 1_555 ZN ? B ZN . ? A ZN 201 ? 1_555 SG ? A CYS 38 ? A CYS 36 ? 1_555 117.0 ? 
2 SG ? A CYS 35 ? A CYS 33 ? 1_555 ZN ? B ZN . ? A ZN 201 ? 1_555 SG ? A CYS 69 ? A CYS 67 ? 1_555 110.4 ? 
3 SG ? A CYS 38 ? A CYS 36 ? 1_555 ZN ? B ZN . ? A ZN 201 ? 1_555 SG ? A CYS 69 ? A CYS 67 ? 1_555 99.9  ? 
4 SG ? A CYS 35 ? A CYS 33 ? 1_555 ZN ? B ZN . ? A ZN 201 ? 1_555 SG ? A CYS 72 ? A CYS 70 ? 1_555 106.1 ? 
5 SG ? A CYS 38 ? A CYS 36 ? 1_555 ZN ? B ZN . ? A ZN 201 ? 1_555 SG ? A CYS 72 ? A CYS 70 ? 1_555 116.6 ? 
6 SG ? A CYS 69 ? A CYS 67 ? 1_555 ZN ? B ZN . ? A ZN 201 ? 1_555 SG ? A CYS 72 ? A CYS 70 ? 1_555 106.2 ? 
# 
loop_
_struct_sheet.id 
_struct_sheet.type 
_struct_sheet.number_strands 
_struct_sheet.details 
AA1 ? 6 ? 
AA2 ? 3 ? 
AA3 ? 3 ? 
AA4 ? 2 ? 
# 
loop_
_struct_sheet_order.sheet_id 
_struct_sheet_order.range_id_1 
_struct_sheet_order.range_id_2 
_struct_sheet_order.offset 
_struct_sheet_order.sense 
AA1 1 2 ? anti-parallel 
AA1 2 3 ? anti-parallel 
AA1 3 4 ? anti-parallel 
AA1 4 5 ? anti-parallel 
AA1 5 6 ? anti-parallel 
AA2 1 2 ? anti-parallel 
AA2 2 3 ? anti-parallel 
AA3 1 2 ? anti-parallel 
AA3 2 3 ? anti-parallel 
AA4 1 2 ? anti-parallel 
# 
loop_
_struct_sheet_range.sheet_id 
_struct_sheet_range.id 
_struct_sheet_range.beg_label_comp_id 
_struct_sheet_range.beg_label_asym_id 
_struct_sheet_range.beg_label_seq_id 
_struct_sheet_range.pdbx_beg_PDB_ins_code 
_struct_sheet_range.end_label_comp_id 
_struct_sheet_range.end_label_asym_id 
_struct_sheet_range.end_label_seq_id 
_struct_sheet_range.pdbx_end_PDB_ins_code 
_struct_sheet_range.beg_auth_comp_id 
_struct_sheet_range.beg_auth_asym_id 
_struct_sheet_range.beg_auth_seq_id 
_struct_sheet_range.end_auth_comp_id 
_struct_sheet_range.end_auth_asym_id 
_struct_sheet_range.end_auth_seq_id 
AA1 1 MET A 65  ? LYS A 68  ? MET A 63  LYS A 66  
AA1 2 GLU A 75  ? ILE A 80  ? GLU A 73  ILE A 78  
AA1 3 LYS A 97  ? ARG A 105 ? LYS A 95  ARG A 103 
AA1 4 LYS A 5   ? GLU A 15  ? LYS A 3   GLU A 13  
AA1 5 GLU A 148 ? LYS A 161 ? GLU A 146 LYS A 159 
AA1 6 TRP A 139 ? ASP A 143 ? TRP A 137 ASP A 141 
AA2 1 ILE A 17  ? PRO A 22  ? ILE A 15  PRO A 20  
AA2 2 PHE A 118 ? GLY A 122 ? PHE A 116 GLY A 120 
AA2 3 ALA A 128 ? ILE A 132 ? ALA A 126 ILE A 130 
AA3 1 GLN A 46  ? ILE A 48  ? GLN A 44  ILE A 46  
AA3 2 TRP A 29  ? CYS A 35  ? TRP A 27  CYS A 33  
AA3 3 LEU A 107 ? PHE A 112 ? LEU A 105 PHE A 110 
AA4 1 VAL A 54  ? ALA A 55  ? VAL A 52  ALA A 53  
AA4 2 SER A 62  ? ALA A 63  ? SER A 60  ALA A 61  
# 
loop_
_pdbx_struct_sheet_hbond.sheet_id 
_pdbx_struct_sheet_hbond.range_id_1 
_pdbx_struct_sheet_hbond.range_id_2 
_pdbx_struct_sheet_hbond.range_1_label_atom_id 
_pdbx_struct_sheet_hbond.range_1_label_comp_id 
_pdbx_struct_sheet_hbond.range_1_label_asym_id 
_pdbx_struct_sheet_hbond.range_1_label_seq_id 
_pdbx_struct_sheet_hbond.range_1_PDB_ins_code 
_pdbx_struct_sheet_hbond.range_1_auth_atom_id 
_pdbx_struct_sheet_hbond.range_1_auth_comp_id 
_pdbx_struct_sheet_hbond.range_1_auth_asym_id 
_pdbx_struct_sheet_hbond.range_1_auth_seq_id 
_pdbx_struct_sheet_hbond.range_2_label_atom_id 
_pdbx_struct_sheet_hbond.range_2_label_comp_id 
_pdbx_struct_sheet_hbond.range_2_label_asym_id 
_pdbx_struct_sheet_hbond.range_2_label_seq_id 
_pdbx_struct_sheet_hbond.range_2_PDB_ins_code 
_pdbx_struct_sheet_hbond.range_2_auth_atom_id 
_pdbx_struct_sheet_hbond.range_2_auth_comp_id 
_pdbx_struct_sheet_hbond.range_2_auth_asym_id 
_pdbx_struct_sheet_hbond.range_2_auth_seq_id 
AA1 1 2 N GLN A 67  ? N GLN A 65  O ASN A 76  ? O ASN A 74  
AA1 2 3 N SER A 77  ? N SER A 75  O ARG A 105 ? O ARG A 103 
AA1 3 4 O ILE A 99  ? O ILE A 97  N LEU A 8   ? N LEU A 6   
AA1 4 5 N ALA A 7   ? N ALA A 5   O VAL A 160 ? O VAL A 158 
AA1 5 6 O GLU A 148 ? O GLU A 146 N ASP A 143 ? N ASP A 141 
AA2 1 2 N ARG A 21  ? N ARG A 19  O ALA A 119 ? O ALA A 117 
AA2 2 3 N ALA A 120 ? N ALA A 118 O PHE A 129 ? O PHE A 127 
AA3 1 2 O GLN A 46  ? O GLN A 44  N LEU A 31  ? N LEU A 29  
AA3 2 3 N LYS A 32  ? N LYS A 30  O VAL A 110 ? O VAL A 108 
AA4 1 2 N VAL A 54  ? N VAL A 52  O ALA A 63  ? O ALA A 61  
# 
_struct_site.id                   AC1 
_struct_site.pdbx_evidence_code   Software 
_struct_site.pdbx_auth_asym_id    A 
_struct_site.pdbx_auth_comp_id    ZN 
_struct_site.pdbx_auth_seq_id     201 
_struct_site.pdbx_auth_ins_code   ? 
_struct_site.pdbx_num_residues    4 
_struct_site.details              'binding site for residue ZN A 201' 
# 
loop_
_struct_site_gen.id 
_struct_site_gen.site_id 
_struct_site_gen.pdbx_num_res 
_struct_site_gen.label_comp_id 
_struct_site_gen.label_asym_id 
_struct_site_gen.label_seq_id 
_struct_site_gen.pdbx_auth_ins_code 
_struct_site_gen.auth_comp_id 
_struct_site_gen.auth_asym_id 
_struct_site_gen.auth_seq_id 
_struct_site_gen.label_atom_id 
_struct_site_gen.label_alt_id 
_struct_site_gen.symmetry 
_struct_site_gen.details 
1 AC1 4 CYS A 35 ? CYS A 33 . ? 1_555 ? 
2 AC1 4 CYS A 38 ? CYS A 36 . ? 1_555 ? 
3 AC1 4 CYS A 69 ? CYS A 67 . ? 1_555 ? 
4 AC1 4 CYS A 72 ? CYS A 70 . ? 1_555 ? 
# 
loop_
_pdbx_validate_rmsd_angle.id 
_pdbx_validate_rmsd_angle.PDB_model_num 
_pdbx_validate_rmsd_angle.auth_atom_id_1 
_pdbx_validate_rmsd_angle.auth_asym_id_1 
_pdbx_validate_rmsd_angle.auth_comp_id_1 
_pdbx_validate_rmsd_angle.auth_seq_id_1 
_pdbx_validate_rmsd_angle.PDB_ins_code_1 
_pdbx_validate_rmsd_angle.label_alt_id_1 
_pdbx_validate_rmsd_angle.auth_atom_id_2 
_pdbx_validate_rmsd_angle.auth_asym_id_2 
_pdbx_validate_rmsd_angle.auth_comp_id_2 
_pdbx_validate_rmsd_angle.auth_seq_id_2 
_pdbx_validate_rmsd_angle.PDB_ins_code_2 
_pdbx_validate_rmsd_angle.label_alt_id_2 
_pdbx_validate_rmsd_angle.auth_atom_id_3 
_pdbx_validate_rmsd_angle.auth_asym_id_3 
_pdbx_validate_rmsd_angle.auth_comp_id_3 
_pdbx_validate_rmsd_angle.auth_seq_id_3 
_pdbx_validate_rmsd_angle.PDB_ins_code_3 
_pdbx_validate_rmsd_angle.label_alt_id_3 
_pdbx_validate_rmsd_angle.angle_value 
_pdbx_validate_rmsd_angle.angle_target_value 
_pdbx_validate_rmsd_angle.angle_deviation 
_pdbx_validate_rmsd_angle.angle_standard_deviation 
_pdbx_validate_rmsd_angle.linker_flag 
1 1 CB A ASP 90  ? ? CG A ASP 90  ? ? OD1 A ASP 90  ? ? 111.56 118.30 -6.74 0.90 N 
2 1 NE A ARG 103 ? ? CZ A ARG 103 ? ? NH1 A ARG 103 ? ? 123.33 120.30 3.03  0.50 N 
# 
loop_
_pdbx_validate_torsion.id 
_pdbx_validate_torsion.PDB_model_num 
_pdbx_validate_torsion.auth_comp_id 
_pdbx_validate_torsion.auth_asym_id 
_pdbx_validate_torsion.auth_seq_id 
_pdbx_validate_torsion.PDB_ins_code 
_pdbx_validate_torsion.label_alt_id 
_pdbx_validate_torsion.phi 
_pdbx_validate_torsion.psi 
1 1 ASN A 91  ? ? -35.76  125.11  
2 1 GLU A 92  ? ? 59.98   17.19   
3 1 GLN A 113 ? ? -127.36 -119.07 
# 
loop_
_pdbx_struct_special_symmetry.id 
_pdbx_struct_special_symmetry.PDB_model_num 
_pdbx_struct_special_symmetry.auth_asym_id 
_pdbx_struct_special_symmetry.auth_comp_id 
_pdbx_struct_special_symmetry.auth_seq_id 
_pdbx_struct_special_symmetry.PDB_ins_code 
_pdbx_struct_special_symmetry.label_asym_id 
_pdbx_struct_special_symmetry.label_comp_id 
_pdbx_struct_special_symmetry.label_seq_id 
1 1 A HOH 350 ? C HOH . 
2 1 A HOH 458 ? C HOH . 
# 
loop_
_pdbx_unobs_or_zero_occ_residues.id 
_pdbx_unobs_or_zero_occ_residues.PDB_model_num 
_pdbx_unobs_or_zero_occ_residues.polymer_flag 
_pdbx_unobs_or_zero_occ_residues.occupancy_flag 
_pdbx_unobs_or_zero_occ_residues.auth_asym_id 
_pdbx_unobs_or_zero_occ_residues.auth_comp_id 
_pdbx_unobs_or_zero_occ_residues.auth_seq_id 
_pdbx_unobs_or_zero_occ_residues.PDB_ins_code 
_pdbx_unobs_or_zero_occ_residues.label_asym_id 
_pdbx_unobs_or_zero_occ_residues.label_comp_id 
_pdbx_unobs_or_zero_occ_residues.label_seq_id 
1 1 Y 1 A GLY -1 ? A GLY 1 
2 1 Y 1 A PRO 0  ? A PRO 2 
3 1 Y 1 A MET 1  ? A MET 3 
# 
loop_
_chem_comp_atom.comp_id 
_chem_comp_atom.atom_id 
_chem_comp_atom.type_symbol 
_chem_comp_atom.pdbx_aromatic_flag 
_chem_comp_atom.pdbx_stereo_config 
_chem_comp_atom.pdbx_ordinal 
ALA N    N  N N 1   
ALA CA   C  N S 2   
ALA C    C  N N 3   
ALA O    O  N N 4   
ALA CB   C  N N 5   
ALA OXT  O  N N 6   
ALA H    H  N N 7   
ALA H2   H  N N 8   
ALA HA   H  N N 9   
ALA HB1  H  N N 10  
ALA HB2  H  N N 11  
ALA HB3  H  N N 12  
ALA HXT  H  N N 13  
ARG N    N  N N 14  
ARG CA   C  N S 15  
ARG C    C  N N 16  
ARG O    O  N N 17  
ARG CB   C  N N 18  
ARG CG   C  N N 19  
ARG CD   C  N N 20  
ARG NE   N  N N 21  
ARG CZ   C  N N 22  
ARG NH1  N  N N 23  
ARG NH2  N  N N 24  
ARG OXT  O  N N 25  
ARG H    H  N N 26  
ARG H2   H  N N 27  
ARG HA   H  N N 28  
ARG HB2  H  N N 29  
ARG HB3  H  N N 30  
ARG HG2  H  N N 31  
ARG HG3  H  N N 32  
ARG HD2  H  N N 33  
ARG HD3  H  N N 34  
ARG HE   H  N N 35  
ARG HH11 H  N N 36  
ARG HH12 H  N N 37  
ARG HH21 H  N N 38  
ARG HH22 H  N N 39  
ARG HXT  H  N N 40  
ASN N    N  N N 41  
ASN CA   C  N S 42  
ASN C    C  N N 43  
ASN O    O  N N 44  
ASN CB   C  N N 45  
ASN CG   C  N N 46  
ASN OD1  O  N N 47  
ASN ND2  N  N N 48  
ASN OXT  O  N N 49  
ASN H    H  N N 50  
ASN H2   H  N N 51  
ASN HA   H  N N 52  
ASN HB2  H  N N 53  
ASN HB3  H  N N 54  
ASN HD21 H  N N 55  
ASN HD22 H  N N 56  
ASN HXT  H  N N 57  
ASP N    N  N N 58  
ASP CA   C  N S 59  
ASP C    C  N N 60  
ASP O    O  N N 61  
ASP CB   C  N N 62  
ASP CG   C  N N 63  
ASP OD1  O  N N 64  
ASP OD2  O  N N 65  
ASP OXT  O  N N 66  
ASP H    H  N N 67  
ASP H2   H  N N 68  
ASP HA   H  N N 69  
ASP HB2  H  N N 70  
ASP HB3  H  N N 71  
ASP HD2  H  N N 72  
ASP HXT  H  N N 73  
CYS N    N  N N 74  
CYS CA   C  N R 75  
CYS C    C  N N 76  
CYS O    O  N N 77  
CYS CB   C  N N 78  
CYS SG   S  N N 79  
CYS OXT  O  N N 80  
CYS H    H  N N 81  
CYS H2   H  N N 82  
CYS HA   H  N N 83  
CYS HB2  H  N N 84  
CYS HB3  H  N N 85  
CYS HG   H  N N 86  
CYS HXT  H  N N 87  
GLN N    N  N N 88  
GLN CA   C  N S 89  
GLN C    C  N N 90  
GLN O    O  N N 91  
GLN CB   C  N N 92  
GLN CG   C  N N 93  
GLN CD   C  N N 94  
GLN OE1  O  N N 95  
GLN NE2  N  N N 96  
GLN OXT  O  N N 97  
GLN H    H  N N 98  
GLN H2   H  N N 99  
GLN HA   H  N N 100 
GLN HB2  H  N N 101 
GLN HB3  H  N N 102 
GLN HG2  H  N N 103 
GLN HG3  H  N N 104 
GLN HE21 H  N N 105 
GLN HE22 H  N N 106 
GLN HXT  H  N N 107 
GLU N    N  N N 108 
GLU CA   C  N S 109 
GLU C    C  N N 110 
GLU O    O  N N 111 
GLU CB   C  N N 112 
GLU CG   C  N N 113 
GLU CD   C  N N 114 
GLU OE1  O  N N 115 
GLU OE2  O  N N 116 
GLU OXT  O  N N 117 
GLU H    H  N N 118 
GLU H2   H  N N 119 
GLU HA   H  N N 120 
GLU HB2  H  N N 121 
GLU HB3  H  N N 122 
GLU HG2  H  N N 123 
GLU HG3  H  N N 124 
GLU HE2  H  N N 125 
GLU HXT  H  N N 126 
GLY N    N  N N 127 
GLY CA   C  N N 128 
GLY C    C  N N 129 
GLY O    O  N N 130 
GLY OXT  O  N N 131 
GLY H    H  N N 132 
GLY H2   H  N N 133 
GLY HA2  H  N N 134 
GLY HA3  H  N N 135 
GLY HXT  H  N N 136 
HIS N    N  N N 137 
HIS CA   C  N S 138 
HIS C    C  N N 139 
HIS O    O  N N 140 
HIS CB   C  N N 141 
HIS CG   C  Y N 142 
HIS ND1  N  Y N 143 
HIS CD2  C  Y N 144 
HIS CE1  C  Y N 145 
HIS NE2  N  Y N 146 
HIS OXT  O  N N 147 
HIS H    H  N N 148 
HIS H2   H  N N 149 
HIS HA   H  N N 150 
HIS HB2  H  N N 151 
HIS HB3  H  N N 152 
HIS HD1  H  N N 153 
HIS HD2  H  N N 154 
HIS HE1  H  N N 155 
HIS HE2  H  N N 156 
HIS HXT  H  N N 157 
HOH O    O  N N 158 
HOH H1   H  N N 159 
HOH H2   H  N N 160 
ILE N    N  N N 161 
ILE CA   C  N S 162 
ILE C    C  N N 163 
ILE O    O  N N 164 
ILE CB   C  N S 165 
ILE CG1  C  N N 166 
ILE CG2  C  N N 167 
ILE CD1  C  N N 168 
ILE OXT  O  N N 169 
ILE H    H  N N 170 
ILE H2   H  N N 171 
ILE HA   H  N N 172 
ILE HB   H  N N 173 
ILE HG12 H  N N 174 
ILE HG13 H  N N 175 
ILE HG21 H  N N 176 
ILE HG22 H  N N 177 
ILE HG23 H  N N 178 
ILE HD11 H  N N 179 
ILE HD12 H  N N 180 
ILE HD13 H  N N 181 
ILE HXT  H  N N 182 
LEU N    N  N N 183 
LEU CA   C  N S 184 
LEU C    C  N N 185 
LEU O    O  N N 186 
LEU CB   C  N N 187 
LEU CG   C  N N 188 
LEU CD1  C  N N 189 
LEU CD2  C  N N 190 
LEU OXT  O  N N 191 
LEU H    H  N N 192 
LEU H2   H  N N 193 
LEU HA   H  N N 194 
LEU HB2  H  N N 195 
LEU HB3  H  N N 196 
LEU HG   H  N N 197 
LEU HD11 H  N N 198 
LEU HD12 H  N N 199 
LEU HD13 H  N N 200 
LEU HD21 H  N N 201 
LEU HD22 H  N N 202 
LEU HD23 H  N N 203 
LEU HXT  H  N N 204 
LYS N    N  N N 205 
LYS CA   C  N S 206 
LYS C    C  N N 207 
LYS O    O  N N 208 
LYS CB   C  N N 209 
LYS CG   C  N N 210 
LYS CD   C  N N 211 
LYS CE   C  N N 212 
LYS NZ   N  N N 213 
LYS OXT  O  N N 214 
LYS H    H  N N 215 
LYS H2   H  N N 216 
LYS HA   H  N N 217 
LYS HB2  H  N N 218 
LYS HB3  H  N N 219 
LYS HG2  H  N N 220 
LYS HG3  H  N N 221 
LYS HD2  H  N N 222 
LYS HD3  H  N N 223 
LYS HE2  H  N N 224 
LYS HE3  H  N N 225 
LYS HZ1  H  N N 226 
LYS HZ2  H  N N 227 
LYS HZ3  H  N N 228 
LYS HXT  H  N N 229 
MET N    N  N N 230 
MET CA   C  N S 231 
MET C    C  N N 232 
MET O    O  N N 233 
MET CB   C  N N 234 
MET CG   C  N N 235 
MET SD   S  N N 236 
MET CE   C  N N 237 
MET OXT  O  N N 238 
MET H    H  N N 239 
MET H2   H  N N 240 
MET HA   H  N N 241 
MET HB2  H  N N 242 
MET HB3  H  N N 243 
MET HG2  H  N N 244 
MET HG3  H  N N 245 
MET HE1  H  N N 246 
MET HE2  H  N N 247 
MET HE3  H  N N 248 
MET HXT  H  N N 249 
PHE N    N  N N 250 
PHE CA   C  N S 251 
PHE C    C  N N 252 
PHE O    O  N N 253 
PHE CB   C  N N 254 
PHE CG   C  Y N 255 
PHE CD1  C  Y N 256 
PHE CD2  C  Y N 257 
PHE CE1  C  Y N 258 
PHE CE2  C  Y N 259 
PHE CZ   C  Y N 260 
PHE OXT  O  N N 261 
PHE H    H  N N 262 
PHE H2   H  N N 263 
PHE HA   H  N N 264 
PHE HB2  H  N N 265 
PHE HB3  H  N N 266 
PHE HD1  H  N N 267 
PHE HD2  H  N N 268 
PHE HE1  H  N N 269 
PHE HE2  H  N N 270 
PHE HZ   H  N N 271 
PHE HXT  H  N N 272 
PRO N    N  N N 273 
PRO CA   C  N S 274 
PRO C    C  N N 275 
PRO O    O  N N 276 
PRO CB   C  N N 277 
PRO CG   C  N N 278 
PRO CD   C  N N 279 
PRO OXT  O  N N 280 
PRO H    H  N N 281 
PRO HA   H  N N 282 
PRO HB2  H  N N 283 
PRO HB3  H  N N 284 
PRO HG2  H  N N 285 
PRO HG3  H  N N 286 
PRO HD2  H  N N 287 
PRO HD3  H  N N 288 
PRO HXT  H  N N 289 
SER N    N  N N 290 
SER CA   C  N S 291 
SER C    C  N N 292 
SER O    O  N N 293 
SER CB   C  N N 294 
SER OG   O  N N 295 
SER OXT  O  N N 296 
SER H    H  N N 297 
SER H2   H  N N 298 
SER HA   H  N N 299 
SER HB2  H  N N 300 
SER HB3  H  N N 301 
SER HG   H  N N 302 
SER HXT  H  N N 303 
THR N    N  N N 304 
THR CA   C  N S 305 
THR C    C  N N 306 
THR O    O  N N 307 
THR CB   C  N R 308 
THR OG1  O  N N 309 
THR CG2  C  N N 310 
THR OXT  O  N N 311 
THR H    H  N N 312 
THR H2   H  N N 313 
THR HA   H  N N 314 
THR HB   H  N N 315 
THR HG1  H  N N 316 
THR HG21 H  N N 317 
THR HG22 H  N N 318 
THR HG23 H  N N 319 
THR HXT  H  N N 320 
TRP N    N  N N 321 
TRP CA   C  N S 322 
TRP C    C  N N 323 
TRP O    O  N N 324 
TRP CB   C  N N 325 
TRP CG   C  Y N 326 
TRP CD1  C  Y N 327 
TRP CD2  C  Y N 328 
TRP NE1  N  Y N 329 
TRP CE2  C  Y N 330 
TRP CE3  C  Y N 331 
TRP CZ2  C  Y N 332 
TRP CZ3  C  Y N 333 
TRP CH2  C  Y N 334 
TRP OXT  O  N N 335 
TRP H    H  N N 336 
TRP H2   H  N N 337 
TRP HA   H  N N 338 
TRP HB2  H  N N 339 
TRP HB3  H  N N 340 
TRP HD1  H  N N 341 
TRP HE1  H  N N 342 
TRP HE3  H  N N 343 
TRP HZ2  H  N N 344 
TRP HZ3  H  N N 345 
TRP HH2  H  N N 346 
TRP HXT  H  N N 347 
TYR N    N  N N 348 
TYR CA   C  N S 349 
TYR C    C  N N 350 
TYR O    O  N N 351 
TYR CB   C  N N 352 
TYR CG   C  Y N 353 
TYR CD1  C  Y N 354 
TYR CD2  C  Y N 355 
TYR CE1  C  Y N 356 
TYR CE2  C  Y N 357 
TYR CZ   C  Y N 358 
TYR OH   O  N N 359 
TYR OXT  O  N N 360 
TYR H    H  N N 361 
TYR H2   H  N N 362 
TYR HA   H  N N 363 
TYR HB2  H  N N 364 
TYR HB3  H  N N 365 
TYR HD1  H  N N 366 
TYR HD2  H  N N 367 
TYR HE1  H  N N 368 
TYR HE2  H  N N 369 
TYR HH   H  N N 370 
TYR HXT  H  N N 371 
VAL N    N  N N 372 
VAL CA   C  N S 373 
VAL C    C  N N 374 
VAL O    O  N N 375 
VAL CB   C  N N 376 
VAL CG1  C  N N 377 
VAL CG2  C  N N 378 
VAL OXT  O  N N 379 
VAL H    H  N N 380 
VAL H2   H  N N 381 
VAL HA   H  N N 382 
VAL HB   H  N N 383 
VAL HG11 H  N N 384 
VAL HG12 H  N N 385 
VAL HG13 H  N N 386 
VAL HG21 H  N N 387 
VAL HG22 H  N N 388 
VAL HG23 H  N N 389 
VAL HXT  H  N N 390 
ZN  ZN   ZN N N 391 
# 
loop_
_chem_comp_bond.comp_id 
_chem_comp_bond.atom_id_1 
_chem_comp_bond.atom_id_2 
_chem_comp_bond.value_order 
_chem_comp_bond.pdbx_aromatic_flag 
_chem_comp_bond.pdbx_stereo_config 
_chem_comp_bond.pdbx_ordinal 
ALA N   CA   sing N N 1   
ALA N   H    sing N N 2   
ALA N   H2   sing N N 3   
ALA CA  C    sing N N 4   
ALA CA  CB   sing N N 5   
ALA CA  HA   sing N N 6   
ALA C   O    doub N N 7   
ALA C   OXT  sing N N 8   
ALA CB  HB1  sing N N 9   
ALA CB  HB2  sing N N 10  
ALA CB  HB3  sing N N 11  
ALA OXT HXT  sing N N 12  
ARG N   CA   sing N N 13  
ARG N   H    sing N N 14  
ARG N   H2   sing N N 15  
ARG CA  C    sing N N 16  
ARG CA  CB   sing N N 17  
ARG CA  HA   sing N N 18  
ARG C   O    doub N N 19  
ARG C   OXT  sing N N 20  
ARG CB  CG   sing N N 21  
ARG CB  HB2  sing N N 22  
ARG CB  HB3  sing N N 23  
ARG CG  CD   sing N N 24  
ARG CG  HG2  sing N N 25  
ARG CG  HG3  sing N N 26  
ARG CD  NE   sing N N 27  
ARG CD  HD2  sing N N 28  
ARG CD  HD3  sing N N 29  
ARG NE  CZ   sing N N 30  
ARG NE  HE   sing N N 31  
ARG CZ  NH1  sing N N 32  
ARG CZ  NH2  doub N N 33  
ARG NH1 HH11 sing N N 34  
ARG NH1 HH12 sing N N 35  
ARG NH2 HH21 sing N N 36  
ARG NH2 HH22 sing N N 37  
ARG OXT HXT  sing N N 38  
ASN N   CA   sing N N 39  
ASN N   H    sing N N 40  
ASN N   H2   sing N N 41  
ASN CA  C    sing N N 42  
ASN CA  CB   sing N N 43  
ASN CA  HA   sing N N 44  
ASN C   O    doub N N 45  
ASN C   OXT  sing N N 46  
ASN CB  CG   sing N N 47  
ASN CB  HB2  sing N N 48  
ASN CB  HB3  sing N N 49  
ASN CG  OD1  doub N N 50  
ASN CG  ND2  sing N N 51  
ASN ND2 HD21 sing N N 52  
ASN ND2 HD22 sing N N 53  
ASN OXT HXT  sing N N 54  
ASP N   CA   sing N N 55  
ASP N   H    sing N N 56  
ASP N   H2   sing N N 57  
ASP CA  C    sing N N 58  
ASP CA  CB   sing N N 59  
ASP CA  HA   sing N N 60  
ASP C   O    doub N N 61  
ASP C   OXT  sing N N 62  
ASP CB  CG   sing N N 63  
ASP CB  HB2  sing N N 64  
ASP CB  HB3  sing N N 65  
ASP CG  OD1  doub N N 66  
ASP CG  OD2  sing N N 67  
ASP OD2 HD2  sing N N 68  
ASP OXT HXT  sing N N 69  
CYS N   CA   sing N N 70  
CYS N   H    sing N N 71  
CYS N   H2   sing N N 72  
CYS CA  C    sing N N 73  
CYS CA  CB   sing N N 74  
CYS CA  HA   sing N N 75  
CYS C   O    doub N N 76  
CYS C   OXT  sing N N 77  
CYS CB  SG   sing N N 78  
CYS CB  HB2  sing N N 79  
CYS CB  HB3  sing N N 80  
CYS SG  HG   sing N N 81  
CYS OXT HXT  sing N N 82  
GLN N   CA   sing N N 83  
GLN N   H    sing N N 84  
GLN N   H2   sing N N 85  
GLN CA  C    sing N N 86  
GLN CA  CB   sing N N 87  
GLN CA  HA   sing N N 88  
GLN C   O    doub N N 89  
GLN C   OXT  sing N N 90  
GLN CB  CG   sing N N 91  
GLN CB  HB2  sing N N 92  
GLN CB  HB3  sing N N 93  
GLN CG  CD   sing N N 94  
GLN CG  HG2  sing N N 95  
GLN CG  HG3  sing N N 96  
GLN CD  OE1  doub N N 97  
GLN CD  NE2  sing N N 98  
GLN NE2 HE21 sing N N 99  
GLN NE2 HE22 sing N N 100 
GLN OXT HXT  sing N N 101 
GLU N   CA   sing N N 102 
GLU N   H    sing N N 103 
GLU N   H2   sing N N 104 
GLU CA  C    sing N N 105 
GLU CA  CB   sing N N 106 
GLU CA  HA   sing N N 107 
GLU C   O    doub N N 108 
GLU C   OXT  sing N N 109 
GLU CB  CG   sing N N 110 
GLU CB  HB2  sing N N 111 
GLU CB  HB3  sing N N 112 
GLU CG  CD   sing N N 113 
GLU CG  HG2  sing N N 114 
GLU CG  HG3  sing N N 115 
GLU CD  OE1  doub N N 116 
GLU CD  OE2  sing N N 117 
GLU OE2 HE2  sing N N 118 
GLU OXT HXT  sing N N 119 
GLY N   CA   sing N N 120 
GLY N   H    sing N N 121 
GLY N   H2   sing N N 122 
GLY CA  C    sing N N 123 
GLY CA  HA2  sing N N 124 
GLY CA  HA3  sing N N 125 
GLY C   O    doub N N 126 
GLY C   OXT  sing N N 127 
GLY OXT HXT  sing N N 128 
HIS N   CA   sing N N 129 
HIS N   H    sing N N 130 
HIS N   H2   sing N N 131 
HIS CA  C    sing N N 132 
HIS CA  CB   sing N N 133 
HIS CA  HA   sing N N 134 
HIS C   O    doub N N 135 
HIS C   OXT  sing N N 136 
HIS CB  CG   sing N N 137 
HIS CB  HB2  sing N N 138 
HIS CB  HB3  sing N N 139 
HIS CG  ND1  sing Y N 140 
HIS CG  CD2  doub Y N 141 
HIS ND1 CE1  doub Y N 142 
HIS ND1 HD1  sing N N 143 
HIS CD2 NE2  sing Y N 144 
HIS CD2 HD2  sing N N 145 
HIS CE1 NE2  sing Y N 146 
HIS CE1 HE1  sing N N 147 
HIS NE2 HE2  sing N N 148 
HIS OXT HXT  sing N N 149 
HOH O   H1   sing N N 150 
HOH O   H2   sing N N 151 
ILE N   CA   sing N N 152 
ILE N   H    sing N N 153 
ILE N   H2   sing N N 154 
ILE CA  C    sing N N 155 
ILE CA  CB   sing N N 156 
ILE CA  HA   sing N N 157 
ILE C   O    doub N N 158 
ILE C   OXT  sing N N 159 
ILE CB  CG1  sing N N 160 
ILE CB  CG2  sing N N 161 
ILE CB  HB   sing N N 162 
ILE CG1 CD1  sing N N 163 
ILE CG1 HG12 sing N N 164 
ILE CG1 HG13 sing N N 165 
ILE CG2 HG21 sing N N 166 
ILE CG2 HG22 sing N N 167 
ILE CG2 HG23 sing N N 168 
ILE CD1 HD11 sing N N 169 
ILE CD1 HD12 sing N N 170 
ILE CD1 HD13 sing N N 171 
ILE OXT HXT  sing N N 172 
LEU N   CA   sing N N 173 
LEU N   H    sing N N 174 
LEU N   H2   sing N N 175 
LEU CA  C    sing N N 176 
LEU CA  CB   sing N N 177 
LEU CA  HA   sing N N 178 
LEU C   O    doub N N 179 
LEU C   OXT  sing N N 180 
LEU CB  CG   sing N N 181 
LEU CB  HB2  sing N N 182 
LEU CB  HB3  sing N N 183 
LEU CG  CD1  sing N N 184 
LEU CG  CD2  sing N N 185 
LEU CG  HG   sing N N 186 
LEU CD1 HD11 sing N N 187 
LEU CD1 HD12 sing N N 188 
LEU CD1 HD13 sing N N 189 
LEU CD2 HD21 sing N N 190 
LEU CD2 HD22 sing N N 191 
LEU CD2 HD23 sing N N 192 
LEU OXT HXT  sing N N 193 
LYS N   CA   sing N N 194 
LYS N   H    sing N N 195 
LYS N   H2   sing N N 196 
LYS CA  C    sing N N 197 
LYS CA  CB   sing N N 198 
LYS CA  HA   sing N N 199 
LYS C   O    doub N N 200 
LYS C   OXT  sing N N 201 
LYS CB  CG   sing N N 202 
LYS CB  HB2  sing N N 203 
LYS CB  HB3  sing N N 204 
LYS CG  CD   sing N N 205 
LYS CG  HG2  sing N N 206 
LYS CG  HG3  sing N N 207 
LYS CD  CE   sing N N 208 
LYS CD  HD2  sing N N 209 
LYS CD  HD3  sing N N 210 
LYS CE  NZ   sing N N 211 
LYS CE  HE2  sing N N 212 
LYS CE  HE3  sing N N 213 
LYS NZ  HZ1  sing N N 214 
LYS NZ  HZ2  sing N N 215 
LYS NZ  HZ3  sing N N 216 
LYS OXT HXT  sing N N 217 
MET N   CA   sing N N 218 
MET N   H    sing N N 219 
MET N   H2   sing N N 220 
MET CA  C    sing N N 221 
MET CA  CB   sing N N 222 
MET CA  HA   sing N N 223 
MET C   O    doub N N 224 
MET C   OXT  sing N N 225 
MET CB  CG   sing N N 226 
MET CB  HB2  sing N N 227 
MET CB  HB3  sing N N 228 
MET CG  SD   sing N N 229 
MET CG  HG2  sing N N 230 
MET CG  HG3  sing N N 231 
MET SD  CE   sing N N 232 
MET CE  HE1  sing N N 233 
MET CE  HE2  sing N N 234 
MET CE  HE3  sing N N 235 
MET OXT HXT  sing N N 236 
PHE N   CA   sing N N 237 
PHE N   H    sing N N 238 
PHE N   H2   sing N N 239 
PHE CA  C    sing N N 240 
PHE CA  CB   sing N N 241 
PHE CA  HA   sing N N 242 
PHE C   O    doub N N 243 
PHE C   OXT  sing N N 244 
PHE CB  CG   sing N N 245 
PHE CB  HB2  sing N N 246 
PHE CB  HB3  sing N N 247 
PHE CG  CD1  doub Y N 248 
PHE CG  CD2  sing Y N 249 
PHE CD1 CE1  sing Y N 250 
PHE CD1 HD1  sing N N 251 
PHE CD2 CE2  doub Y N 252 
PHE CD2 HD2  sing N N 253 
PHE CE1 CZ   doub Y N 254 
PHE CE1 HE1  sing N N 255 
PHE CE2 CZ   sing Y N 256 
PHE CE2 HE2  sing N N 257 
PHE CZ  HZ   sing N N 258 
PHE OXT HXT  sing N N 259 
PRO N   CA   sing N N 260 
PRO N   CD   sing N N 261 
PRO N   H    sing N N 262 
PRO CA  C    sing N N 263 
PRO CA  CB   sing N N 264 
PRO CA  HA   sing N N 265 
PRO C   O    doub N N 266 
PRO C   OXT  sing N N 267 
PRO CB  CG   sing N N 268 
PRO CB  HB2  sing N N 269 
PRO CB  HB3  sing N N 270 
PRO CG  CD   sing N N 271 
PRO CG  HG2  sing N N 272 
PRO CG  HG3  sing N N 273 
PRO CD  HD2  sing N N 274 
PRO CD  HD3  sing N N 275 
PRO OXT HXT  sing N N 276 
SER N   CA   sing N N 277 
SER N   H    sing N N 278 
SER N   H2   sing N N 279 
SER CA  C    sing N N 280 
SER CA  CB   sing N N 281 
SER CA  HA   sing N N 282 
SER C   O    doub N N 283 
SER C   OXT  sing N N 284 
SER CB  OG   sing N N 285 
SER CB  HB2  sing N N 286 
SER CB  HB3  sing N N 287 
SER OG  HG   sing N N 288 
SER OXT HXT  sing N N 289 
THR N   CA   sing N N 290 
THR N   H    sing N N 291 
THR N   H2   sing N N 292 
THR CA  C    sing N N 293 
THR CA  CB   sing N N 294 
THR CA  HA   sing N N 295 
THR C   O    doub N N 296 
THR C   OXT  sing N N 297 
THR CB  OG1  sing N N 298 
THR CB  CG2  sing N N 299 
THR CB  HB   sing N N 300 
THR OG1 HG1  sing N N 301 
THR CG2 HG21 sing N N 302 
THR CG2 HG22 sing N N 303 
THR CG2 HG23 sing N N 304 
THR OXT HXT  sing N N 305 
TRP N   CA   sing N N 306 
TRP N   H    sing N N 307 
TRP N   H2   sing N N 308 
TRP CA  C    sing N N 309 
TRP CA  CB   sing N N 310 
TRP CA  HA   sing N N 311 
TRP C   O    doub N N 312 
TRP C   OXT  sing N N 313 
TRP CB  CG   sing N N 314 
TRP CB  HB2  sing N N 315 
TRP CB  HB3  sing N N 316 
TRP CG  CD1  doub Y N 317 
TRP CG  CD2  sing Y N 318 
TRP CD1 NE1  sing Y N 319 
TRP CD1 HD1  sing N N 320 
TRP CD2 CE2  doub Y N 321 
TRP CD2 CE3  sing Y N 322 
TRP NE1 CE2  sing Y N 323 
TRP NE1 HE1  sing N N 324 
TRP CE2 CZ2  sing Y N 325 
TRP CE3 CZ3  doub Y N 326 
TRP CE3 HE3  sing N N 327 
TRP CZ2 CH2  doub Y N 328 
TRP CZ2 HZ2  sing N N 329 
TRP CZ3 CH2  sing Y N 330 
TRP CZ3 HZ3  sing N N 331 
TRP CH2 HH2  sing N N 332 
TRP OXT HXT  sing N N 333 
TYR N   CA   sing N N 334 
TYR N   H    sing N N 335 
TYR N   H2   sing N N 336 
TYR CA  C    sing N N 337 
TYR CA  CB   sing N N 338 
TYR CA  HA   sing N N 339 
TYR C   O    doub N N 340 
TYR C   OXT  sing N N 341 
TYR CB  CG   sing N N 342 
TYR CB  HB2  sing N N 343 
TYR CB  HB3  sing N N 344 
TYR CG  CD1  doub Y N 345 
TYR CG  CD2  sing Y N 346 
TYR CD1 CE1  sing Y N 347 
TYR CD1 HD1  sing N N 348 
TYR CD2 CE2  doub Y N 349 
TYR CD2 HD2  sing N N 350 
TYR CE1 CZ   doub Y N 351 
TYR CE1 HE1  sing N N 352 
TYR CE2 CZ   sing Y N 353 
TYR CE2 HE2  sing N N 354 
TYR CZ  OH   sing N N 355 
TYR OH  HH   sing N N 356 
TYR OXT HXT  sing N N 357 
VAL N   CA   sing N N 358 
VAL N   H    sing N N 359 
VAL N   H2   sing N N 360 
VAL CA  C    sing N N 361 
VAL CA  CB   sing N N 362 
VAL CA  HA   sing N N 363 
VAL C   O    doub N N 364 
VAL C   OXT  sing N N 365 
VAL CB  CG1  sing N N 366 
VAL CB  CG2  sing N N 367 
VAL CB  HB   sing N N 368 
VAL CG1 HG11 sing N N 369 
VAL CG1 HG12 sing N N 370 
VAL CG1 HG13 sing N N 371 
VAL CG2 HG21 sing N N 372 
VAL CG2 HG22 sing N N 373 
VAL CG2 HG23 sing N N 374 
VAL OXT HXT  sing N N 375 
# 
loop_
_pdbx_audit_support.funding_organization 
_pdbx_audit_support.country 
_pdbx_audit_support.grant_number 
_pdbx_audit_support.ordinal 
'Ministry of Education, Culture, Sports, Science and Technology (Japan)' Japan 16H04768 1 
'Ministry of Education, Culture, Sports, Science and Technology (Japan)' Japan 17H05705 2 
# 
_pdbx_entity_instance_feature.ordinal        1 
_pdbx_entity_instance_feature.comp_id        ZN 
_pdbx_entity_instance_feature.asym_id        ? 
_pdbx_entity_instance_feature.seq_num        ? 
_pdbx_entity_instance_feature.auth_comp_id   ZN 
_pdbx_entity_instance_feature.auth_asym_id   ? 
_pdbx_entity_instance_feature.auth_seq_num   ? 
_pdbx_entity_instance_feature.feature_type   'SUBJECT OF INVESTIGATION' 
_pdbx_entity_instance_feature.details        ? 
# 
_atom_sites.entry_id                    5ZLQ 
_atom_sites.fract_transf_matrix[1][1]   0.00132574 
_atom_sites.fract_transf_matrix[1][2]   -0.00778134 
_atom_sites.fract_transf_matrix[1][3]   -0.00305767 
_atom_sites.fract_transf_matrix[2][1]   -0.00671688 
_atom_sites.fract_transf_matrix[2][2]   0.00085208 
_atom_sites.fract_transf_matrix[2][3]   -0.00508072 
_atom_sites.fract_transf_matrix[3][1]   0.00497817 
_atom_sites.fract_transf_matrix[3][2]   0.00322194 
_atom_sites.fract_transf_matrix[3][3]   -0.00604095 
_atom_sites.fract_transf_vector[1]      0.362916 
_atom_sites.fract_transf_vector[2]      0.152896 
_atom_sites.fract_transf_vector[3]      0.135948 
# 
loop_
_atom_type.symbol 
C  
N  
O  
S  
ZN 
# 
loop_
_atom_site.group_PDB 
_atom_site.id 
_atom_site.type_symbol 
_atom_site.label_atom_id 
_atom_site.label_alt_id 
_atom_site.label_comp_id 
_atom_site.label_asym_id 
_atom_site.label_entity_id 
_atom_site.label_seq_id 
_atom_site.pdbx_PDB_ins_code 
_atom_site.Cartn_x 
_atom_site.Cartn_y 
_atom_site.Cartn_z 
_atom_site.occupancy 
_atom_site.B_iso_or_equiv 
_atom_site.pdbx_formal_charge 
_atom_site.auth_seq_id 
_atom_site.auth_comp_id 
_atom_site.auth_asym_id 
_atom_site.auth_atom_id 
_atom_site.pdbx_PDB_model_num 
ATOM   1    N  N   . GLY A 1 4   ? 8.743   -15.534 -3.062  1.00 38.23 ? 2   GLY A N   1 
ATOM   2    C  CA  . GLY A 1 4   ? 9.328   -14.319 -2.374  1.00 36.44 ? 2   GLY A CA  1 
ATOM   3    C  C   . GLY A 1 4   ? 8.336   -13.274 -1.807  1.00 38.42 ? 2   GLY A C   1 
ATOM   4    O  O   . GLY A 1 4   ? 7.352   -12.953 -2.448  1.00 35.09 ? 2   GLY A O   1 
ATOM   5    N  N   . LYS A 1 5   ? 8.592   -12.780 -0.588  1.00 36.73 ? 3   LYS A N   1 
ATOM   6    C  CA  . LYS A 1 5   ? 7.815   -11.707 0.038   1.00 36.23 ? 3   LYS A CA  1 
ATOM   7    C  C   . LYS A 1 5   ? 8.577   -10.380 0.001   1.00 35.21 ? 3   LYS A C   1 
ATOM   8    O  O   . LYS A 1 5   ? 9.793   -10.349 0.218   1.00 29.64 ? 3   LYS A O   1 
ATOM   9    C  CB  . LYS A 1 5   ? 7.435   -12.033 1.472   1.00 41.19 ? 3   LYS A CB  1 
ATOM   10   C  CG  . LYS A 1 5   ? 6.497   -13.210 1.581   1.00 44.32 ? 3   LYS A CG  1 
ATOM   11   C  CD  . LYS A 1 5   ? 6.057   -13.416 3.036   1.00 48.09 ? 3   LYS A CD  1 
ATOM   12   C  CE  . LYS A 1 5   ? 5.035   -14.552 3.097   1.00 52.82 ? 3   LYS A CE  1 
ATOM   13   N  NZ  . LYS A 1 5   ? 5.207   -15.483 4.245   1.00 52.81 ? 3   LYS A NZ  1 
ATOM   14   N  N   . ILE A 1 6   ? 7.853   -9.295  -0.328  1.00 28.68 ? 4   ILE A N   1 
ATOM   15   C  CA  . ILE A 1 6   ? 8.429   -7.942  -0.395  1.00 26.67 ? 4   ILE A CA  1 
ATOM   16   C  C   . ILE A 1 6   ? 7.524   -7.047  0.480   1.00 22.85 ? 4   ILE A C   1 
ATOM   17   O  O   . ILE A 1 6   ? 6.270   -7.101  0.414   1.00 21.22 ? 4   ILE A O   1 
ATOM   18   C  CB  . ILE A 1 6   ? 8.394   -7.480  -1.870  1.00 27.93 ? 4   ILE A CB  1 
ATOM   19   C  CG1 . ILE A 1 6   ? 9.245   -8.414  -2.755  1.00 30.64 ? 4   ILE A CG1 1 
ATOM   20   C  CG2 . ILE A 1 6   ? 8.742   -5.992  -2.034  1.00 26.39 ? 4   ILE A CG2 1 
ATOM   21   C  CD1 . ILE A 1 6   ? 10.651  -7.992  -3.015  1.00 33.01 ? 4   ILE A CD1 1 
ATOM   22   N  N   . ALA A 1 7   ? 8.151   -6.259  1.298   1.00 23.49 ? 5   ALA A N   1 
ATOM   23   C  CA  . ALA A 1 7   ? 7.450   -5.359  2.202   1.00 23.74 ? 5   ALA A CA  1 
ATOM   24   C  C   . ALA A 1 7   ? 7.447   -3.958  1.612   1.00 21.61 ? 5   ALA A C   1 
ATOM   25   O  O   . ALA A 1 7   ? 8.471   -3.514  1.083   1.00 22.75 ? 5   ALA A O   1 
ATOM   26   C  CB  . ALA A 1 7   ? 8.138   -5.357  3.576   1.00 24.50 ? 5   ALA A CB  1 
ATOM   27   N  N   . LEU A 1 8   ? 6.311   -3.284  1.718   1.00 19.34 ? 6   LEU A N   1 
ATOM   28   C  CA  . LEU A 1 8   ? 6.173   -1.880  1.334   1.00 18.88 ? 6   LEU A CA  1 
ATOM   29   C  C   . LEU A 1 8   ? 6.154   -1.015  2.588   1.00 16.87 ? 6   LEU A C   1 
ATOM   30   O  O   . LEU A 1 8   ? 5.257   -1.141  3.443   1.00 18.15 ? 6   LEU A O   1 
ATOM   31   C  CB  . LEU A 1 8   ? 4.906   -1.695  0.468   1.00 18.61 ? 6   LEU A CB  1 
ATOM   32   C  CG  . LEU A 1 8   ? 4.482   -0.241  0.167   1.00 18.09 ? 6   LEU A CG  1 
ATOM   33   C  CD1 . LEU A 1 8   ? 5.600   0.595   -0.424  1.00 17.39 ? 6   LEU A CD1 1 
ATOM   34   C  CD2 . LEU A 1 8   ? 3.300   -0.224  -0.804  1.00 17.82 ? 6   LEU A CD2 1 
ATOM   35   N  N   . GLN A 1 9   ? 7.140   -0.144  2.693   1.00 16.52 ? 7   GLN A N   1 
ATOM   36   C  CA  . GLN A 1 9   ? 7.286   0.712   3.842   1.00 17.89 ? 7   GLN A CA  1 
ATOM   37   C  C   . GLN A 1 9   ? 6.891   2.153   3.550   1.00 17.52 ? 7   GLN A C   1 
ATOM   38   O  O   . GLN A 1 9   ? 7.252   2.684   2.498   1.00 16.47 ? 7   GLN A O   1 
ATOM   39   C  CB  . GLN A 1 9   ? 8.686   0.658   4.355   1.00 18.77 ? 7   GLN A CB  1 
ATOM   40   C  CG  . GLN A 1 9   ? 9.200   -0.753  4.589   1.00 18.98 ? 7   GLN A CG  1 
ATOM   41   C  CD  . GLN A 1 9   ? 10.360  -0.757  5.567   1.00 19.80 ? 7   GLN A CD  1 
ATOM   42   O  OE1 . GLN A 1 9   ? 11.319  0.026   5.447   1.00 22.89 ? 7   GLN A OE1 1 
ATOM   43   N  NE2 . GLN A 1 9   ? 10.201  -1.551  6.618   1.00 23.80 ? 7   GLN A NE2 1 
ATOM   44   N  N   . LEU A 1 10  ? 6.110   2.747   4.450   1.00 16.12 ? 8   LEU A N   1 
ATOM   45   C  CA  . LEU A 1 10  ? 5.708   4.148   4.300   1.00 16.69 ? 8   LEU A CA  1 
ATOM   46   C  C   . LEU A 1 10  ? 6.489   5.003   5.290   1.00 17.94 ? 8   LEU A C   1 
ATOM   47   O  O   . LEU A 1 10  ? 6.852   4.494   6.365   1.00 18.98 ? 8   LEU A O   1 
ATOM   48   C  CB  . LEU A 1 10  ? 4.239   4.222   4.661   1.00 16.04 ? 8   LEU A CB  1 
ATOM   49   C  CG  . LEU A 1 10  ? 3.515   5.500   4.209   1.00 16.85 ? 8   LEU A CG  1 
ATOM   50   C  CD1 . LEU A 1 10  ? 3.302   5.432   2.709   1.00 17.44 ? 8   LEU A CD1 1 
ATOM   51   C  CD2 . LEU A 1 10  ? 2.206   5.731   4.887   1.00 18.14 ? 8   LEU A CD2 1 
ATOM   52   N  N   . LYS A 1 11  ? 6.648   6.288   5.003   1.00 16.38 ? 9   LYS A N   1 
ATOM   53   C  CA  . LYS A 1 11  ? 7.124   7.289   5.963   1.00 17.42 ? 9   LYS A CA  1 
ATOM   54   C  C   . LYS A 1 11  ? 6.336   8.562   5.724   1.00 17.70 ? 9   LYS A C   1 
ATOM   55   O  O   . LYS A 1 11  ? 6.103   8.923   4.545   1.00 16.68 ? 9   LYS A O   1 
ATOM   56   C  CB  . LYS A 1 11  ? 8.641   7.579   5.728   1.00 18.65 ? 9   LYS A CB  1 
ATOM   57   C  CG  . LYS A 1 11  ? 9.251   8.585   6.705   1.00 24.20 ? 9   LYS A CG  1 
ATOM   58   C  CD  . LYS A 1 11  ? 10.631  9.062   6.330   1.00 25.78 ? 9   LYS A CD  1 
ATOM   59   C  CE  . LYS A 1 11  ? 11.632  7.947   6.452   1.00 30.65 ? 9   LYS A CE  1 
ATOM   60   N  NZ  . LYS A 1 11  ? 12.882  8.485   5.867   1.00 35.12 ? 9   LYS A NZ  1 
ATOM   61   N  N   . ALA A 1 12  ? 6.018   9.288   6.791   1.00 14.85 ? 10  ALA A N   1 
ATOM   62   C  CA  . ALA A 1 12  ? 5.384   10.552  6.691   1.00 14.82 ? 10  ALA A CA  1 
ATOM   63   C  C   . ALA A 1 12  ? 5.559   11.352  7.951   1.00 16.69 ? 10  ALA A C   1 
ATOM   64   O  O   . ALA A 1 12  ? 5.852   10.798  8.993   1.00 16.21 ? 10  ALA A O   1 
ATOM   65   C  CB  . ALA A 1 12  ? 3.888   10.385  6.387   1.00 15.03 ? 10  ALA A CB  1 
ATOM   66   N  N   . THR A 1 13  ? 5.332   12.651  7.844   1.00 16.11 ? 11  THR A N   1 
ATOM   67   C  CA  . THR A 1 13  ? 5.396   13.586  8.930   1.00 19.14 ? 11  THR A CA  1 
ATOM   68   C  C   . THR A 1 13  ? 3.964   13.851  9.326   1.00 22.41 ? 11  THR A C   1 
ATOM   69   O  O   . THR A 1 13  ? 3.114   14.280  8.501   1.00 21.11 ? 11  THR A O   1 
ATOM   70   C  CB  . THR A 1 13  ? 6.151   14.846  8.480   1.00 21.08 ? 11  THR A CB  1 
ATOM   71   O  OG1 . THR A 1 13  ? 7.481   14.481  8.112   1.00 21.15 ? 11  THR A OG1 1 
ATOM   72   C  CG2 . THR A 1 13  ? 6.151   15.916  9.505   1.00 21.34 ? 11  THR A CG2 1 
ATOM   73   N  N   . LEU A 1 14  ? 3.645   13.505  10.571  1.00 21.33 ? 12  LEU A N   1 
ATOM   74   C  CA  . LEU A 1 14  ? 2.281   13.429  11.084  1.00 20.69 ? 12  LEU A CA  1 
ATOM   75   C  C   . LEU A 1 14  ? 1.950   14.617  12.004  1.00 22.00 ? 12  LEU A C   1 
ATOM   76   O  O   . LEU A 1 14  ? 2.805   15.042  12.843  1.00 22.41 ? 12  LEU A O   1 
ATOM   77   C  CB  . LEU A 1 14  ? 2.102   12.132  11.891  1.00 22.44 ? 12  LEU A CB  1 
ATOM   78   C  CG  . LEU A 1 14  ? 2.290   10.821  11.159  1.00 23.24 ? 12  LEU A CG  1 
ATOM   79   C  CD1 . LEU A 1 14  ? 2.173   9.582   12.040  1.00 22.76 ? 12  LEU A CD1 1 
ATOM   80   C  CD2 . LEU A 1 14  ? 1.361   10.706  9.968   1.00 21.85 ? 12  LEU A CD2 1 
ATOM   81   N  N   . GLU A 1 15  ? 0.734   15.130  11.885  1.00 18.99 ? 13  GLU A N   1 
ATOM   82   C  CA  . GLU A 1 15  ? 0.225   16.231  12.755  1.00 20.45 ? 13  GLU A CA  1 
ATOM   83   C  C   . GLU A 1 15  ? -1.055  15.785  13.380  1.00 20.55 ? 13  GLU A C   1 
ATOM   84   O  O   . GLU A 1 15  ? -2.125  15.740  12.712  1.00 15.19 ? 13  GLU A O   1 
ATOM   85   C  CB  . GLU A 1 15  ? -0.018  17.521  12.004  1.00 19.89 ? 13  GLU A CB  1 
ATOM   86   C  CG  . GLU A 1 15  ? -0.680  18.653  12.793  1.00 21.02 ? 13  GLU A CG  1 
ATOM   87   C  CD  . GLU A 1 15  ? -1.116  19.837  11.940  1.00 26.02 ? 13  GLU A CD  1 
ATOM   88   O  OE1 . GLU A 1 15  ? -1.562  19.602  10.756  1.00 29.00 ? 13  GLU A OE1 1 
ATOM   89   O  OE2 . GLU A 1 15  ? -1.028  21.044  12.390  1.00 26.29 ? 13  GLU A OE2 1 
ATOM   90   N  N   . ASN A 1 16  ? -0.963  15.426  14.682  1.00 19.90 ? 14  ASN A N   1 
ATOM   91   C  CA  . ASN A 1 16  ? -2.148  15.093  15.471  1.00 19.19 ? 14  ASN A CA  1 
ATOM   92   C  C   . ASN A 1 16  ? -2.950  13.909  14.964  1.00 18.67 ? 14  ASN A C   1 
ATOM   93   O  O   . ASN A 1 16  ? -4.163  13.844  15.140  1.00 20.23 ? 14  ASN A O   1 
ATOM   94   C  CB  . ASN A 1 16  ? -3.042  16.332  15.667  1.00 20.16 ? 14  ASN A CB  1 
ATOM   95   C  CG  . ASN A 1 16  ? -2.307  17.478  16.338  1.00 24.02 ? 14  ASN A CG  1 
ATOM   96   O  OD1 . ASN A 1 16  ? -1.426  17.242  17.181  1.00 20.89 ? 14  ASN A OD1 1 
ATOM   97   N  ND2 . ASN A 1 16  ? -2.586  18.710  15.904  1.00 20.60 ? 14  ASN A ND2 1 
ATOM   98   N  N   . ILE A 1 17  ? -2.271  12.982  14.319  1.00 17.71 ? 15  ILE A N   1 
ATOM   99   C  CA  . ILE A 1 17  ? -2.848  11.912  13.614  1.00 19.45 ? 15  ILE A CA  1 
ATOM   100  C  C   . ILE A 1 17  ? -2.244  10.592  14.039  1.00 16.87 ? 15  ILE A C   1 
ATOM   101  O  O   . ILE A 1 17  ? -1.083  10.499  14.240  1.00 18.64 ? 15  ILE A O   1 
ATOM   102  C  CB  . ILE A 1 17  ? -2.557  12.124  12.049  1.00 21.32 ? 15  ILE A CB  1 
ATOM   103  C  CG1 . ILE A 1 17  ? -3.659  12.965  11.467  1.00 22.28 ? 15  ILE A CG1 1 
ATOM   104  C  CG2 . ILE A 1 17  ? -2.505  10.825  11.297  1.00 22.95 ? 15  ILE A CG2 1 
ATOM   105  C  CD1 . ILE A 1 17  ? -5.077  12.391  11.467  1.00 21.53 ? 15  ILE A CD1 1 
ATOM   106  N  N   . THR A 1 18  ? -3.055  9.567   14.066  1.00 16.48 ? 16  THR A N   1 
ATOM   107  C  CA  . THR A 1 18  ? -2.578  8.231   14.206  1.00 18.63 ? 16  THR A CA  1 
ATOM   108  C  C   . THR A 1 18  ? -3.483  7.248   13.508  1.00 17.08 ? 16  THR A C   1 
ATOM   109  O  O   . THR A 1 18  ? -4.489  7.623   12.967  1.00 16.40 ? 16  THR A O   1 
ATOM   110  C  CB  . THR A 1 18  ? -2.495  7.912   15.728  1.00 20.40 ? 16  THR A CB  1 
ATOM   111  O  OG1 . THR A 1 18  ? -1.590  6.830   15.938  1.00 20.47 ? 16  THR A OG1 1 
ATOM   112  C  CG2 . THR A 1 18  ? -3.836  7.668   16.278  1.00 21.17 ? 16  THR A CG2 1 
ATOM   113  N  N   . ASN A 1 19  ? -3.125  5.965   13.571  1.00 18.25 ? 17  ASN A N   1 
ATOM   114  C  CA  . ASN A 1 19  ? -3.922  4.880   13.010  1.00 18.07 ? 17  ASN A CA  1 
ATOM   115  C  C   . ASN A 1 19  ? -4.196  5.022   11.473  1.00 18.13 ? 17  ASN A C   1 
ATOM   116  O  O   . ASN A 1 19  ? -5.294  4.724   10.980  1.00 18.81 ? 17  ASN A O   1 
ATOM   117  C  CB  . ASN A 1 19  ? -5.239  4.664   13.779  1.00 19.09 ? 17  ASN A CB  1 
ATOM   118  C  CG  . ASN A 1 19  ? -5.810  3.306   13.542  1.00 19.68 ? 17  ASN A CG  1 
ATOM   119  O  OD1 . ASN A 1 19  ? -5.087  2.366   13.304  1.00 21.86 ? 17  ASN A OD1 1 
ATOM   120  N  ND2 . ASN A 1 19  ? -7.098  3.173   13.663  1.00 25.55 ? 17  ASN A ND2 1 
ATOM   121  N  N   . LEU A 1 20  ? -3.185  5.491   10.750  1.00 17.15 ? 18  LEU A N   1 
ATOM   122  C  CA  . LEU A 1 20  ? -3.335  5.767   9.299   1.00 16.16 ? 18  LEU A CA  1 
ATOM   123  C  C   . LEU A 1 20  ? -3.200  4.485   8.610   1.00 14.43 ? 18  LEU A C   1 
ATOM   124  O  O   . LEU A 1 20  ? -2.179  3.803   8.783   1.00 16.27 ? 18  LEU A O   1 
ATOM   125  C  CB  . LEU A 1 20  ? -2.234  6.756   8.882   1.00 15.86 ? 18  LEU A CB  1 
ATOM   126  C  CG  . LEU A 1 20  ? -2.070  6.909   7.350   1.00 14.51 ? 18  LEU A CG  1 
ATOM   127  C  CD1 . LEU A 1 20  ? -3.317  7.359   6.706   1.00 14.12 ? 18  LEU A CD1 1 
ATOM   128  C  CD2 . LEU A 1 20  ? -0.910  7.855   7.152   1.00 15.07 ? 18  LEU A CD2 1 
ATOM   129  N  N   . ARG A 1 21  ? -4.204  4.074   7.861   1.00 15.80 ? 19  ARG A N   1 
ATOM   130  C  CA  . ARG A 1 21  ? -4.169  2.760   7.306   1.00 17.45 ? 19  ARG A CA  1 
ATOM   131  C  C   . ARG A 1 21  ? -5.054  2.642   6.087   1.00 15.89 ? 19  ARG A C   1 
ATOM   132  O  O   . ARG A 1 21  ? -5.993  3.381   5.952   1.00 17.54 ? 19  ARG A O   1 
ATOM   133  C  CB  . ARG A 1 21  ? -4.597  1.749   8.364   1.00 19.42 ? 19  ARG A CB  1 
ATOM   134  C  CG  . ARG A 1 21  ? -6.063  1.876   8.698   1.00 19.61 ? 19  ARG A CG  1 
ATOM   135  C  CD  . ARG A 1 21  ? -6.402  1.617   10.164  1.00 23.69 ? 19  ARG A CD  1 
ATOM   136  N  NE  . ARG A 1 21  ? -7.835  1.653   10.328  1.00 21.53 ? 19  ARG A NE  1 
ATOM   137  C  CZ  . ARG A 1 21  ? -8.555  2.741   10.587  1.00 23.60 ? 19  ARG A CZ  1 
ATOM   138  N  NH1 . ARG A 1 21  ? -7.999  3.938   10.725  1.00 24.07 ? 19  ARG A NH1 1 
ATOM   139  N  NH2 . ARG A 1 21  ? -9.868  2.622   10.659  1.00 21.80 ? 19  ARG A NH2 1 
ATOM   140  N  N   . PRO A 1 22  ? -4.756  1.698   5.193   1.00 17.38 ? 20  PRO A N   1 
ATOM   141  C  CA  . PRO A 1 22  ? -5.646  1.364   4.070   1.00 17.67 ? 20  PRO A CA  1 
ATOM   142  C  C   . PRO A 1 22  ? -6.911  0.662   4.620   1.00 18.09 ? 20  PRO A C   1 
ATOM   143  O  O   . PRO A 1 22  ? -6.800  -0.030  5.556   1.00 20.12 ? 20  PRO A O   1 
ATOM   144  C  CB  . PRO A 1 22  ? -4.864  0.353   3.268   1.00 18.58 ? 20  PRO A CB  1 
ATOM   145  C  CG  . PRO A 1 22  ? -3.583  0.188   3.920   1.00 19.96 ? 20  PRO A CG  1 
ATOM   146  C  CD  . PRO A 1 22  ? -3.554  0.848   5.222   1.00 19.18 ? 20  PRO A CD  1 
ATOM   147  N  N   . VAL A 1 23  ? -8.056  0.919   4.077   1.00 18.31 ? 21  VAL A N   1 
ATOM   148  C  CA  . VAL A 1 23  ? -9.261  0.316   4.571   1.00 18.86 ? 21  VAL A CA  1 
ATOM   149  C  C   . VAL A 1 23  ? -10.055 -0.196  3.435   1.00 18.18 ? 21  VAL A C   1 
ATOM   150  O  O   . VAL A 1 23  ? -10.246 0.495   2.456   1.00 19.44 ? 21  VAL A O   1 
ATOM   151  C  CB  . VAL A 1 23  ? -10.099 1.325   5.399   1.00 21.07 ? 21  VAL A CB  1 
ATOM   152  C  CG1 . VAL A 1 23  ? -11.447 0.730   5.734   1.00 27.92 ? 21  VAL A CG1 1 
ATOM   153  C  CG2 . VAL A 1 23  ? -9.415  1.592   6.704   1.00 20.76 ? 21  VAL A CG2 1 
ATOM   154  N  N   . GLY A 1 24  ? -10.617 -1.399  3.595   1.00 19.82 ? 22  GLY A N   1 
ATOM   155  C  CA  . GLY A 1 24  ? -11.571 -1.916  2.657   1.00 18.35 ? 22  GLY A CA  1 
ATOM   156  C  C   . GLY A 1 24  ? -10.926 -2.929  1.722   1.00 22.95 ? 22  GLY A C   1 
ATOM   157  O  O   . GLY A 1 24  ? -9.747  -2.748  1.272   1.00 21.42 ? 22  GLY A O   1 
ATOM   158  N  N   . GLU A 1 25  ? -11.723 -3.922  1.349   1.00 23.38 ? 23  GLU A N   1 
ATOM   159  C  CA  . GLU A 1 25  ? -11.347 -4.933  0.329   1.00 27.81 ? 23  GLU A CA  1 
ATOM   160  C  C   . GLU A 1 25  ? -11.100 -4.327  -1.045  1.00 24.82 ? 23  GLU A C   1 
ATOM   161  O  O   . GLU A 1 25  ? -10.407 -4.926  -1.886  1.00 21.82 ? 23  GLU A O   1 
ATOM   162  C  CB  . GLU A 1 25  ? -12.454 -6.010  0.177   1.00 33.44 ? 23  GLU A CB  1 
ATOM   163  C  CG  . GLU A 1 25  ? -12.606 -6.922  1.410   1.00 39.29 ? 23  GLU A CG  1 
ATOM   164  C  CD  . GLU A 1 25  ? -11.553 -8.026  1.548   1.00 44.86 ? 23  GLU A CD  1 
ATOM   165  O  OE1 . GLU A 1 25  ? -11.431 -8.903  0.645   1.00 48.07 ? 23  GLU A OE1 1 
ATOM   166  O  OE2 . GLU A 1 25  ? -10.859 -8.041  2.604   1.00 52.54 ? 23  GLU A OE2 1 
ATOM   167  N  N   . ASP A 1 26  ? -11.725 -3.183  -1.306  1.00 22.47 ? 24  ASP A N   1 
ATOM   168  C  CA  . ASP A 1 26  ? -11.549 -2.538  -2.588  1.00 21.29 ? 24  ASP A CA  1 
ATOM   169  C  C   . ASP A 1 26  ? -10.360 -1.508  -2.624  1.00 21.01 ? 24  ASP A C   1 
ATOM   170  O  O   . ASP A 1 26  ? -10.273 -0.753  -3.576  1.00 21.81 ? 24  ASP A O   1 
ATOM   171  C  CB  . ASP A 1 26  ? -12.841 -1.866  -3.008  1.00 21.51 ? 24  ASP A CB  1 
ATOM   172  C  CG  . ASP A 1 26  ? -13.221 -0.683  -2.126  1.00 22.19 ? 24  ASP A CG  1 
ATOM   173  O  OD1 . ASP A 1 26  ? -12.587 -0.436  -1.044  1.00 22.08 ? 24  ASP A OD1 1 
ATOM   174  O  OD2 . ASP A 1 26  ? -14.180 -0.028  -2.539  1.00 22.12 ? 24  ASP A OD2 1 
ATOM   175  N  N   . PHE A 1 27  ? -9.585  -1.419  -1.541  1.00 18.39 ? 25  PHE A N   1 
ATOM   176  C  CA  . PHE A 1 27  ? -8.461  -0.525  -1.466  1.00 16.65 ? 25  PHE A CA  1 
ATOM   177  C  C   . PHE A 1 27  ? -7.514  -0.860  -2.653  1.00 16.24 ? 25  PHE A C   1 
ATOM   178  O  O   . PHE A 1 27  ? -7.281  -2.030  -2.962  1.00 16.17 ? 25  PHE A O   1 
ATOM   179  C  CB  . PHE A 1 27  ? -7.699  -0.638  -0.138  1.00 15.51 ? 25  PHE A CB  1 
ATOM   180  C  CG  . PHE A 1 27  ? -6.525  0.292   -0.070  1.00 13.95 ? 25  PHE A CG  1 
ATOM   181  C  CD1 . PHE A 1 27  ? -6.690  1.609   0.347   1.00 14.43 ? 25  PHE A CD1 1 
ATOM   182  C  CD2 . PHE A 1 27  ? -5.259  -0.132  -0.510  1.00 15.17 ? 25  PHE A CD2 1 
ATOM   183  C  CE1 . PHE A 1 27  ? -5.604  2.473   0.398   1.00 14.51 ? 25  PHE A CE1 1 
ATOM   184  C  CE2 . PHE A 1 27  ? -4.189  0.749   -0.487  1.00 14.91 ? 25  PHE A CE2 1 
ATOM   185  C  CZ  . PHE A 1 27  ? -4.369  2.043   -0.069  1.00 14.74 ? 25  PHE A CZ  1 
ATOM   186  N  N   . ARG A 1 28  ? -7.123  0.189   -3.366  1.00 16.80 ? 26  ARG A N   1 
ATOM   187  C  CA  . ARG A 1 28  ? -6.214  0.097   -4.556  1.00 15.77 ? 26  ARG A CA  1 
ATOM   188  C  C   . ARG A 1 28  ? -4.768  0.382   -4.206  1.00 15.18 ? 26  ARG A C   1 
ATOM   189  O  O   . ARG A 1 28  ? -4.369  1.495   -3.845  1.00 13.94 ? 26  ARG A O   1 
ATOM   190  C  CB  . ARG A 1 28  ? -6.670  1.035   -5.657  1.00 16.92 ? 26  ARG A CB  1 
ATOM   191  C  CG  . ARG A 1 28  ? -8.096  0.742   -6.088  1.00 18.33 ? 26  ARG A CG  1 
ATOM   192  C  CD  . ARG A 1 28  ? -8.391  1.532   -7.346  1.00 20.67 ? 26  ARG A CD  1 
ATOM   193  N  NE  . ARG A 1 28  ? -9.748  1.319   -7.810  1.00 22.47 ? 26  ARG A NE  1 
ATOM   194  C  CZ  . ARG A 1 28  ? -10.274 1.883   -8.894  1.00 26.38 ? 26  ARG A CZ  1 
ATOM   195  N  NH1 . ARG A 1 28  ? -9.563  2.693   -9.698  1.00 26.37 ? 26  ARG A NH1 1 
ATOM   196  N  NH2 . ARG A 1 28  ? -11.537 1.643   -9.179  1.00 27.53 ? 26  ARG A NH2 1 
ATOM   197  N  N   . TRP A 1 29  ? -3.966  -0.662  -4.339  1.00 15.64 ? 27  TRP A N   1 
ATOM   198  C  CA  . TRP A 1 29  ? -2.529  -0.570  -4.295  1.00 13.91 ? 27  TRP A CA  1 
ATOM   199  C  C   . TRP A 1 29  ? -2.044  -0.297  -5.755  1.00 15.27 ? 27  TRP A C   1 
ATOM   200  O  O   . TRP A 1 29  ? -1.970  -1.240  -6.583  1.00 15.20 ? 27  TRP A O   1 
ATOM   201  C  CB  . TRP A 1 29  ? -1.919  -1.873  -3.758  1.00 14.21 ? 27  TRP A CB  1 
ATOM   202  C  CG  . TRP A 1 29  ? -2.278  -2.190  -2.380  1.00 15.39 ? 27  TRP A CG  1 
ATOM   203  C  CD1 . TRP A 1 29  ? -3.278  -3.018  -1.976  1.00 16.82 ? 27  TRP A CD1 1 
ATOM   204  C  CD2 . TRP A 1 29  ? -1.707  -1.646  -1.208  1.00 14.08 ? 27  TRP A CD2 1 
ATOM   205  N  NE1 . TRP A 1 29  ? -3.300  -3.100  -0.607  1.00 17.01 ? 27  TRP A NE1 1 
ATOM   206  C  CE2 . TRP A 1 29  ? -2.372  -2.217  -0.116  1.00 15.34 ? 27  TRP A CE2 1 
ATOM   207  C  CE3 . TRP A 1 29  ? -0.684  -0.731  -0.965  1.00 15.01 ? 27  TRP A CE3 1 
ATOM   208  C  CZ2 . TRP A 1 29  ? -2.084  -1.869  1.167   1.00 14.51 ? 27  TRP A CZ2 1 
ATOM   209  C  CZ3 . TRP A 1 29  ? -0.388  -0.388  0.299   1.00 14.09 ? 27  TRP A CZ3 1 
ATOM   210  C  CH2 . TRP A 1 29  ? -1.045  -1.009  1.375   1.00 15.34 ? 27  TRP A CH2 1 
ATOM   211  N  N   . TYR A 1 30  ? -1.699  0.961   -6.058  1.00 13.90 ? 28  TYR A N   1 
ATOM   212  C  CA  . TYR A 1 30  ? -1.170  1.309   -7.392  1.00 14.12 ? 28  TYR A CA  1 
ATOM   213  C  C   . TYR A 1 30  ? 0.357   1.098   -7.419  1.00 14.71 ? 28  TYR A C   1 
ATOM   214  O  O   . TYR A 1 30  ? 1.087   1.713   -6.643  1.00 14.70 ? 28  TYR A O   1 
ATOM   215  C  CB  . TYR A 1 30  ? -1.462  2.725   -7.813  1.00 14.57 ? 28  TYR A CB  1 
ATOM   216  C  CG  . TYR A 1 30  ? -2.864  2.960   -8.248  1.00 14.45 ? 28  TYR A CG  1 
ATOM   217  C  CD1 . TYR A 1 30  ? -3.851  3.175   -7.332  1.00 14.79 ? 28  TYR A CD1 1 
ATOM   218  C  CD2 . TYR A 1 30  ? -3.192  3.026   -9.601  1.00 16.11 ? 28  TYR A CD2 1 
ATOM   219  C  CE1 . TYR A 1 30  ? -5.132  3.417   -7.725  1.00 14.39 ? 28  TYR A CE1 1 
ATOM   220  C  CE2 . TYR A 1 30  ? -4.466  3.264   -10.005 1.00 15.50 ? 28  TYR A CE2 1 
ATOM   221  C  CZ  . TYR A 1 30  ? -5.434  3.439   -9.058  1.00 15.09 ? 28  TYR A CZ  1 
ATOM   222  O  OH  . TYR A 1 30  ? -6.748  3.676   -9.512  1.00 17.55 ? 28  TYR A OH  1 
ATOM   223  N  N   . LEU A 1 31  ? 0.806   0.255   -8.352  1.00 14.70 ? 29  LEU A N   1 
ATOM   224  C  CA  . LEU A 1 31  ? 2.172   -0.248  -8.351  1.00 15.57 ? 29  LEU A CA  1 
ATOM   225  C  C   . LEU A 1 31  ? 2.714   -0.262  -9.752  1.00 15.19 ? 29  LEU A C   1 
ATOM   226  O  O   . LEU A 1 31  ? 1.934   -0.394  -10.736 1.00 14.18 ? 29  LEU A O   1 
ATOM   227  C  CB  . LEU A 1 31  ? 2.213   -1.692  -7.790  1.00 15.90 ? 29  LEU A CB  1 
ATOM   228  C  CG  . LEU A 1 31  ? 1.689   -1.928  -6.348  1.00 15.94 ? 29  LEU A CG  1 
ATOM   229  C  CD1 . LEU A 1 31  ? 1.539   -3.444  -6.039  1.00 17.84 ? 29  LEU A CD1 1 
ATOM   230  C  CD2 . LEU A 1 31  ? 2.628   -1.291  -5.360  1.00 16.22 ? 29  LEU A CD2 1 
ATOM   231  N  N   . LYS A 1 32  ? 4.033   -0.225  -9.810  1.00 15.80 ? 30  LYS A N   1 
ATOM   232  C  CA  . LYS A 1 32  ? 4.786   -0.638  -11.006 1.00 18.10 ? 30  LYS A CA  1 
ATOM   233  C  C   . LYS A 1 32  ? 5.483   -1.911  -10.613 1.00 18.96 ? 30  LYS A C   1 
ATOM   234  O  O   . LYS A 1 32  ? 5.961   -2.042  -9.493  1.00 18.81 ? 30  LYS A O   1 
ATOM   235  C  CB  . LYS A 1 32  ? 5.840   0.382   -11.363 1.00 18.84 ? 30  LYS A CB  1 
ATOM   236  C  CG  . LYS A 1 32  ? 5.329   1.757   -11.798 1.00 21.72 ? 30  LYS A CG  1 
ATOM   237  C  CD  . LYS A 1 32  ? 5.068   1.886   -13.285 1.00 23.05 ? 30  LYS A CD  1 
ATOM   238  C  CE  . LYS A 1 32  ? 4.536   3.253   -13.678 1.00 23.43 ? 30  LYS A CE  1 
ATOM   239  N  NZ  . LYS A 1 32  ? 5.644   4.181   -13.954 1.00 26.81 ? 30  LYS A NZ  1 
ATOM   240  N  N   . MET A 1 33  ? 5.477   -2.829  -11.538 1.00 21.62 ? 31  MET A N   1 
ATOM   241  C  CA  . MET A 1 33  ? 5.903   -4.207  -11.343 1.00 22.58 ? 31  MET A CA  1 
ATOM   242  C  C   . MET A 1 33  ? 6.962   -4.626  -12.388 1.00 21.49 ? 31  MET A C   1 
ATOM   243  O  O   . MET A 1 33  ? 6.893   -4.212  -13.544 1.00 19.90 ? 31  MET A O   1 
ATOM   244  C  CB  . MET A 1 33  ? 4.689   -5.033  -11.388 1.00 27.64 ? 31  MET A CB  1 
ATOM   245  C  CG  . MET A 1 33  ? 4.092   -4.868  -9.951  1.00 28.60 ? 31  MET A CG  1 
ATOM   246  S  SD  . MET A 1 33  ? 2.592   -5.580  -9.800  1.00 31.42 ? 31  MET A SD  1 
ATOM   247  C  CE  . MET A 1 33  ? 1.547   -4.478  -10.709 1.00 39.93 ? 31  MET A CE  1 
ATOM   248  N  N   . LYS A 1 34  ? 7.914   -5.423  -11.928 1.00 19.21 ? 32  LYS A N   1 
ATOM   249  C  CA  . LYS A 1 34  ? 9.059   -5.853  -12.686 1.00 23.35 ? 32  LYS A CA  1 
ATOM   250  C  C   . LYS A 1 34  ? 9.081   -7.380  -12.778 1.00 23.00 ? 32  LYS A C   1 
ATOM   251  O  O   . LYS A 1 34  ? 9.066   -8.077  -11.752 1.00 19.06 ? 32  LYS A O   1 
ATOM   252  C  CB  . LYS A 1 34  ? 10.313  -5.418  -11.929 1.00 25.96 ? 32  LYS A CB  1 
ATOM   253  C  CG  . LYS A 1 34  ? 11.647  -5.701  -12.602 1.00 30.62 ? 32  LYS A CG  1 
ATOM   254  C  CD  . LYS A 1 34  ? 12.727  -5.679  -11.522 1.00 36.42 ? 32  LYS A CD  1 
ATOM   255  C  CE  . LYS A 1 34  ? 14.091  -6.011  -12.043 1.00 44.41 ? 32  LYS A CE  1 
ATOM   256  N  NZ  . LYS A 1 34  ? 14.399  -5.060  -13.153 1.00 50.19 ? 32  LYS A NZ  1 
ATOM   257  N  N   . CYS A 1 35  ? 9.114   -7.891  -14.004 1.00 23.22 ? 33  CYS A N   1 
ATOM   258  C  CA  . CYS A 1 35  ? 9.265   -9.332  -14.244 1.00 21.12 ? 33  CYS A CA  1 
ATOM   259  C  C   . CYS A 1 35  ? 10.679  -9.751  -13.832 1.00 19.51 ? 33  CYS A C   1 
ATOM   260  O  O   . CYS A 1 35  ? 11.656  -9.217  -14.347 1.00 22.43 ? 33  CYS A O   1 
ATOM   261  C  CB  . CYS A 1 35  ? 9.037   -9.651  -15.728 1.00 22.87 ? 33  CYS A CB  1 
ATOM   262  S  SG  . CYS A 1 35  ? 9.256   -11.405 -16.100 1.00 21.42 ? 33  CYS A SG  1 
ATOM   263  N  N   . GLY A 1 36  ? 10.776  -10.683 -12.910 1.00 18.48 ? 34  GLY A N   1 
ATOM   264  C  CA  . GLY A 1 36  ? 12.091  -11.181 -12.430 1.00 23.04 ? 34  GLY A CA  1 
ATOM   265  C  C   . GLY A 1 36  ? 12.863  -12.029 -13.478 1.00 24.52 ? 34  GLY A C   1 
ATOM   266  O  O   . GLY A 1 36  ? 14.111  -12.138 -13.419 1.00 28.34 ? 34  GLY A O   1 
ATOM   267  N  N   . ASN A 1 37  ? 12.166  -12.556 -14.466 1.00 22.30 ? 35  ASN A N   1 
ATOM   268  C  CA  . ASN A 1 37  ? 12.815  -13.321 -15.592 1.00 23.08 ? 35  ASN A CA  1 
ATOM   269  C  C   . ASN A 1 37  ? 13.561  -12.453 -16.611 1.00 23.95 ? 35  ASN A C   1 
ATOM   270  O  O   . ASN A 1 37  ? 14.694  -12.800 -17.040 1.00 26.31 ? 35  ASN A O   1 
ATOM   271  C  CB  . ASN A 1 37  ? 11.732  -14.197 -16.268 1.00 22.54 ? 35  ASN A CB  1 
ATOM   272  C  CG  . ASN A 1 37  ? 12.302  -15.301 -17.165 1.00 22.06 ? 35  ASN A CG  1 
ATOM   273  O  OD1 . ASN A 1 37  ? 13.309  -15.936 -16.840 1.00 21.00 ? 35  ASN A OD1 1 
ATOM   274  N  ND2 . ASN A 1 37  ? 11.703  -15.465 -18.327 1.00 20.42 ? 35  ASN A ND2 1 
ATOM   275  N  N   . CYS A 1 38  ? 12.965  -11.322 -17.025 1.00 21.53 ? 36  CYS A N   1 
ATOM   276  C  CA  . CYS A 1 38  ? 13.465  -10.582 -18.144 1.00 20.78 ? 36  CYS A CA  1 
ATOM   277  C  C   . CYS A 1 38  ? 13.719  -9.118  -17.880 1.00 23.56 ? 36  CYS A C   1 
ATOM   278  O  O   . CYS A 1 38  ? 14.291  -8.438  -18.745 1.00 20.84 ? 36  CYS A O   1 
ATOM   279  C  CB  . CYS A 1 38  ? 12.512  -10.773 -19.297 1.00 21.82 ? 36  CYS A CB  1 
ATOM   280  S  SG  . CYS A 1 38  ? 10.910  -9.902  -19.123 1.00 22.24 ? 36  CYS A SG  1 
ATOM   281  N  N   . GLY A 1 39  ? 13.369  -8.653  -16.661 1.00 23.30 ? 37  GLY A N   1 
ATOM   282  C  CA  . GLY A 1 39  ? 13.471  -7.237  -16.241 1.00 23.14 ? 37  GLY A CA  1 
ATOM   283  C  C   . GLY A 1 39  ? 12.438  -6.288  -16.794 1.00 24.95 ? 37  GLY A C   1 
ATOM   284  O  O   . GLY A 1 39  ? 12.552  -5.099  -16.587 1.00 26.56 ? 37  GLY A O   1 
ATOM   285  N  N   . GLU A 1 40  ? 11.410  -6.785  -17.474 1.00 25.21 ? 38  GLU A N   1 
ATOM   286  C  CA  . GLU A 1 40  ? 10.422  -5.913  -18.072 1.00 28.31 ? 38  GLU A CA  1 
ATOM   287  C  C   . GLU A 1 40  ? 9.665   -5.150  -16.923 1.00 28.58 ? 38  GLU A C   1 
ATOM   288  O  O   . GLU A 1 40  ? 9.245   -5.775  -15.954 1.00 21.86 ? 38  GLU A O   1 
ATOM   289  C  CB  . GLU A 1 40  ? 9.428   -6.748  -18.876 1.00 30.99 ? 38  GLU A CB  1 
ATOM   290  C  CG  . GLU A 1 40  ? 8.228   -6.031  -19.516 1.00 31.31 ? 38  GLU A CG  1 
ATOM   291  C  CD  . GLU A 1 40  ? 8.641   -4.975  -20.538 1.00 41.00 ? 38  GLU A CD  1 
ATOM   292  O  OE1 . GLU A 1 40  ? 9.853   -4.688  -20.708 1.00 46.05 ? 38  GLU A OE1 1 
ATOM   293  O  OE2 . GLU A 1 40  ? 7.730   -4.415  -21.185 1.00 43.49 ? 38  GLU A OE2 1 
ATOM   294  N  N   . ILE A 1 41  ? 9.538   -3.837  -17.069 1.00 28.15 ? 39  ILE A N   1 
ATOM   295  C  CA  . ILE A 1 41  ? 8.672   -3.027  -16.207 1.00 28.43 ? 39  ILE A CA  1 
ATOM   296  C  C   . ILE A 1 41  ? 7.633   -2.335  -17.070 1.00 28.62 ? 39  ILE A C   1 
ATOM   297  O  O   . ILE A 1 41  ? 7.966   -1.441  -17.853 1.00 30.55 ? 39  ILE A O   1 
ATOM   298  C  CB  . ILE A 1 41  ? 9.464   -1.990  -15.412 1.00 30.59 ? 39  ILE A CB  1 
ATOM   299  C  CG1 . ILE A 1 41  ? 10.560  -2.669  -14.553 1.00 28.95 ? 39  ILE A CG1 1 
ATOM   300  C  CG2 . ILE A 1 41  ? 8.498   -1.196  -14.507 1.00 30.43 ? 39  ILE A CG2 1 
ATOM   301  C  CD1 . ILE A 1 41  ? 11.623  -1.710  -14.038 1.00 30.86 ? 39  ILE A CD1 1 
ATOM   302  N  N   . SER A 1 42  ? 6.370   -2.698  -16.918 1.00 33.60 ? 40  SER A N   1 
ATOM   303  C  CA  . SER A 1 42  ? 5.308   -2.002  -17.692 1.00 37.32 ? 40  SER A CA  1 
ATOM   304  C  C   . SER A 1 42  ? 5.357   -0.504  -17.401 1.00 31.63 ? 40  SER A C   1 
ATOM   305  O  O   . SER A 1 42  ? 5.771   -0.068  -16.314 1.00 22.44 ? 40  SER A O   1 
ATOM   306  C  CB  . SER A 1 42  ? 3.887   -2.547  -17.421 1.00 37.72 ? 40  SER A CB  1 
ATOM   307  O  OG  . SER A 1 42  ? 2.904   -1.850  -18.204 1.00 41.75 ? 40  SER A OG  1 
ATOM   308  N  N   . ASP A 1 43  ? 4.999   0.258   -18.426 1.00 33.77 ? 41  ASP A N   1 
ATOM   309  C  CA  . ASP A 1 43  ? 4.908   1.702   -18.331 1.00 38.23 ? 41  ASP A CA  1 
ATOM   310  C  C   . ASP A 1 43  ? 3.734   2.128   -17.470 1.00 30.65 ? 41  ASP A C   1 
ATOM   311  O  O   . ASP A 1 43  ? 3.730   3.213   -16.979 1.00 34.74 ? 41  ASP A O   1 
ATOM   312  C  CB  . ASP A 1 43  ? 4.830   2.357   -19.722 1.00 40.99 ? 41  ASP A CB  1 
ATOM   313  C  CG  . ASP A 1 43  ? 6.207   2.484   -20.362 1.00 54.27 ? 41  ASP A CG  1 
ATOM   314  O  OD1 . ASP A 1 43  ? 7.101   3.144   -19.767 1.00 64.46 ? 41  ASP A OD1 1 
ATOM   315  O  OD2 . ASP A 1 43  ? 6.410   1.895   -21.440 1.00 64.33 ? 41  ASP A OD2 1 
ATOM   316  N  N   . LYS A 1 44  ? 2.738   1.281   -17.349 1.00 30.39 ? 42  LYS A N   1 
ATOM   317  C  CA  . LYS A 1 44  ? 1.461   1.647   -16.698 1.00 33.23 ? 42  LYS A CA  1 
ATOM   318  C  C   . LYS A 1 44  ? 1.511   1.369   -15.216 1.00 25.17 ? 42  LYS A C   1 
ATOM   319  O  O   . LYS A 1 44  ? 1.986   0.306   -14.822 1.00 23.86 ? 42  LYS A O   1 
ATOM   320  C  CB  . LYS A 1 44  ? 0.323   0.817   -17.275 1.00 41.14 ? 42  LYS A CB  1 
ATOM   321  C  CG  . LYS A 1 44  ? 0.021   1.159   -18.734 1.00 51.55 ? 42  LYS A CG  1 
ATOM   322  C  CD  . LYS A 1 44  ? -0.708  0.009   -19.400 1.00 54.56 ? 42  LYS A CD  1 
ATOM   323  C  CE  . LYS A 1 44  ? -0.715  0.163   -20.911 1.00 57.16 ? 42  LYS A CE  1 
ATOM   324  N  NZ  . LYS A 1 44  ? -1.851  -0.601  -21.500 1.00 62.34 ? 42  LYS A NZ  1 
ATOM   325  N  N   . TRP A 1 45  ? 1.033   2.325   -14.413 1.00 22.53 ? 43  TRP A N   1 
ATOM   326  C  CA  . TRP A 1 45  ? 0.581   2.035   -13.034 1.00 18.84 ? 43  TRP A CA  1 
ATOM   327  C  C   . TRP A 1 45  ? -0.535  1.060   -13.136 1.00 18.71 ? 43  TRP A C   1 
ATOM   328  O  O   . TRP A 1 45  ? -1.435  1.242   -13.934 1.00 17.09 ? 43  TRP A O   1 
ATOM   329  C  CB  . TRP A 1 45  ? 0.102   3.316   -12.345 1.00 18.69 ? 43  TRP A CB  1 
ATOM   330  C  CG  . TRP A 1 45  ? 1.191   4.239   -12.023 1.00 18.45 ? 43  TRP A CG  1 
ATOM   331  C  CD1 . TRP A 1 45  ? 1.560   5.338   -12.715 1.00 22.28 ? 43  TRP A CD1 1 
ATOM   332  C  CD2 . TRP A 1 45  ? 2.104   4.110   -10.946 1.00 17.59 ? 43  TRP A CD2 1 
ATOM   333  N  NE1 . TRP A 1 45  ? 2.626   5.955   -12.101 1.00 21.10 ? 43  TRP A NE1 1 
ATOM   334  C  CE2 . TRP A 1 45  ? 3.005   5.188   -11.021 1.00 19.28 ? 43  TRP A CE2 1 
ATOM   335  C  CE3 . TRP A 1 45  ? 2.252   3.174   -9.925  1.00 17.80 ? 43  TRP A CE3 1 
ATOM   336  C  CZ2 . TRP A 1 45  ? 4.063   5.390   -10.069 1.00 18.26 ? 43  TRP A CZ2 1 
ATOM   337  C  CZ3 . TRP A 1 45  ? 3.292   3.372   -8.949  1.00 16.42 ? 43  TRP A CZ3 1 
ATOM   338  C  CH2 . TRP A 1 45  ? 4.184   4.467   -9.050  1.00 16.51 ? 43  TRP A CH2 1 
ATOM   339  N  N   . GLN A 1 46  ? -0.472  0.023   -12.334 1.00 17.24 ? 44  GLN A N   1 
ATOM   340  C  CA  . GLN A 1 46  ? -1.443  -1.045  -12.308 1.00 20.00 ? 44  GLN A CA  1 
ATOM   341  C  C   . GLN A 1 46  ? -1.908  -1.142  -10.851 1.00 18.27 ? 44  GLN A C   1 
ATOM   342  O  O   . GLN A 1 46  ? -1.095  -1.140  -9.956  1.00 22.20 ? 44  GLN A O   1 
ATOM   343  C  CB  . GLN A 1 46  ? -0.777  -2.366  -12.695 1.00 21.63 ? 44  GLN A CB  1 
ATOM   344  C  CG  . GLN A 1 46  ? -0.290  -2.420  -14.142 1.00 25.28 ? 44  GLN A CG  1 
ATOM   345  C  CD  . GLN A 1 46  ? 0.544   -3.688  -14.401 1.00 25.52 ? 44  GLN A CD  1 
ATOM   346  O  OE1 . GLN A 1 46  ? 0.012   -4.782  -14.390 1.00 29.32 ? 44  GLN A OE1 1 
ATOM   347  N  NE2 . GLN A 1 46  ? 1.840   -3.532  -14.583 1.00 24.96 ? 44  GLN A NE2 1 
ATOM   348  N  N   . TYR A 1 47  ? -3.187  -1.213  -10.593 1.00 18.30 ? 45  TYR A N   1 
ATOM   349  C  CA  . TYR A 1 47  ? -3.611  -1.466  -9.204  1.00 18.23 ? 45  TYR A CA  1 
ATOM   350  C  C   . TYR A 1 47  ? -4.025  -2.898  -8.960  1.00 17.67 ? 45  TYR A C   1 
ATOM   351  O  O   . TYR A 1 47  ? -4.585  -3.563  -9.847  1.00 16.65 ? 45  TYR A O   1 
ATOM   352  C  CB  . TYR A 1 47  ? -4.696  -0.483  -8.786  1.00 18.69 ? 45  TYR A CB  1 
ATOM   353  C  CG  . TYR A 1 47  ? -6.005  -0.610  -9.451  1.00 20.36 ? 45  TYR A CG  1 
ATOM   354  C  CD1 . TYR A 1 47  ? -6.947  -1.529  -8.974  1.00 20.55 ? 45  TYR A CD1 1 
ATOM   355  C  CD2 . TYR A 1 47  ? -6.362  0.225   -10.525 1.00 22.97 ? 45  TYR A CD2 1 
ATOM   356  C  CE1 . TYR A 1 47  ? -8.199  -1.619  -9.532  1.00 26.48 ? 45  TYR A CE1 1 
ATOM   357  C  CE2 . TYR A 1 47  ? -7.635  0.101   -11.115 1.00 25.72 ? 45  TYR A CE2 1 
ATOM   358  C  CZ  . TYR A 1 47  ? -8.532  -0.804  -10.582 1.00 25.92 ? 45  TYR A CZ  1 
ATOM   359  O  OH  . TYR A 1 47  ? -9.768  -0.970  -11.085 1.00 29.70 ? 45  TYR A OH  1 
ATOM   360  N  N   . ILE A 1 48  ? -3.787  -3.357  -7.745  1.00 15.99 ? 46  ILE A N   1 
ATOM   361  C  CA  . ILE A 1 48  ? -4.253  -4.630  -7.301  1.00 17.73 ? 46  ILE A CA  1 
ATOM   362  C  C   . ILE A 1 48  ? -5.055  -4.428  -5.998  1.00 20.30 ? 46  ILE A C   1 
ATOM   363  O  O   . ILE A 1 48  ? -4.783  -3.470  -5.258  1.00 19.06 ? 46  ILE A O   1 
ATOM   364  C  CB  . ILE A 1 48  ? -3.102  -5.627  -7.057  1.00 16.83 ? 46  ILE A CB  1 
ATOM   365  C  CG1 . ILE A 1 48  ? -2.099  -5.131  -6.019  1.00 16.87 ? 46  ILE A CG1 1 
ATOM   366  C  CG2 . ILE A 1 48  ? -2.416  -5.903  -8.386  1.00 18.80 ? 46  ILE A CG2 1 
ATOM   367  C  CD1 . ILE A 1 48  ? -0.997  -6.130  -5.698  1.00 17.89 ? 46  ILE A CD1 1 
ATOM   368  N  N   . ARG A 1 49  ? -6.023  -5.309  -5.762  1.00 20.66 ? 47  ARG A N   1 
ATOM   369  C  CA  . ARG A 1 49  ? -6.958  -5.230  -4.610  1.00 21.31 ? 47  ARG A CA  1 
ATOM   370  C  C   . ARG A 1 49  ? -7.137  -6.596  -3.981  1.00 22.23 ? 47  ARG A C   1 
ATOM   371  O  O   . ARG A 1 49  ? -7.154  -7.635  -4.697  1.00 21.89 ? 47  ARG A O   1 
ATOM   372  C  CB  . ARG A 1 49  ? -8.326  -4.755  -5.034  1.00 21.99 ? 47  ARG A CB  1 
ATOM   373  C  CG  . ARG A 1 49  ? -8.268  -3.514  -5.848  1.00 24.01 ? 47  ARG A CG  1 
ATOM   374  C  CD  . ARG A 1 49  ? -9.595  -3.027  -6.345  1.00 26.65 ? 47  ARG A CD  1 
ATOM   375  N  NE  . ARG A 1 49  ? -10.250 -4.029  -7.102  1.00 28.72 ? 47  ARG A NE  1 
ATOM   376  C  CZ  . ARG A 1 49  ? -11.415 -3.861  -7.690  1.00 34.48 ? 47  ARG A CZ  1 
ATOM   377  N  NH1 . ARG A 1 49  ? -12.093 -2.732  -7.590  1.00 34.76 ? 47  ARG A NH1 1 
ATOM   378  N  NH2 . ARG A 1 49  ? -11.927 -4.874  -8.353  1.00 40.79 ? 47  ARG A NH2 1 
ATOM   379  N  N   . LEU A 1 50  ? -7.329  -6.614  -2.659  1.00 23.98 ? 48  LEU A N   1 
ATOM   380  C  CA  . LEU A 1 50  ? -7.818  -7.849  -1.968  1.00 25.43 ? 48  LEU A CA  1 
ATOM   381  C  C   . LEU A 1 50  ? -9.076  -8.473  -2.557  1.00 28.89 ? 48  LEU A C   1 
ATOM   382  O  O   . LEU A 1 50  ? -9.176  -9.682  -2.703  1.00 34.12 ? 48  LEU A O   1 
ATOM   383  C  CB  . LEU A 1 50  ? -8.079  -7.561  -0.489  1.00 25.14 ? 48  LEU A CB  1 
ATOM   384  C  CG  . LEU A 1 50  ? -6.804  -7.475  0.327   1.00 25.09 ? 48  LEU A CG  1 
ATOM   385  C  CD1 . LEU A 1 50  ? -7.113  -6.838  1.676   1.00 27.70 ? 48  LEU A CD1 1 
ATOM   386  C  CD2 . LEU A 1 50  ? -6.147  -8.817  0.545   1.00 29.31 ? 48  LEU A CD2 1 
ATOM   387  N  N   . MET A 1 51  ? -10.032 -7.639  -2.890  1.00 30.62 ? 49  MET A N   1 
ATOM   388  C  CA  . MET A 1 51  ? -11.265 -8.053  -3.580  1.00 32.36 ? 49  MET A CA  1 
ATOM   389  C  C   . MET A 1 51  ? -11.095 -9.027  -4.758  1.00 35.50 ? 49  MET A C   1 
ATOM   390  O  O   . MET A 1 51  ? -12.057 -9.644  -5.173  1.00 30.24 ? 49  MET A O   1 
ATOM   391  C  CB  . MET A 1 51  ? -11.814 -6.860  -4.284  1.00 34.14 ? 49  MET A CB  1 
ATOM   392  C  CG  . MET A 1 51  ? -12.912 -6.143  -3.630  1.00 37.25 ? 49  MET A CG  1 
ATOM   393  S  SD  . MET A 1 51  ? -13.235 -4.971  -4.922  1.00 36.32 ? 49  MET A SD  1 
ATOM   394  C  CE  . MET A 1 51  ? -14.274 -5.988  -6.020  1.00 40.51 ? 49  MET A CE  1 
ATOM   395  N  N   . ASP A 1 52  ? -9.953  -8.959  -5.427  1.00 34.46 ? 50  ASP A N   1 
ATOM   396  C  CA  . ASP A 1 52  ? -9.689  -9.735  -6.622  1.00 33.49 ? 50  ASP A CA  1 
ATOM   397  C  C   . ASP A 1 52  ? -8.897  -10.888 -6.102  1.00 39.34 ? 50  ASP A C   1 
ATOM   398  O  O   . ASP A 1 52  ? -8.096  -10.754 -5.201  1.00 46.36 ? 50  ASP A O   1 
ATOM   399  C  CB  . ASP A 1 52  ? -8.895  -8.923  -7.620  1.00 33.73 ? 50  ASP A CB  1 
ATOM   400  C  CG  . ASP A 1 52  ? -9.513  -7.573  -7.923  1.00 30.69 ? 50  ASP A CG  1 
ATOM   401  O  OD1 . ASP A 1 52  ? -10.762 -7.408  -8.031  1.00 32.97 ? 50  ASP A OD1 1 
ATOM   402  O  OD2 . ASP A 1 52  ? -8.744  -6.625  -8.086  1.00 25.82 ? 50  ASP A OD2 1 
ATOM   403  N  N   . SER A 1 53  ? -9.180  -12.069 -6.558  1.00 47.59 ? 51  SER A N   1 
ATOM   404  C  CA  . SER A 1 53  ? -8.532  -13.207 -5.948  1.00 53.54 ? 51  SER A CA  1 
ATOM   405  C  C   . SER A 1 53  ? -8.746  -14.350 -6.867  1.00 58.52 ? 51  SER A C   1 
ATOM   406  O  O   . SER A 1 53  ? -9.880  -14.690 -7.172  1.00 70.72 ? 51  SER A O   1 
ATOM   407  C  CB  . SER A 1 53  ? -9.053  -13.538 -4.548  1.00 56.12 ? 51  SER A CB  1 
ATOM   408  O  OG  . SER A 1 53  ? -8.011  -14.181 -3.811  1.00 51.06 ? 51  SER A OG  1 
ATOM   409  N  N   . VAL A 1 54  ? -7.633  -14.906 -7.318  1.00 56.99 ? 52  VAL A N   1 
ATOM   410  C  CA  . VAL A 1 54  ? -7.586  -15.873 -8.385  1.00 57.79 ? 52  VAL A CA  1 
ATOM   411  C  C   . VAL A 1 54  ? -6.887  -17.077 -7.788  1.00 60.13 ? 52  VAL A C   1 
ATOM   412  O  O   . VAL A 1 54  ? -5.952  -16.944 -6.995  1.00 54.22 ? 52  VAL A O   1 
ATOM   413  C  CB  . VAL A 1 54  ? -6.846  -15.292 -9.601  1.00 58.33 ? 52  VAL A CB  1 
ATOM   414  C  CG1 . VAL A 1 54  ? -6.372  -16.376 -10.567 1.00 63.44 ? 52  VAL A CG1 1 
ATOM   415  C  CG2 . VAL A 1 54  ? -7.770  -14.320 -10.318 1.00 61.71 ? 52  VAL A CG2 1 
ATOM   416  N  N   . ALA A 1 55  ? -7.376  -18.254 -8.151  1.00 61.09 ? 53  ALA A N   1 
ATOM   417  C  CA  . ALA A 1 55  ? -6.777  -19.497 -7.719  1.00 55.36 ? 53  ALA A CA  1 
ATOM   418  C  C   . ALA A 1 55  ? -5.505  -19.700 -8.511  1.00 50.41 ? 53  ALA A C   1 
ATOM   419  O  O   . ALA A 1 55  ? -5.477  -19.460 -9.722  1.00 52.68 ? 53  ALA A O   1 
ATOM   420  C  CB  . ALA A 1 55  ? -7.748  -20.641 -7.977  1.00 60.15 ? 53  ALA A CB  1 
ATOM   421  N  N   . LEU A 1 56  ? -4.439  -20.073 -7.826  1.00 48.22 ? 54  LEU A N   1 
ATOM   422  C  CA  . LEU A 1 56  ? -3.245  -20.558 -8.502  1.00 54.07 ? 54  LEU A CA  1 
ATOM   423  C  C   . LEU A 1 56  ? -3.307  -22.095 -8.602  1.00 64.49 ? 54  LEU A C   1 
ATOM   424  O  O   . LEU A 1 56  ? -4.115  -22.742 -7.935  1.00 62.69 ? 54  LEU A O   1 
ATOM   425  C  CB  . LEU A 1 56  ? -1.981  -20.127 -7.741  1.00 48.86 ? 54  LEU A CB  1 
ATOM   426  C  CG  . LEU A 1 56  ? -1.773  -18.604 -7.643  1.00 46.50 ? 54  LEU A CG  1 
ATOM   427  C  CD1 . LEU A 1 56  ? -0.567  -18.254 -6.770  1.00 46.92 ? 54  LEU A CD1 1 
ATOM   428  C  CD2 . LEU A 1 56  ? -1.652  -17.986 -9.032  1.00 44.88 ? 54  LEU A CD2 1 
ATOM   429  N  N   . LYS A 1 57  ? -2.430  -22.668 -9.414  1.00 75.67 ? 55  LYS A N   1 
ATOM   430  C  CA  . LYS A 1 57  ? -2.369  -24.124 -9.577  1.00 82.40 ? 55  LYS A CA  1 
ATOM   431  C  C   . LYS A 1 57  ? -1.455  -24.754 -8.524  1.00 81.49 ? 55  LYS A C   1 
ATOM   432  O  O   . LYS A 1 57  ? -0.724  -24.055 -7.829  1.00 85.46 ? 55  LYS A O   1 
ATOM   433  C  CB  . LYS A 1 57  ? -1.976  -24.469 -11.019 1.00 85.08 ? 55  LYS A CB  1 
ATOM   434  C  CG  . LYS A 1 57  ? -3.162  -24.310 -11.980 1.00 92.22 ? 55  LYS A CG  1 
ATOM   435  C  CD  . LYS A 1 57  ? -2.871  -23.415 -13.177 1.00 93.09 ? 55  LYS A CD  1 
ATOM   436  C  CE  . LYS A 1 57  ? -4.181  -23.006 -13.829 1.00 94.45 ? 55  LYS A CE  1 
ATOM   437  N  NZ  . LYS A 1 57  ? -3.939  -22.184 -15.042 1.00 98.67 ? 55  LYS A NZ  1 
ATOM   438  N  N   . GLY A 1 58  ? -1.533  -26.078 -8.394  1.00 79.13 ? 56  GLY A N   1 
ATOM   439  C  CA  . GLY A 1 58  ? -0.941  -26.790 -7.260  1.00 79.91 ? 56  GLY A CA  1 
ATOM   440  C  C   . GLY A 1 58  ? -1.724  -26.444 -6.007  1.00 79.57 ? 56  GLY A C   1 
ATOM   441  O  O   . GLY A 1 58  ? -2.893  -26.032 -6.094  1.00 75.38 ? 56  GLY A O   1 
ATOM   442  N  N   . GLY A 1 59  ? -1.080  -26.585 -4.848  1.00 77.32 ? 57  GLY A N   1 
ATOM   443  C  CA  . GLY A 1 59  ? -1.640  -26.104 -3.581  1.00 75.91 ? 57  GLY A CA  1 
ATOM   444  C  C   . GLY A 1 59  ? -1.160  -24.697 -3.250  1.00 81.67 ? 57  GLY A C   1 
ATOM   445  O  O   . GLY A 1 59  ? -1.055  -24.328 -2.075  1.00 86.15 ? 57  GLY A O   1 
ATOM   446  N  N   . ARG A 1 60  ? -0.887  -23.894 -4.279  1.00 79.37 ? 58  ARG A N   1 
ATOM   447  C  CA  . ARG A 1 60  ? -0.236  -22.588 -4.104  1.00 74.86 ? 58  ARG A CA  1 
ATOM   448  C  C   . ARG A 1 60  ? -1.166  -21.513 -3.539  1.00 69.57 ? 58  ARG A C   1 
ATOM   449  O  O   . ARG A 1 60  ? -0.699  -20.456 -3.147  1.00 71.76 ? 58  ARG A O   1 
ATOM   450  C  CB  . ARG A 1 60  ? 0.353   -22.100 -5.427  1.00 73.00 ? 58  ARG A CB  1 
ATOM   451  C  CG  . ARG A 1 60  ? 1.436   -23.004 -5.989  1.00 76.70 ? 58  ARG A CG  1 
ATOM   452  C  CD  . ARG A 1 60  ? 2.032   -22.428 -7.264  1.00 79.79 ? 58  ARG A CD  1 
ATOM   453  N  NE  . ARG A 1 60  ? 3.392   -22.928 -7.460  1.00 84.51 ? 58  ARG A NE  1 
ATOM   454  C  CZ  . ARG A 1 60  ? 4.410   -22.253 -8.004  1.00 89.99 ? 58  ARG A CZ  1 
ATOM   455  N  NH1 . ARG A 1 60  ? 5.593   -22.850 -8.094  1.00 91.62 ? 58  ARG A NH1 1 
ATOM   456  N  NH2 . ARG A 1 60  ? 4.282   -20.995 -8.444  1.00 90.54 ? 58  ARG A NH2 1 
ATOM   457  N  N   . GLY A 1 61  ? -2.468  -21.778 -3.501  1.00 64.31 ? 59  GLY A N   1 
ATOM   458  C  CA  . GLY A 1 61  ? -3.424  -20.851 -2.931  1.00 60.22 ? 59  GLY A CA  1 
ATOM   459  C  C   . GLY A 1 61  ? -3.783  -19.810 -3.959  1.00 52.28 ? 59  GLY A C   1 
ATOM   460  O  O   . GLY A 1 61  ? -4.071  -20.135 -5.125  1.00 54.48 ? 59  GLY A O   1 
ATOM   461  N  N   . SER A 1 62  ? -3.733  -18.550 -3.544  1.00 49.84 ? 60  SER A N   1 
ATOM   462  C  CA  . SER A 1 62  ? -4.353  -17.483 -4.308  1.00 47.92 ? 60  SER A CA  1 
ATOM   463  C  C   . SER A 1 62  ? -3.416  -16.293 -4.659  1.00 42.40 ? 60  SER A C   1 
ATOM   464  O  O   . SER A 1 62  ? -2.310  -16.153 -4.104  1.00 42.20 ? 60  SER A O   1 
ATOM   465  C  CB  . SER A 1 62  ? -5.593  -17.007 -3.546  1.00 53.59 ? 60  SER A CB  1 
ATOM   466  O  OG  . SER A 1 62  ? -6.620  -16.728 -4.462  1.00 58.47 ? 60  SER A OG  1 
ATOM   467  N  N   . ALA A 1 63  ? -3.863  -15.468 -5.610  1.00 35.13 ? 61  ALA A N   1 
ATOM   468  C  CA  . ALA A 1 63  ? -3.165  -14.228 -5.944  1.00 31.50 ? 61  ALA A CA  1 
ATOM   469  C  C   . ALA A 1 63  ? -4.174  -13.131 -6.230  1.00 29.23 ? 61  ALA A C   1 
ATOM   470  O  O   . ALA A 1 63  ? -5.318  -13.381 -6.646  1.00 30.37 ? 61  ALA A O   1 
ATOM   471  C  CB  . ALA A 1 63  ? -2.252  -14.427 -7.154  1.00 29.93 ? 61  ALA A CB  1 
ATOM   472  N  N   . SER A 1 64  ? -3.693  -11.904 -6.091  1.00 25.34 ? 62  SER A N   1 
ATOM   473  C  CA  . SER A 1 64  ? -4.482  -10.737 -6.281  1.00 22.17 ? 62  SER A CA  1 
ATOM   474  C  C   . SER A 1 64  ? -4.527  -10.419 -7.740  1.00 22.58 ? 62  SER A C   1 
ATOM   475  O  O   . SER A 1 64  ? -5.486  -9.781  -8.218  1.00 20.28 ? 62  SER A O   1 
ATOM   476  C  CB  . SER A 1 64  ? -3.875  -9.582  -5.474  1.00 20.86 ? 62  SER A CB  1 
ATOM   477  O  OG  . SER A 1 64  ? -3.902  -9.817  -4.067  1.00 20.43 ? 62  SER A OG  1 
ATOM   478  N  N   . MET A 1 65  ? -3.477  -10.839 -8.472  1.00 22.35 ? 63  MET A N   1 
ATOM   479  C  CA  . MET A 1 65  ? -3.384  -10.576 -9.899  1.00 22.34 ? 63  MET A CA  1 
ATOM   480  C  C   . MET A 1 65  ? -2.409  -11.598 -10.535 1.00 22.94 ? 63  MET A C   1 
ATOM   481  O  O   . MET A 1 65  ? -1.406  -11.940 -9.945  1.00 23.03 ? 63  MET A O   1 
ATOM   482  C  CB  . MET A 1 65  ? -2.881  -9.157  -10.141 1.00 23.64 ? 63  MET A CB  1 
ATOM   483  C  CG  . MET A 1 65  ? -2.837  -8.749  -11.596 1.00 26.17 ? 63  MET A CG  1 
ATOM   484  S  SD  . MET A 1 65  ? -1.190  -9.132  -12.224 1.00 31.66 ? 63  MET A SD  1 
ATOM   485  C  CE  . MET A 1 65  ? -0.350  -7.596  -11.727 1.00 30.39 ? 63  MET A CE  1 
ATOM   486  N  N   . VAL A 1 66  ? -2.735  -12.063 -11.730 1.00 24.39 ? 64  VAL A N   1 
ATOM   487  C  CA  . VAL A 1 66  ? -1.884  -12.982 -12.478 1.00 25.78 ? 64  VAL A CA  1 
ATOM   488  C  C   . VAL A 1 66  ? -1.759  -12.340 -13.799 1.00 26.34 ? 64  VAL A C   1 
ATOM   489  O  O   . VAL A 1 66  ? -2.715  -11.785 -14.306 1.00 26.41 ? 64  VAL A O   1 
ATOM   490  C  CB  . VAL A 1 66  ? -2.524  -14.367 -12.658 1.00 29.02 ? 64  VAL A CB  1 
ATOM   491  C  CG1 . VAL A 1 66  ? -1.634  -15.272 -13.546 1.00 31.32 ? 64  VAL A CG1 1 
ATOM   492  C  CG2 . VAL A 1 66  ? -2.761  -14.971 -11.277 1.00 29.83 ? 64  VAL A CG2 1 
ATOM   493  N  N   . GLN A 1 67  ? -0.572  -12.372 -14.373 1.00 27.34 ? 65  GLN A N   1 
ATOM   494  C  CA  . GLN A 1 67  ? -0.437  -11.863 -15.707 1.00 27.00 ? 65  GLN A CA  1 
ATOM   495  C  C   . GLN A 1 67  ? 0.730   -12.535 -16.425 1.00 28.37 ? 65  GLN A C   1 
ATOM   496  O  O   . GLN A 1 67  ? 1.639   -13.089 -15.803 1.00 25.31 ? 65  GLN A O   1 
ATOM   497  C  CB  . GLN A 1 67  ? -0.237  -10.368 -15.707 1.00 25.96 ? 65  GLN A CB  1 
ATOM   498  C  CG  . GLN A 1 67  ? 1.103   -9.951  -15.124 1.00 29.01 ? 65  GLN A CG  1 
ATOM   499  C  CD  . GLN A 1 67  ? 1.355   -8.437  -15.133 1.00 30.21 ? 65  GLN A CD  1 
ATOM   500  O  OE1 . GLN A 1 67  ? 0.435   -7.594  -15.359 1.00 31.63 ? 65  GLN A OE1 1 
ATOM   501  N  NE2 . GLN A 1 67  ? 2.589   -8.081  -14.856 1.00 24.45 ? 65  GLN A NE2 1 
ATOM   502  N  N   . LYS A 1 68  ? 0.679   -12.410 -17.734 1.00 28.96 ? 66  LYS A N   1 
ATOM   503  C  CA  . LYS A 1 68  ? 1.652   -13.022 -18.635 1.00 31.96 ? 66  LYS A CA  1 
ATOM   504  C  C   . LYS A 1 68  ? 2.555   -11.871 -19.057 1.00 25.08 ? 66  LYS A C   1 
ATOM   505  O  O   . LYS A 1 68  ? 2.087   -10.902 -19.565 1.00 23.91 ? 66  LYS A O   1 
ATOM   506  C  CB  . LYS A 1 68  ? 0.847   -13.655 -19.783 1.00 37.85 ? 66  LYS A CB  1 
ATOM   507  C  CG  . LYS A 1 68  ? 1.588   -14.638 -20.655 1.00 51.70 ? 66  LYS A CG  1 
ATOM   508  C  CD  . LYS A 1 68  ? 1.760   -14.085 -22.070 1.00 63.73 ? 66  LYS A CD  1 
ATOM   509  C  CE  . LYS A 1 68  ? 0.489   -14.140 -22.908 1.00 68.34 ? 66  LYS A CE  1 
ATOM   510  N  NZ  . LYS A 1 68  ? 0.321   -15.493 -23.533 1.00 77.94 ? 66  LYS A NZ  1 
ATOM   511  N  N   . CYS A 1 69  ? 3.840   -11.920 -18.715 1.00 23.07 ? 67  CYS A N   1 
ATOM   512  C  CA  . CYS A 1 69  ? 4.758   -10.875 -19.074 1.00 22.92 ? 67  CYS A CA  1 
ATOM   513  C  C   . CYS A 1 69  ? 4.776   -10.695 -20.586 1.00 28.21 ? 67  CYS A C   1 
ATOM   514  O  O   . CYS A 1 69  ? 4.916   -11.693 -21.337 1.00 26.61 ? 67  CYS A O   1 
ATOM   515  C  CB  . CYS A 1 69  ? 6.174   -11.221 -18.609 1.00 21.87 ? 67  CYS A CB  1 
ATOM   516  S  SG  . CYS A 1 69  ? 7.454   -10.147 -19.210 1.00 24.37 ? 67  CYS A SG  1 
ATOM   517  N  N   . LYS A 1 70  ? 4.659   -9.448  -21.037 1.00 25.96 ? 68  LYS A N   1 
ATOM   518  C  CA  . LYS A 1 70  ? 4.561   -9.176  -22.461 1.00 30.25 ? 68  LYS A CA  1 
ATOM   519  C  C   . LYS A 1 70  ? 5.851   -9.405  -23.290 1.00 28.34 ? 68  LYS A C   1 
ATOM   520  O  O   . LYS A 1 70  ? 5.758   -9.576  -24.507 1.00 32.90 ? 68  LYS A O   1 
ATOM   521  C  CB  . LYS A 1 70  ? 4.078   -7.738  -22.674 1.00 32.33 ? 68  LYS A CB  1 
ATOM   522  C  CG  . LYS A 1 70  ? 2.638   -7.575  -22.197 1.00 39.09 ? 68  LYS A CG  1 
ATOM   523  C  CD  . LYS A 1 70  ? 2.098   -6.202  -22.516 1.00 45.58 ? 68  LYS A CD  1 
ATOM   524  C  CE  . LYS A 1 70  ? 0.719   -5.998  -21.888 1.00 48.65 ? 68  LYS A CE  1 
ATOM   525  N  NZ  . LYS A 1 70  ? 0.563   -4.529  -21.636 1.00 53.45 ? 68  LYS A NZ  1 
ATOM   526  N  N   . LEU A 1 71  ? 6.998   -9.353  -22.635 1.00 26.46 ? 69  LEU A N   1 
ATOM   527  C  CA  . LEU A 1 71  ? 8.298   -9.513  -23.244 1.00 26.91 ? 69  LEU A CA  1 
ATOM   528  C  C   . LEU A 1 71  ? 8.610   -11.046 -23.275 1.00 25.98 ? 69  LEU A C   1 
ATOM   529  O  O   . LEU A 1 71  ? 8.722   -11.628 -24.342 1.00 25.70 ? 69  LEU A O   1 
ATOM   530  C  CB  . LEU A 1 71  ? 9.351   -8.641  -22.498 1.00 29.61 ? 69  LEU A CB  1 
ATOM   531  C  CG  . LEU A 1 71  ? 10.855  -8.785  -22.841 1.00 29.75 ? 69  LEU A CG  1 
ATOM   532  C  CD1 . LEU A 1 71  ? 11.026  -8.876  -24.327 1.00 32.96 ? 69  LEU A CD1 1 
ATOM   533  C  CD2 . LEU A 1 71  ? 11.822  -7.720  -22.286 1.00 28.05 ? 69  LEU A CD2 1 
ATOM   534  N  N   . CYS A 1 72  ? 8.637   -11.701 -22.128 1.00 22.29 ? 70  CYS A N   1 
ATOM   535  C  CA  . CYS A 1 72  ? 9.141   -13.095 -22.040 1.00 21.65 ? 70  CYS A CA  1 
ATOM   536  C  C   . CYS A 1 72  ? 8.059   -14.127 -21.925 1.00 24.70 ? 70  CYS A C   1 
ATOM   537  O  O   . CYS A 1 72  ? 8.337   -15.290 -21.895 1.00 21.56 ? 70  CYS A O   1 
ATOM   538  C  CB  . CYS A 1 72  ? 10.105  -13.180 -20.842 1.00 21.33 ? 70  CYS A CB  1 
ATOM   539  S  SG  . CYS A 1 72  ? 9.369   -13.444 -19.209 1.00 23.63 ? 70  CYS A SG  1 
ATOM   540  N  N   . ALA A 1 73  ? 6.792   -13.708 -21.808 1.00 23.28 ? 71  ALA A N   1 
ATOM   541  C  CA  . ALA A 1 73  ? 5.656   -14.599 -21.656 1.00 23.23 ? 71  ALA A CA  1 
ATOM   542  C  C   . ALA A 1 73  ? 5.510   -15.472 -20.417 1.00 22.87 ? 71  ALA A C   1 
ATOM   543  O  O   . ALA A 1 73  ? 4.534   -16.178 -20.317 1.00 25.76 ? 71  ALA A O   1 
ATOM   544  C  CB  . ALA A 1 73  ? 5.416   -15.404 -22.927 1.00 28.10 ? 71  ALA A CB  1 
ATOM   545  N  N   . ARG A 1 74  ? 6.376   -15.366 -19.425 1.00 24.31 ? 72  ARG A N   1 
ATOM   546  C  CA  . ARG A 1 74  ? 6.186   -16.083 -18.158 1.00 26.74 ? 72  ARG A CA  1 
ATOM   547  C  C   . ARG A 1 74  ? 4.873   -15.633 -17.445 1.00 26.78 ? 72  ARG A C   1 
ATOM   548  O  O   . ARG A 1 74  ? 4.531   -14.440 -17.483 1.00 26.36 ? 72  ARG A O   1 
ATOM   549  C  CB  . ARG A 1 74  ? 7.402   -15.893 -17.239 1.00 27.07 ? 72  ARG A CB  1 
ATOM   550  C  CG  . ARG A 1 74  ? 7.325   -16.781 -16.024 1.00 30.79 ? 72  ARG A CG  1 
ATOM   551  C  CD  . ARG A 1 74  ? 8.627   -16.892 -15.284 1.00 36.48 ? 72  ARG A CD  1 
ATOM   552  N  NE  . ARG A 1 74  ? 8.867   -15.688 -14.497 1.00 39.39 ? 72  ARG A NE  1 
ATOM   553  C  CZ  . ARG A 1 74  ? 9.898   -15.513 -13.682 1.00 40.69 ? 72  ARG A CZ  1 
ATOM   554  N  NH1 . ARG A 1 74  ? 10.838  -16.458 -13.589 1.00 41.69 ? 72  ARG A NH1 1 
ATOM   555  N  NH2 . ARG A 1 74  ? 10.016  -14.375 -13.000 1.00 39.18 ? 72  ARG A NH2 1 
ATOM   556  N  N   . GLU A 1 75  ? 4.093   -16.577 -16.903 1.00 27.20 ? 73  GLU A N   1 
ATOM   557  C  CA  . GLU A 1 75  ? 2.967   -16.233 -16.018 1.00 29.74 ? 73  GLU A CA  1 
ATOM   558  C  C   . GLU A 1 75  ? 3.512   -15.816 -14.651 1.00 26.59 ? 73  GLU A C   1 
ATOM   559  O  O   . GLU A 1 75  ? 4.076   -16.664 -13.943 1.00 24.47 ? 73  GLU A O   1 
ATOM   560  C  CB  . GLU A 1 75  ? 2.018   -17.413 -15.779 1.00 36.46 ? 73  GLU A CB  1 
ATOM   561  C  CG  . GLU A 1 75  ? 1.208   -17.775 -17.002 1.00 44.38 ? 73  GLU A CG  1 
ATOM   562  C  CD  . GLU A 1 75  ? 0.227   -16.688 -17.410 1.00 48.14 ? 73  GLU A CD  1 
ATOM   563  O  OE1 . GLU A 1 75  ? -0.233  -15.885 -16.551 1.00 50.01 ? 73  GLU A OE1 1 
ATOM   564  O  OE2 . GLU A 1 75  ? -0.089  -16.671 -18.609 1.00 47.54 ? 73  GLU A OE2 1 
ATOM   565  N  N   . ASN A 1 76  ? 3.347   -14.527 -14.303 1.00 24.31 ? 74  ASN A N   1 
ATOM   566  C  CA  . ASN A 1 76  ? 3.759   -14.020 -12.992 1.00 23.57 ? 74  ASN A CA  1 
ATOM   567  C  C   . ASN A 1 76  ? 2.498   -13.624 -12.144 1.00 22.81 ? 74  ASN A C   1 
ATOM   568  O  O   . ASN A 1 76  ? 1.451   -13.354 -12.689 1.00 25.50 ? 74  ASN A O   1 
ATOM   569  C  CB  . ASN A 1 76  ? 4.643   -12.796 -13.145 1.00 23.88 ? 74  ASN A CB  1 
ATOM   570  C  CG  . ASN A 1 76  ? 5.859   -13.029 -14.037 1.00 24.18 ? 74  ASN A CG  1 
ATOM   571  O  OD1 . ASN A 1 76  ? 6.568   -14.041 -13.855 1.00 23.99 ? 74  ASN A OD1 1 
ATOM   572  N  ND2 . ASN A 1 76  ? 6.123   -12.090 -14.977 1.00 19.23 ? 74  ASN A ND2 1 
ATOM   573  N  N   . SER A 1 77  ? 2.644   -13.610 -10.826 1.00 22.42 ? 75  SER A N   1 
ATOM   574  C  CA  . SER A 1 77  ? 1.563   -13.263 -9.932  1.00 20.92 ? 75  SER A CA  1 
ATOM   575  C  C   . SER A 1 77  ? 2.105   -12.519 -8.711  1.00 19.97 ? 75  SER A C   1 
ATOM   576  O  O   . SER A 1 77  ? 3.314   -12.529 -8.441  1.00 22.32 ? 75  SER A O   1 
ATOM   577  C  CB  . SER A 1 77  ? 0.757   -14.511 -9.475  1.00 18.47 ? 75  SER A CB  1 
ATOM   578  O  OG  . SER A 1 77  ? 1.540   -15.275 -8.586  1.00 19.45 ? 75  SER A OG  1 
ATOM   579  N  N   . ILE A 1 78  ? 1.156   -11.824 -8.065  1.00 18.31 ? 76  ILE A N   1 
ATOM   580  C  CA  . ILE A 1 78  ? 1.334   -11.085 -6.870  1.00 19.47 ? 76  ILE A CA  1 
ATOM   581  C  C   . ILE A 1 78  ? 0.112   -11.212 -5.980  1.00 18.42 ? 76  ILE A C   1 
ATOM   582  O  O   . ILE A 1 78  ? -1.038  -11.206 -6.469  1.00 22.60 ? 76  ILE A O   1 
ATOM   583  C  CB  . ILE A 1 78  ? 1.687   -9.611  -7.180  1.00 19.24 ? 76  ILE A CB  1 
ATOM   584  C  CG1 . ILE A 1 78  ? 2.036   -8.870  -5.913  1.00 19.58 ? 76  ILE A CG1 1 
ATOM   585  C  CG2 . ILE A 1 78  ? 0.605   -8.883  -7.921  1.00 20.16 ? 76  ILE A CG2 1 
ATOM   586  C  CD1 . ILE A 1 78  ? 2.858   -7.664  -6.209  1.00 22.41 ? 76  ILE A CD1 1 
ATOM   587  N  N   . GLU A 1 79  ? 0.358   -11.354 -4.688  1.00 19.48 ? 77  GLU A N   1 
ATOM   588  C  CA  . GLU A 1 79  ? -0.735  -11.469 -3.707  1.00 22.71 ? 77  GLU A CA  1 
ATOM   589  C  C   . GLU A 1 79  ? -0.537  -10.477 -2.554  1.00 19.64 ? 77  GLU A C   1 
ATOM   590  O  O   . GLU A 1 79  ? 0.491   -10.462 -1.951  1.00 23.61 ? 77  GLU A O   1 
ATOM   591  C  CB  . GLU A 1 79  ? -0.763  -12.878 -3.166  1.00 25.49 ? 77  GLU A CB  1 
ATOM   592  C  CG  . GLU A 1 79  ? -2.104  -13.209 -2.496  1.00 31.10 ? 77  GLU A CG  1 
ATOM   593  C  CD  . GLU A 1 79  ? -1.977  -14.351 -1.519  1.00 35.61 ? 77  GLU A CD  1 
ATOM   594  O  OE1 . GLU A 1 79  ? -0.864  -14.935 -1.381  1.00 37.85 ? 77  GLU A OE1 1 
ATOM   595  O  OE2 . GLU A 1 79  ? -3.005  -14.624 -0.876  1.00 41.73 ? 77  GLU A OE2 1 
ATOM   596  N  N   . ILE A 1 80  ? -1.531  -9.653  -2.270  1.00 21.42 ? 78  ILE A N   1 
ATOM   597  C  CA  . ILE A 1 80  ? -1.525  -8.812  -1.055  1.00 20.01 ? 78  ILE A CA  1 
ATOM   598  C  C   . ILE A 1 80  ? -1.788  -9.800  0.062   1.00 22.67 ? 78  ILE A C   1 
ATOM   599  O  O   . ILE A 1 80  ? -2.714  -10.569 -0.036  1.00 25.91 ? 78  ILE A O   1 
ATOM   600  C  CB  . ILE A 1 80  ? -2.707  -7.803  -1.033  1.00 20.57 ? 78  ILE A CB  1 
ATOM   601  C  CG1 . ILE A 1 80  ? -2.659  -6.872  -2.252  1.00 17.93 ? 78  ILE A CG1 1 
ATOM   602  C  CG2 . ILE A 1 80  ? -2.684  -7.000  0.269   1.00 18.99 ? 78  ILE A CG2 1 
ATOM   603  C  CD1 . ILE A 1 80  ? -3.968  -6.367  -2.659  1.00 18.24 ? 78  ILE A CD1 1 
ATOM   604  N  N   . LEU A 1 81  ? -0.983  -9.764  1.091   1.00 24.84 ? 79  LEU A N   1 
ATOM   605  C  CA  . LEU A 1 81  ? -1.213  -10.543 2.295   1.00 27.23 ? 79  LEU A CA  1 
ATOM   606  C  C   . LEU A 1 81  ? -2.030  -9.743  3.339   1.00 26.81 ? 79  LEU A C   1 
ATOM   607  O  O   . LEU A 1 81  ? -1.515  -8.855  4.000   1.00 24.93 ? 79  LEU A O   1 
ATOM   608  C  CB  . LEU A 1 81  ? 0.123   -10.948 2.841   1.00 27.01 ? 79  LEU A CB  1 
ATOM   609  C  CG  . LEU A 1 81  ? 0.922   -11.860 1.893   1.00 30.24 ? 79  LEU A CG  1 
ATOM   610  C  CD1 . LEU A 1 81  ? 2.287   -12.076 2.491   1.00 29.74 ? 79  LEU A CD1 1 
ATOM   611  C  CD2 . LEU A 1 81  ? 0.238   -13.191 1.582   1.00 32.64 ? 79  LEU A CD2 1 
ATOM   612  N  N   . SER A 1 82  ? -3.310  -10.070 3.442   1.00 28.18 ? 80  SER A N   1 
ATOM   613  C  CA  . SER A 1 82  ? -4.275  -9.269  4.240   1.00 32.87 ? 80  SER A CA  1 
ATOM   614  C  C   . SER A 1 82  ? -3.847  -9.096  5.686   1.00 32.66 ? 80  SER A C   1 
ATOM   615  O  O   . SER A 1 82  ? -3.945  -7.983  6.264   1.00 28.25 ? 80  SER A O   1 
ATOM   616  C  CB  . SER A 1 82  ? -5.659  -9.904  4.226   1.00 35.89 ? 80  SER A CB  1 
ATOM   617  O  OG  . SER A 1 82  ? -6.545  -8.970  4.796   1.00 47.62 ? 80  SER A OG  1 
ATOM   618  N  N   . SER A 1 83  ? -3.275  -10.166 6.235   1.00 30.36 ? 81  SER A N   1 
ATOM   619  C  CA  . SER A 1 83  ? -2.840  -10.149 7.648   1.00 30.65 ? 81  SER A CA  1 
ATOM   620  C  C   . SER A 1 83  ? -1.623  -9.263  7.912   1.00 31.92 ? 81  SER A C   1 
ATOM   621  O  O   . SER A 1 83  ? -1.289  -8.980  9.072   1.00 27.35 ? 81  SER A O   1 
ATOM   622  C  CB  . SER A 1 83  ? -2.618  -11.601 8.123   1.00 32.71 ? 81  SER A CB  1 
ATOM   623  O  OG  . SER A 1 83  ? -1.290  -11.976 7.864   1.00 38.08 ? 81  SER A OG  1 
ATOM   624  N  N   . THR A 1 84  ? -0.934  -8.792  6.855   1.00 26.41 ? 82  THR A N   1 
ATOM   625  C  CA  . THR A 1 84  ? 0.273   -8.010  7.046   1.00 24.15 ? 82  THR A CA  1 
ATOM   626  C  C   . THR A 1 84  ? -0.006  -6.504  6.952   1.00 22.20 ? 82  THR A C   1 
ATOM   627  O  O   . THR A 1 84  ? 0.915   -5.725  7.059   1.00 22.19 ? 82  THR A O   1 
ATOM   628  C  CB  . THR A 1 84  ? 1.324   -8.352  5.953   1.00 26.04 ? 82  THR A CB  1 
ATOM   629  O  OG1 . THR A 1 84  ? 0.794   -8.013  4.661   1.00 24.84 ? 82  THR A OG1 1 
ATOM   630  C  CG2 . THR A 1 84  ? 1.602   -9.895  5.978   1.00 29.06 ? 82  THR A CG2 1 
ATOM   631  N  N   . ILE A 1 85  ? -1.260  -6.119  6.751   1.00 21.24 ? 83  ILE A N   1 
ATOM   632  C  CA  . ILE A 1 85  ? -1.598  -4.729  6.621   1.00 24.68 ? 83  ILE A CA  1 
ATOM   633  C  C   . ILE A 1 85  ? -1.539  -4.128  8.005   1.00 26.56 ? 83  ILE A C   1 
ATOM   634  O  O   . ILE A 1 85  ? -2.207  -4.599  8.884   1.00 30.89 ? 83  ILE A O   1 
ATOM   635  C  CB  . ILE A 1 85  ? -2.969  -4.537  5.978   1.00 23.69 ? 83  ILE A CB  1 
ATOM   636  C  CG1 . ILE A 1 85  ? -2.876  -4.967  4.524   1.00 26.96 ? 83  ILE A CG1 1 
ATOM   637  C  CG2 . ILE A 1 85  ? -3.399  -3.071  6.036   1.00 23.30 ? 83  ILE A CG2 1 
ATOM   638  C  CD1 . ILE A 1 85  ? -4.208  -5.092  3.832   1.00 25.30 ? 83  ILE A CD1 1 
ATOM   639  N  N   . LYS A 1 86  ? -0.721  -3.121  8.199   1.00 25.48 ? 84  LYS A N   1 
ATOM   640  C  CA  . LYS A 1 86  ? -0.528  -2.495  9.471   1.00 23.73 ? 84  LYS A CA  1 
ATOM   641  C  C   . LYS A 1 86  ? -0.694  -1.003  9.404   1.00 27.48 ? 84  LYS A C   1 
ATOM   642  O  O   . LYS A 1 86  ? -0.320  -0.424  8.407   1.00 20.84 ? 84  LYS A O   1 
ATOM   643  C  CB  . LYS A 1 86  ? 0.918   -2.739  9.903   1.00 27.54 ? 84  LYS A CB  1 
ATOM   644  C  CG  . LYS A 1 86  ? 1.265   -4.226  10.033  1.00 32.98 ? 84  LYS A CG  1 
ATOM   645  C  CD  . LYS A 1 86  ? 0.449   -4.901  11.103  1.00 31.13 ? 84  LYS A CD  1 
ATOM   646  C  CE  . LYS A 1 86  ? 1.120   -6.227  11.433  1.00 38.38 ? 84  LYS A CE  1 
ATOM   647  N  NZ  . LYS A 1 86  ? 0.323   -6.952  12.457  1.00 41.06 ? 84  LYS A NZ  1 
ATOM   648  N  N   . PRO A 1 87  ? -1.157  -0.365  10.509  1.00 27.19 ? 85  PRO A N   1 
ATOM   649  C  CA  . PRO A 1 87  ? -1.308  1.076   10.566  1.00 26.14 ? 85  PRO A CA  1 
ATOM   650  C  C   . PRO A 1 87  ? -0.013  1.782   10.743  1.00 23.98 ? 85  PRO A C   1 
ATOM   651  O  O   . PRO A 1 87  ? 0.930   1.210   11.246  1.00 23.67 ? 85  PRO A O   1 
ATOM   652  C  CB  . PRO A 1 87  ? -2.161  1.295   11.835  1.00 28.01 ? 85  PRO A CB  1 
ATOM   653  C  CG  . PRO A 1 87  ? -1.848  0.084   12.692  1.00 28.02 ? 85  PRO A CG  1 
ATOM   654  C  CD  . PRO A 1 87  ? -1.749  -1.027  11.702  1.00 30.32 ? 85  PRO A CD  1 
ATOM   655  N  N   . TYR A 1 88  ? 0.019   3.056   10.347  1.00 21.11 ? 86  TYR A N   1 
ATOM   656  C  CA  . TYR A 1 88  ? 1.152   3.953   10.542  1.00 20.23 ? 86  TYR A CA  1 
ATOM   657  C  C   . TYR A 1 88  ? 0.659   4.902   11.642  1.00 20.52 ? 86  TYR A C   1 
ATOM   658  O  O   . TYR A 1 88  ? -0.281  5.660   11.432  1.00 17.11 ? 86  TYR A O   1 
ATOM   659  C  CB  . TYR A 1 88  ? 1.525   4.715   9.242   1.00 17.31 ? 86  TYR A CB  1 
ATOM   660  C  CG  . TYR A 1 88  ? 2.866   5.476   9.237   1.00 15.13 ? 86  TYR A CG  1 
ATOM   661  C  CD1 . TYR A 1 88  ? 4.068   4.810   8.994   1.00 16.17 ? 86  TYR A CD1 1 
ATOM   662  C  CD2 . TYR A 1 88  ? 2.922   6.824   9.479   1.00 13.73 ? 86  TYR A CD2 1 
ATOM   663  C  CE1 . TYR A 1 88  ? 5.289   5.483   9.060   1.00 15.09 ? 86  TYR A CE1 1 
ATOM   664  C  CE2 . TYR A 1 88  ? 4.133   7.524   9.509   1.00 14.07 ? 86  TYR A CE2 1 
ATOM   665  C  CZ  . TYR A 1 88  ? 5.318   6.852   9.292   1.00 13.08 ? 86  TYR A CZ  1 
ATOM   666  O  OH  . TYR A 1 88  ? 6.524   7.573   9.261   1.00 14.25 ? 86  TYR A OH  1 
ATOM   667  N  N   . ASN A 1 89  ? 1.310   4.862   12.829  1.00 24.40 ? 87  ASN A N   1 
ATOM   668  C  CA  . ASN A 1 89  ? 0.769   5.516   14.008  1.00 23.07 ? 87  ASN A CA  1 
ATOM   669  C  C   . ASN A 1 89  ? 1.622   6.690   14.403  1.00 22.26 ? 87  ASN A C   1 
ATOM   670  O  O   . ASN A 1 89  ? 2.664   6.894   13.871  1.00 20.92 ? 87  ASN A O   1 
ATOM   671  C  CB  . ASN A 1 89  ? 0.690   4.543   15.208  1.00 25.12 ? 87  ASN A CB  1 
ATOM   672  C  CG  . ASN A 1 89  ? -0.285  3.448   15.020  1.00 23.10 ? 87  ASN A CG  1 
ATOM   673  O  OD1 . ASN A 1 89  ? -1.422  3.660   14.580  1.00 23.69 ? 87  ASN A OD1 1 
ATOM   674  N  ND2 . ASN A 1 89  ? 0.132   2.225   15.373  1.00 21.76 ? 87  ASN A ND2 1 
ATOM   675  N  N   . ALA A 1 90  ? 1.148   7.478   15.355  1.00 21.94 ? 88  ALA A N   1 
ATOM   676  C  CA  . ALA A 1 90  ? 1.888   8.637   15.827  1.00 20.65 ? 88  ALA A CA  1 
ATOM   677  C  C   . ALA A 1 90  ? 3.311   8.321   16.241  1.00 23.84 ? 88  ALA A C   1 
ATOM   678  O  O   . ALA A 1 90  ? 4.238   9.101   15.980  1.00 21.95 ? 88  ALA A O   1 
ATOM   679  C  CB  . ALA A 1 90  ? 1.127   9.349   16.961  1.00 23.85 ? 88  ALA A CB  1 
ATOM   680  N  N   . GLU A 1 91  ? 3.518   7.166   16.861  1.00 28.16 ? 89  GLU A N   1 
ATOM   681  C  CA  . GLU A 1 91  ? 4.865   6.812   17.324  1.00 30.60 ? 89  GLU A CA  1 
ATOM   682  C  C   . GLU A 1 91  ? 5.793   6.496   16.157  1.00 28.79 ? 89  GLU A C   1 
ATOM   683  O  O   . GLU A 1 91  ? 6.998   6.494   16.341  1.00 21.78 ? 89  GLU A O   1 
ATOM   684  C  CB  . GLU A 1 91  ? 4.815   5.596   18.265  1.00 35.31 ? 89  GLU A CB  1 
ATOM   685  C  CG  . GLU A 1 91  ? 4.474   4.297   17.553  1.00 43.69 ? 89  GLU A CG  1 
ATOM   686  C  CD  . GLU A 1 91  ? 4.079   3.166   18.479  1.00 51.59 ? 89  GLU A CD  1 
ATOM   687  O  OE1 . GLU A 1 91  ? 4.841   2.912   19.443  1.00 58.70 ? 89  GLU A OE1 1 
ATOM   688  O  OE2 . GLU A 1 91  ? 3.034   2.524   18.222  1.00 54.28 ? 89  GLU A OE2 1 
ATOM   689  N  N   . ASP A 1 92  ? 5.245   6.270   14.950  1.00 26.49 ? 90  ASP A N   1 
ATOM   690  C  CA  . ASP A 1 92  ? 6.077   5.964   13.763  1.00 25.34 ? 90  ASP A CA  1 
ATOM   691  C  C   . ASP A 1 92  ? 6.560   7.182   12.995  1.00 24.86 ? 90  ASP A C   1 
ATOM   692  O  O   . ASP A 1 92  ? 7.357   7.083   12.033  1.00 21.59 ? 90  ASP A O   1 
ATOM   693  C  CB  . ASP A 1 92  ? 5.257   5.047   12.852  1.00 27.50 ? 90  ASP A CB  1 
ATOM   694  C  CG  . ASP A 1 92  ? 4.889   3.795   13.532  1.00 27.97 ? 90  ASP A CG  1 
ATOM   695  O  OD1 . ASP A 1 92  ? 5.863   3.263   14.059  1.00 28.50 ? 90  ASP A OD1 1 
ATOM   696  O  OD2 . ASP A 1 92  ? 3.695   3.333   13.568  1.00 24.03 ? 90  ASP A OD2 1 
ATOM   697  N  N   . ASN A 1 93  ? 6.101   8.349   13.436  1.00 25.35 ? 91  ASN A N   1 
ATOM   698  C  CA  . ASN A 1 93  ? 6.429   9.613   12.790  1.00 23.80 ? 91  ASN A CA  1 
ATOM   699  C  C   . ASN A 1 93  ? 7.817   9.718   12.224  1.00 25.70 ? 91  ASN A C   1 
ATOM   700  O  O   . ASN A 1 93  ? 8.791   9.486   12.902  1.00 23.85 ? 91  ASN A O   1 
ATOM   701  C  CB  . ASN A 1 93  ? 6.120   10.749  13.747  1.00 24.74 ? 91  ASN A CB  1 
ATOM   702  C  CG  . ASN A 1 93  ? 6.358   12.102  13.139  1.00 26.94 ? 91  ASN A CG  1 
ATOM   703  O  OD1 . ASN A 1 93  ? 5.722   12.484  12.184  1.00 27.06 ? 91  ASN A OD1 1 
ATOM   704  N  ND2 . ASN A 1 93  ? 7.330   12.817  13.669  1.00 30.39 ? 91  ASN A ND2 1 
ATOM   705  N  N   . GLU A 1 94  ? 7.922   10.046  10.931  1.00 23.08 ? 92  GLU A N   1 
ATOM   706  C  CA  . GLU A 1 94  ? 9.165   10.191  10.250  1.00 22.25 ? 92  GLU A CA  1 
ATOM   707  C  C   . GLU A 1 94  ? 10.092  8.971   10.189  1.00 23.36 ? 92  GLU A C   1 
ATOM   708  O  O   . GLU A 1 94  ? 11.262  9.112   9.837   1.00 26.48 ? 92  GLU A O   1 
ATOM   709  C  CB  . GLU A 1 94  ? 9.925   11.437  10.766  1.00 26.19 ? 92  GLU A CB  1 
ATOM   710  C  CG  . GLU A 1 94  ? 9.083   12.703  10.619  1.00 28.21 ? 92  GLU A CG  1 
ATOM   711  C  CD  . GLU A 1 94  ? 9.838   13.970  10.860  1.00 32.09 ? 92  GLU A CD  1 
ATOM   712  O  OE1 . GLU A 1 94  ? 10.719  14.351  10.049  1.00 36.01 ? 92  GLU A OE1 1 
ATOM   713  O  OE2 . GLU A 1 94  ? 9.534   14.605  11.859  1.00 34.20 ? 92  GLU A OE2 1 
ATOM   714  N  N   . ASN A 1 95  ? 9.589   7.786   10.446  1.00 21.89 ? 93  ASN A N   1 
ATOM   715  C  CA  . ASN A 1 95  ? 10.326  6.530   10.286  1.00 23.46 ? 93  ASN A CA  1 
ATOM   716  C  C   . ASN A 1 95  ? 9.649   5.731   9.190   1.00 22.29 ? 93  ASN A C   1 
ATOM   717  O  O   . ASN A 1 95  ? 8.387   5.777   9.103   1.00 21.44 ? 93  ASN A O   1 
ATOM   718  C  CB  . ASN A 1 95  ? 10.228  5.619   11.522  1.00 25.04 ? 93  ASN A CB  1 
ATOM   719  C  CG  . ASN A 1 95  ? 10.827  6.264   12.794  1.00 28.72 ? 93  ASN A CG  1 
ATOM   720  O  OD1 . ASN A 1 95  ? 11.715  7.076   12.704  1.00 26.42 ? 93  ASN A OD1 1 
ATOM   721  N  ND2 . ASN A 1 95  ? 10.276  5.903   13.972  1.00 26.89 ? 93  ASN A ND2 1 
ATOM   722  N  N   . PHE A 1 96  ? 10.441  5.006   8.394   1.00 21.00 ? 94  PHE A N   1 
ATOM   723  C  CA  . PHE A 1 96  ? 9.877   3.933   7.545   1.00 22.56 ? 94  PHE A CA  1 
ATOM   724  C  C   . PHE A 1 96  ? 9.240   2.832   8.342   1.00 25.31 ? 94  PHE A C   1 
ATOM   725  O  O   . PHE A 1 96  ? 9.822   2.357   9.303   1.00 24.51 ? 94  PHE A O   1 
ATOM   726  C  CB  . PHE A 1 96  ? 10.911  3.299   6.643   1.00 22.75 ? 94  PHE A CB  1 
ATOM   727  C  CG  . PHE A 1 96  ? 11.262  4.129   5.447   1.00 22.81 ? 94  PHE A CG  1 
ATOM   728  C  CD1 . PHE A 1 96  ? 10.292  4.429   4.502   1.00 23.50 ? 94  PHE A CD1 1 
ATOM   729  C  CD2 . PHE A 1 96  ? 12.547  4.664   5.311   1.00 24.14 ? 94  PHE A CD2 1 
ATOM   730  C  CE1 . PHE A 1 96  ? 10.594  5.184   3.394   1.00 24.52 ? 94  PHE A CE1 1 
ATOM   731  C  CE2 . PHE A 1 96  ? 12.848  5.467   4.227   1.00 28.32 ? 94  PHE A CE2 1 
ATOM   732  C  CZ  . PHE A 1 96  ? 11.869  5.722   3.249   1.00 26.11 ? 94  PHE A CZ  1 
ATOM   733  N  N   . LYS A 1 97  ? 8.039   2.411   7.962   1.00 22.29 ? 95  LYS A N   1 
ATOM   734  C  CA  . LYS A 1 97  ? 7.399   1.294   8.604   1.00 21.66 ? 95  LYS A CA  1 
ATOM   735  C  C   . LYS A 1 97  ? 6.607   0.467   7.612   1.00 23.77 ? 95  LYS A C   1 
ATOM   736  O  O   . LYS A 1 97  ? 5.856   1.020   6.811   1.00 19.55 ? 95  LYS A O   1 
ATOM   737  C  CB  . LYS A 1 97  ? 6.503   1.796   9.730   1.00 22.36 ? 95  LYS A CB  1 
ATOM   738  C  CG  . LYS A 1 97  ? 5.607   0.701   10.295  1.00 24.11 ? 95  LYS A CG  1 
ATOM   739  C  CD  . LYS A 1 97  ? 4.769   1.143   11.482  1.00 26.01 ? 95  LYS A CD  1 
ATOM   740  C  CE  . LYS A 1 97  ? 3.883   0.005   12.008  1.00 27.53 ? 95  LYS A CE  1 
ATOM   741  N  NZ  . LYS A 1 97  ? 2.967   0.485   13.085  1.00 29.60 ? 95  LYS A NZ  1 
ATOM   742  N  N   . THR A 1 98  ? 6.735   -0.854  7.691   1.00 22.34 ? 96  THR A N   1 
ATOM   743  C  CA  . THR A 1 98  ? 6.044   -1.744  6.793   1.00 22.49 ? 96  THR A CA  1 
ATOM   744  C  C   . THR A 1 98  ? 4.558   -1.615  7.024   1.00 23.66 ? 96  THR A C   1 
ATOM   745  O  O   . THR A 1 98  ? 4.075   -1.724  8.150   1.00 22.37 ? 96  THR A O   1 
ATOM   746  C  CB  . THR A 1 98  ? 6.506   -3.197  6.994   1.00 22.06 ? 96  THR A CB  1 
ATOM   747  O  OG1 . THR A 1 98  ? 7.864   -3.245  6.620   1.00 22.16 ? 96  THR A OG1 1 
ATOM   748  C  CG2 . THR A 1 98  ? 5.685   -4.146  6.159   1.00 26.30 ? 96  THR A CG2 1 
ATOM   749  N  N   . ILE A 1 99  ? 3.819   -1.316  5.961   1.00 21.30 ? 97  ILE A N   1 
ATOM   750  C  CA  . ILE A 1 99  ? 2.389   -1.260  6.068   1.00 18.00 ? 97  ILE A CA  1 
ATOM   751  C  C   . ILE A 1 99  ? 1.710   -2.369  5.331   1.00 18.41 ? 97  ILE A C   1 
ATOM   752  O  O   . ILE A 1 99  ? 0.487   -2.598  5.526   1.00 16.57 ? 97  ILE A O   1 
ATOM   753  C  CB  . ILE A 1 99  ? 1.811   0.128   5.650   1.00 18.98 ? 97  ILE A CB  1 
ATOM   754  C  CG1 . ILE A 1 99  ? 2.141   0.457   4.159   1.00 17.73 ? 97  ILE A CG1 1 
ATOM   755  C  CG2 . ILE A 1 99  ? 2.332   1.201   6.555   1.00 18.55 ? 97  ILE A CG2 1 
ATOM   756  C  CD1 . ILE A 1 99  ? 1.368   1.630   3.560   1.00 17.95 ? 97  ILE A CD1 1 
ATOM   757  N  N   . VAL A 1 100 ? 2.425   -3.113  4.489   1.00 20.42 ? 98  VAL A N   1 
ATOM   758  C  CA  . VAL A 1 100 ? 1.798   -4.271  3.823   1.00 19.58 ? 98  VAL A CA  1 
ATOM   759  C  C   . VAL A 1 100 ? 2.897   -5.114  3.290   1.00 18.98 ? 98  VAL A C   1 
ATOM   760  O  O   . VAL A 1 100 ? 3.993   -4.611  3.060   1.00 16.99 ? 98  VAL A O   1 
ATOM   761  C  CB  . VAL A 1 100 ? 0.786   -3.832  2.683   1.00 19.13 ? 98  VAL A CB  1 
ATOM   762  C  CG1 . VAL A 1 100 ? 1.506   -3.131  1.510   1.00 21.05 ? 98  VAL A CG1 1 
ATOM   763  C  CG2 . VAL A 1 100 ? -0.063  -5.010  2.202   1.00 19.00 ? 98  VAL A CG2 1 
ATOM   764  N  N   . GLU A 1 101 ? 2.597   -6.385  3.034   1.00 21.49 ? 99  GLU A N   1 
ATOM   765  C  CA  . GLU A 1 101 ? 3.550   -7.312  2.387   1.00 22.95 ? 99  GLU A CA  1 
ATOM   766  C  C   . GLU A 1 101 ? 2.855   -7.995  1.220   1.00 23.44 ? 99  GLU A C   1 
ATOM   767  O  O   . GLU A 1 101 ? 1.641   -8.226  1.251   1.00 22.34 ? 99  GLU A O   1 
ATOM   768  C  CB  . GLU A 1 101 ? 4.061   -8.376  3.341   1.00 25.24 ? 99  GLU A CB  1 
ATOM   769  C  CG  . GLU A 1 101 ? 4.916   -7.767  4.433   1.00 28.15 ? 99  GLU A CG  1 
ATOM   770  C  CD  . GLU A 1 101 ? 5.480   -8.787  5.412   1.00 30.72 ? 99  GLU A CD  1 
ATOM   771  O  OE1 . GLU A 1 101 ? 6.324   -8.354  6.180   1.00 34.26 ? 99  GLU A OE1 1 
ATOM   772  O  OE2 . GLU A 1 101 ? 5.137   -9.971  5.353   1.00 31.60 ? 99  GLU A OE2 1 
ATOM   773  N  N   . PHE A 1 102 ? 3.665   -8.267  0.182   1.00 19.66 ? 100 PHE A N   1 
ATOM   774  C  CA  . PHE A 1 102 ? 3.204   -8.911  -1.022  1.00 21.12 ? 100 PHE A CA  1 
ATOM   775  C  C   . PHE A 1 102 ? 3.997   -10.240 -1.170  1.00 21.54 ? 100 PHE A C   1 
ATOM   776  O  O   . PHE A 1 102 ? 5.244   -10.212 -1.024  1.00 22.01 ? 100 PHE A O   1 
ATOM   777  C  CB  . PHE A 1 102 ? 3.491   -8.014  -2.205  1.00 22.08 ? 100 PHE A CB  1 
ATOM   778  C  CG  . PHE A 1 102 ? 2.821   -6.663  -2.137  1.00 19.79 ? 100 PHE A CG  1 
ATOM   779  C  CD1 . PHE A 1 102 ? 1.487   -6.542  -2.429  1.00 19.55 ? 100 PHE A CD1 1 
ATOM   780  C  CD2 . PHE A 1 102 ? 3.552   -5.514  -1.834  1.00 21.10 ? 100 PHE A CD2 1 
ATOM   781  C  CE1 . PHE A 1 102 ? 0.856   -5.258  -2.373  1.00 20.23 ? 100 PHE A CE1 1 
ATOM   782  C  CE2 . PHE A 1 102 ? 2.931   -4.248  -1.795  1.00 17.35 ? 100 PHE A CE2 1 
ATOM   783  C  CZ  . PHE A 1 102 ? 1.589   -4.151  -2.012  1.00 18.31 ? 100 PHE A CZ  1 
ATOM   784  N  N   . GLU A 1 103 ? 3.256   -11.329 -1.393  1.00 23.99 ? 101 GLU A N   1 
ATOM   785  C  CA  . GLU A 1 103 ? 3.759   -12.610 -1.927  1.00 27.16 ? 101 GLU A CA  1 
ATOM   786  C  C   . GLU A 1 103 ? 3.873   -12.564 -3.450  1.00 22.74 ? 101 GLU A C   1 
ATOM   787  O  O   . GLU A 1 103 ? 2.895   -12.434 -4.168  1.00 26.21 ? 101 GLU A O   1 
ATOM   788  C  CB  . GLU A 1 103 ? 2.831   -13.760 -1.571  1.00 30.61 ? 101 GLU A CB  1 
ATOM   789  C  CG  . GLU A 1 103 ? 3.443   -15.149 -1.752  1.00 39.52 ? 101 GLU A CG  1 
ATOM   790  C  CD  . GLU A 1 103 ? 2.686   -16.231 -0.951  1.00 45.51 ? 101 GLU A CD  1 
ATOM   791  O  OE1 . GLU A 1 103 ? 2.873   -16.296 0.277   1.00 50.15 ? 101 GLU A OE1 1 
ATOM   792  O  OE2 . GLU A 1 103 ? 1.873   -16.974 -1.551  1.00 53.35 ? 101 GLU A OE2 1 
ATOM   793  N  N   . CYS A 1 104 ? 5.100   -12.598 -3.919  1.00 24.20 ? 102 CYS A N   1 
ATOM   794  C  CA  . CYS A 1 104 ? 5.446   -12.377 -5.310  1.00 24.86 ? 102 CYS A CA  1 
ATOM   795  C  C   . CYS A 1 104 ? 5.910   -13.694 -5.933  1.00 26.25 ? 102 CYS A C   1 
ATOM   796  O  O   . CYS A 1 104 ? 6.814   -14.332 -5.382  1.00 27.15 ? 102 CYS A O   1 
ATOM   797  C  CB  . CYS A 1 104 ? 6.604   -11.395 -5.362  1.00 25.61 ? 102 CYS A CB  1 
ATOM   798  S  SG  . CYS A 1 104 ? 6.101   -9.773  -4.645  1.00 29.63 ? 102 CYS A SG  1 
ATOM   799  N  N   . ARG A 1 105 ? 5.326   -14.045 -7.064  1.00 26.48 ? 103 ARG A N   1 
ATOM   800  C  CA  . ARG A 1 105 ? 5.777   -15.219 -7.873  1.00 28.55 ? 103 ARG A CA  1 
ATOM   801  C  C   . ARG A 1 105 ? 6.143   -14.758 -9.250  1.00 24.58 ? 103 ARG A C   1 
ATOM   802  O  O   . ARG A 1 105 ? 5.309   -14.699 -10.170 1.00 23.56 ? 103 ARG A O   1 
ATOM   803  C  CB  . ARG A 1 105 ? 4.703   -16.285 -7.937  1.00 30.98 ? 103 ARG A CB  1 
ATOM   804  C  CG  . ARG A 1 105 ? 4.375   -16.824 -6.564  1.00 38.30 ? 103 ARG A CG  1 
ATOM   805  C  CD  . ARG A 1 105 ? 3.219   -17.782 -6.626  1.00 45.64 ? 103 ARG A CD  1 
ATOM   806  N  NE  . ARG A 1 105 ? 2.858   -18.194 -5.279  1.00 52.55 ? 103 ARG A NE  1 
ATOM   807  C  CZ  . ARG A 1 105 ? 3.285   -19.308 -4.670  1.00 55.66 ? 103 ARG A CZ  1 
ATOM   808  N  NH1 . ARG A 1 105 ? 4.097   -20.206 -5.257  1.00 55.28 ? 103 ARG A NH1 1 
ATOM   809  N  NH2 . ARG A 1 105 ? 2.875   -19.529 -3.437  1.00 60.28 ? 103 ARG A NH2 1 
ATOM   810  N  N   . GLY A 1 106 ? 7.400   -14.398 -9.362  1.00 24.15 ? 104 GLY A N   1 
ATOM   811  C  CA  . GLY A 1 106 ? 7.990   -13.928 -10.606 1.00 27.77 ? 104 GLY A CA  1 
ATOM   812  C  C   . GLY A 1 106 ? 7.884   -12.432 -10.937 1.00 28.48 ? 104 GLY A C   1 
ATOM   813  O  O   . GLY A 1 106 ? 8.277   -12.043 -12.016 1.00 25.79 ? 104 GLY A O   1 
ATOM   814  N  N   . LEU A 1 107 ? 7.355   -11.615 -10.018 1.00 31.49 ? 105 LEU A N   1 
ATOM   815  C  CA  . LEU A 1 107 ? 6.934   -10.229 -10.327 1.00 34.33 ? 105 LEU A CA  1 
ATOM   816  C  C   . LEU A 1 107 ? 6.996   -9.408  -9.075  1.00 37.28 ? 105 LEU A C   1 
ATOM   817  O  O   . LEU A 1 107 ? 6.137   -9.621  -8.189  1.00 36.67 ? 105 LEU A O   1 
ATOM   818  C  CB  . LEU A 1 107 ? 5.460   -10.253 -10.747 1.00 32.47 ? 105 LEU A CB  1 
ATOM   819  C  CG  . LEU A 1 107 ? 4.601   -9.102  -11.190 1.00 33.60 ? 105 LEU A CG  1 
ATOM   820  C  CD1 . LEU A 1 107 ? 5.095   -8.528  -12.514 1.00 37.57 ? 105 LEU A CD1 1 
ATOM   821  C  CD2 . LEU A 1 107 ? 3.180   -9.556  -11.378 1.00 32.64 ? 105 LEU A CD2 1 
ATOM   822  N  N   . GLU A 1 108 ? 7.937   -8.471  -8.999  1.00 27.60 ? 106 GLU A N   1 
ATOM   823  C  CA  . GLU A 1 108 ? 8.119   -7.722  -7.801  1.00 26.72 ? 106 GLU A CA  1 
ATOM   824  C  C   . GLU A 1 108 ? 7.617   -6.282  -8.023  1.00 24.98 ? 106 GLU A C   1 
ATOM   825  O  O   . GLU A 1 108 ? 7.961   -5.636  -9.064  1.00 20.21 ? 106 GLU A O   1 
ATOM   826  C  CB  . GLU A 1 108 ? 9.582   -7.560  -7.410  1.00 34.07 ? 106 GLU A CB  1 
ATOM   827  C  CG  . GLU A 1 108 ? 10.339  -8.815  -6.969  1.00 42.47 ? 106 GLU A CG  1 
ATOM   828  C  CD  . GLU A 1 108 ? 11.722  -8.447  -6.466  1.00 49.47 ? 106 GLU A CD  1 
ATOM   829  O  OE1 . GLU A 1 108 ? 12.165  -7.239  -6.599  1.00 53.03 ? 106 GLU A OE1 1 
ATOM   830  O  OE2 . GLU A 1 108 ? 12.333  -9.373  -5.902  1.00 62.23 ? 106 GLU A OE2 1 
ATOM   831  N  N   . PRO A 1 109 ? 6.948   -5.742  -6.999  1.00 20.60 ? 107 PRO A N   1 
ATOM   832  C  CA  . PRO A 1 109 ? 6.635   -4.321  -7.069  1.00 21.05 ? 107 PRO A CA  1 
ATOM   833  C  C   . PRO A 1 109 ? 7.896   -3.432  -6.892  1.00 18.93 ? 107 PRO A C   1 
ATOM   834  O  O   . PRO A 1 109 ? 8.714   -3.624  -5.978  1.00 20.79 ? 107 PRO A O   1 
ATOM   835  C  CB  . PRO A 1 109 ? 5.609   -4.163  -5.945  1.00 20.68 ? 107 PRO A CB  1 
ATOM   836  C  CG  . PRO A 1 109 ? 6.062   -5.152  -4.919  1.00 23.88 ? 107 PRO A CG  1 
ATOM   837  C  CD  . PRO A 1 109 ? 6.517   -6.351  -5.728  1.00 22.50 ? 107 PRO A CD  1 
ATOM   838  N  N   . VAL A 1 110 ? 8.060   -2.466  -7.764  1.00 17.78 ? 108 VAL A N   1 
ATOM   839  C  CA  . VAL A 1 110 ? 9.200   -1.563  -7.708  1.00 18.45 ? 108 VAL A CA  1 
ATOM   840  C  C   . VAL A 1 110 ? 8.825   -0.079  -7.561  1.00 17.64 ? 108 VAL A C   1 
ATOM   841  O  O   . VAL A 1 110 ? 9.677   0.739   -7.341  1.00 16.85 ? 108 VAL A O   1 
ATOM   842  C  CB  . VAL A 1 110 ? 10.106  -1.735  -8.958  1.00 19.95 ? 108 VAL A CB  1 
ATOM   843  C  CG1 . VAL A 1 110 ? 10.713  -3.160  -8.911  1.00 22.10 ? 108 VAL A CG1 1 
ATOM   844  C  CG2 . VAL A 1 110 ? 9.303   -1.500  -10.233 1.00 20.22 ? 108 VAL A CG2 1 
ATOM   845  N  N   . ASP A 1 111 ? 7.543   0.274   -7.649  1.00 16.66 ? 109 ASP A N   1 
ATOM   846  C  CA  . ASP A 1 111 ? 7.147   1.626   -7.280  1.00 14.94 ? 109 ASP A CA  1 
ATOM   847  C  C   . ASP A 1 111 ? 5.711   1.588   -6.783  1.00 15.58 ? 109 ASP A C   1 
ATOM   848  O  O   . ASP A 1 111 ? 5.015   0.649   -7.080  1.00 14.25 ? 109 ASP A O   1 
ATOM   849  C  CB  . ASP A 1 111 ? 7.241   2.561   -8.501  1.00 15.30 ? 109 ASP A CB  1 
ATOM   850  C  CG  . ASP A 1 111 ? 7.474   4.035   -8.118  1.00 18.90 ? 109 ASP A CG  1 
ATOM   851  O  OD1 . ASP A 1 111 ? 7.309   4.416   -6.938  1.00 18.56 ? 109 ASP A OD1 1 
ATOM   852  O  OD2 . ASP A 1 111 ? 7.789   4.833   -9.049  1.00 17.64 ? 109 ASP A OD2 1 
ATOM   853  N  N   . PHE A 1 112 ? 5.303   2.645   -6.061  1.00 14.79 ? 110 PHE A N   1 
ATOM   854  C  CA  . PHE A 1 112 ? 4.017   2.726   -5.341  1.00 14.84 ? 110 PHE A CA  1 
ATOM   855  C  C   . PHE A 1 112 ? 3.493   4.147   -5.486  1.00 14.83 ? 110 PHE A C   1 
ATOM   856  O  O   . PHE A 1 112 ? 4.244   5.073   -5.315  1.00 13.24 ? 110 PHE A O   1 
ATOM   857  C  CB  . PHE A 1 112 ? 4.278   2.444   -3.913  1.00 15.37 ? 110 PHE A CB  1 
ATOM   858  C  CG  . PHE A 1 112 ? 3.144   2.718   -2.988  1.00 14.27 ? 110 PHE A CG  1 
ATOM   859  C  CD1 . PHE A 1 112 ? 1.856   2.219   -3.244  1.00 14.69 ? 110 PHE A CD1 1 
ATOM   860  C  CD2 . PHE A 1 112 ? 3.380   3.419   -1.815  1.00 14.08 ? 110 PHE A CD2 1 
ATOM   861  C  CE1 . PHE A 1 112 ? 0.801   2.426   -2.313  1.00 14.48 ? 110 PHE A CE1 1 
ATOM   862  C  CE2 . PHE A 1 112 ? 2.336   3.593   -0.876  1.00 14.75 ? 110 PHE A CE2 1 
ATOM   863  C  CZ  . PHE A 1 112 ? 1.062   3.096   -1.138  1.00 15.35 ? 110 PHE A CZ  1 
ATOM   864  N  N   . GLN A 1 113 ? 2.211   4.263   -5.816  1.00 14.11 ? 111 GLN A N   1 
ATOM   865  C  CA  . GLN A 1 113 ? 1.527   5.564   -5.985  1.00 16.08 ? 111 GLN A CA  1 
ATOM   866  C  C   . GLN A 1 113 ? 0.320   5.550   -5.024  1.00 14.81 ? 111 GLN A C   1 
ATOM   867  O  O   . GLN A 1 113 ? -0.767  5.114   -5.407  1.00 15.36 ? 111 GLN A O   1 
ATOM   868  C  CB  . GLN A 1 113 ? 1.067   5.676   -7.413  1.00 17.10 ? 111 GLN A CB  1 
ATOM   869  C  CG  . GLN A 1 113 ? 0.280   6.944   -7.774  1.00 19.15 ? 111 GLN A CG  1 
ATOM   870  C  CD  . GLN A 1 113 ? -0.176  6.910   -9.225  1.00 21.91 ? 111 GLN A CD  1 
ATOM   871  O  OE1 . GLN A 1 113 ? -1.097  6.121   -9.629  1.00 21.86 ? 111 GLN A OE1 1 
ATOM   872  N  NE2 . GLN A 1 113 ? 0.452   7.758   -10.032 1.00 25.34 ? 111 GLN A NE2 1 
ATOM   873  N  N   . PRO A 1 114 ? 0.530   5.918   -3.771  1.00 13.97 ? 112 PRO A N   1 
ATOM   874  C  CA  . PRO A 1 114 ? -0.654  5.937   -2.894  1.00 14.25 ? 112 PRO A CA  1 
ATOM   875  C  C   . PRO A 1 114 ? -1.715  6.900   -3.463  1.00 15.20 ? 112 PRO A C   1 
ATOM   876  O  O   . PRO A 1 114 ? -1.363  7.955   -4.011  1.00 15.61 ? 112 PRO A O   1 
ATOM   877  C  CB  . PRO A 1 114 ? -0.080  6.419   -1.561  1.00 14.77 ? 112 PRO A CB  1 
ATOM   878  C  CG  . PRO A 1 114 ? 1.150   7.230   -1.928  1.00 15.18 ? 112 PRO A CG  1 
ATOM   879  C  CD  . PRO A 1 114 ? 1.703   6.541   -3.135  1.00 14.81 ? 112 PRO A CD  1 
ATOM   880  N  N   . GLN A 1 115 ? -2.981  6.526   -3.381  1.00 13.70 ? 113 GLN A N   1 
ATOM   881  C  CA  . GLN A 1 115 ? -4.061  7.461   -3.738  1.00 14.96 ? 113 GLN A CA  1 
ATOM   882  C  C   . GLN A 1 115 ? -5.058  7.515   -2.557  1.00 14.28 ? 113 GLN A C   1 
ATOM   883  O  O   . GLN A 1 115 ? -4.641  7.865   -1.471  1.00 14.11 ? 113 GLN A O   1 
ATOM   884  C  CB  . GLN A 1 115 ? -4.698  7.016   -5.059  1.00 15.55 ? 113 GLN A CB  1 
ATOM   885  C  CG  . GLN A 1 115 ? -3.712  6.883   -6.235  1.00 16.83 ? 113 GLN A CG  1 
ATOM   886  C  CD  . GLN A 1 115 ? -4.419  6.846   -7.588  1.00 21.76 ? 113 GLN A CD  1 
ATOM   887  O  OE1 . GLN A 1 115 ? -5.620  7.180   -7.685  1.00 21.47 ? 113 GLN A OE1 1 
ATOM   888  N  NE2 . GLN A 1 115 ? -3.671  6.539   -8.667  1.00 18.44 ? 113 GLN A NE2 1 
ATOM   889  N  N   . ALA A 1 116 ? -6.320  7.141   -2.763  1.00 13.19 ? 114 ALA A N   1 
ATOM   890  C  CA  . ALA A 1 116 ? -7.344  7.265   -1.746  1.00 17.03 ? 114 ALA A CA  1 
ATOM   891  C  C   . ALA A 1 116 ? -7.606  5.946   -1.045  1.00 15.24 ? 114 ALA A C   1 
ATOM   892  O  O   . ALA A 1 116 ? -6.876  4.944   -1.223  1.00 14.27 ? 114 ALA A O   1 
ATOM   893  C  CB  . ALA A 1 116 ? -8.644  7.784   -2.355  1.00 18.38 ? 114 ALA A CB  1 
ATOM   894  N  N   . GLY A 1 117 ? -8.677  5.963   -0.249  1.00 14.95 ? 115 GLY A N   1 
ATOM   895  C  CA  . GLY A 1 117 ? -9.068  4.808   0.602   1.00 14.86 ? 115 GLY A CA  1 
ATOM   896  C  C   . GLY A 1 117 ? -8.336  4.638   1.935   1.00 15.44 ? 115 GLY A C   1 
ATOM   897  O  O   . GLY A 1 117 ? -8.446  3.587   2.568   1.00 17.45 ? 115 GLY A O   1 
ATOM   898  N  N   . PHE A 1 118 ? -7.488  5.579   2.299   1.00 14.46 ? 116 PHE A N   1 
ATOM   899  C  CA  . PHE A 1 118 ? -6.840  5.529   3.581   1.00 15.44 ? 116 PHE A CA  1 
ATOM   900  C  C   . PHE A 1 118 ? -7.850  6.040   4.646   1.00 16.00 ? 116 PHE A C   1 
ATOM   901  O  O   . PHE A 1 118 ? -8.712  6.885   4.342   1.00 14.65 ? 116 PHE A O   1 
ATOM   902  C  CB  . PHE A 1 118 ? -5.605  6.415   3.615   1.00 15.34 ? 116 PHE A CB  1 
ATOM   903  C  CG  . PHE A 1 118 ? -4.422  5.835   2.836   1.00 15.97 ? 116 PHE A CG  1 
ATOM   904  C  CD1 . PHE A 1 118 ? -3.500  5.012   3.439   1.00 15.49 ? 116 PHE A CD1 1 
ATOM   905  C  CD2 . PHE A 1 118 ? -4.234  6.173   1.492   1.00 14.68 ? 116 PHE A CD2 1 
ATOM   906  C  CE1 . PHE A 1 118 ? -2.434  4.485   2.699   1.00 17.00 ? 116 PHE A CE1 1 
ATOM   907  C  CE2 . PHE A 1 118 ? -3.181  5.666   0.775   1.00 16.47 ? 116 PHE A CE2 1 
ATOM   908  C  CZ  . PHE A 1 118 ? -2.290  4.797   1.347   1.00 15.43 ? 116 PHE A CZ  1 
ATOM   909  N  N   . ALA A 1 119 ? -7.592  5.656   5.896   1.00 16.37 ? 117 ALA A N   1 
ATOM   910  C  CA  . ALA A 1 119 ? -8.289  6.300   7.042   1.00 16.22 ? 117 ALA A CA  1 
ATOM   911  C  C   . ALA A 1 119 ? -7.334  6.524   8.133   1.00 16.64 ? 117 ALA A C   1 
ATOM   912  O  O   . ALA A 1 119 ? -6.289  5.848   8.206   1.00 16.91 ? 117 ALA A O   1 
ATOM   913  C  CB  . ALA A 1 119 ? -9.412  5.403   7.525   1.00 17.66 ? 117 ALA A CB  1 
ATOM   914  N  N   . ALA A 1 120 ? -7.671  7.488   8.997   1.00 16.05 ? 118 ALA A N   1 
ATOM   915  C  CA  . ALA A 1 120 ? -6.870  7.764   10.150  1.00 17.73 ? 118 ALA A CA  1 
ATOM   916  C  C   . ALA A 1 120 ? -7.762  8.313   11.290  1.00 16.67 ? 118 ALA A C   1 
ATOM   917  O  O   . ALA A 1 120 ? -8.964  8.494   11.125  1.00 17.40 ? 118 ALA A O   1 
ATOM   918  C  CB  . ALA A 1 120 ? -5.808  8.781   9.803   1.00 18.01 ? 118 ALA A CB  1 
ATOM   919  N  N   . GLU A 1 121 ? -7.117  8.672   12.388  1.00 20.57 ? 119 GLU A N   1 
ATOM   920  C  CA  . GLU A 1 121 ? -7.841  9.196   13.604  1.00 22.82 ? 119 GLU A CA  1 
ATOM   921  C  C   . GLU A 1 121 ? -7.125  10.300  14.262  1.00 20.89 ? 119 GLU A C   1 
ATOM   922  O  O   . GLU A 1 121 ? -5.882  10.256  14.370  1.00 23.36 ? 119 GLU A O   1 
ATOM   923  C  CB  . GLU A 1 121 ? -7.924  8.127   14.705  1.00 27.81 ? 119 GLU A CB  1 
ATOM   924  C  CG  . GLU A 1 121 ? -9.059  7.183   14.616  1.00 37.84 ? 119 GLU A CG  1 
ATOM   925  C  CD  . GLU A 1 121 ? -8.790  6.038   15.600  1.00 45.32 ? 119 GLU A CD  1 
ATOM   926  O  OE1 . GLU A 1 121 ? -8.442  6.284   16.793  1.00 44.63 ? 119 GLU A OE1 1 
ATOM   927  O  OE2 . GLU A 1 121 ? -8.844  4.904   15.126  1.00 50.64 ? 119 GLU A OE2 1 
ATOM   928  N  N   . GLY A 1 122 ? -7.890  11.273  14.766  1.00 20.06 ? 120 GLY A N   1 
ATOM   929  C  CA  . GLY A 1 122 ? -7.316  12.330  15.599  1.00 22.39 ? 120 GLY A CA  1 
ATOM   930  C  C   . GLY A 1 122 ? -6.610  11.695  16.834  1.00 24.04 ? 120 GLY A C   1 
ATOM   931  O  O   . GLY A 1 122 ? -7.112  10.727  17.391  1.00 23.17 ? 120 GLY A O   1 
ATOM   932  N  N   . VAL A 1 123 ? -5.423  12.149  17.178  1.00 25.48 ? 121 VAL A N   1 
ATOM   933  C  CA  . VAL A 1 123 ? -4.570  11.335  18.081  1.00 29.59 ? 121 VAL A CA  1 
ATOM   934  C  C   . VAL A 1 123 ? -5.176  11.251  19.488  1.00 38.81 ? 121 VAL A C   1 
ATOM   935  O  O   . VAL A 1 123 ? -5.182  10.155  20.065  1.00 44.38 ? 121 VAL A O   1 
ATOM   936  C  CB  . VAL A 1 123 ? -3.127  11.844  18.098  1.00 33.59 ? 121 VAL A CB  1 
ATOM   937  C  CG1 . VAL A 1 123 ? -3.045  13.227  18.712  1.00 37.24 ? 121 VAL A CG1 1 
ATOM   938  C  CG2 . VAL A 1 123 ? -2.170  10.891  18.806  1.00 36.37 ? 121 VAL A CG2 1 
ATOM   939  N  N   . GLU A 1 124 ? -5.761  12.354  19.978  1.00 39.52 ? 122 GLU A N   1 
ATOM   940  C  CA  . GLU A 1 124 ? -6.432  12.358  21.297  1.00 48.40 ? 122 GLU A CA  1 
ATOM   941  C  C   . GLU A 1 124 ? -7.956  12.251  21.145  1.00 47.95 ? 122 GLU A C   1 
ATOM   942  O  O   . GLU A 1 124 ? -8.596  11.408  21.822  1.00 45.57 ? 122 GLU A O   1 
ATOM   943  C  CB  . GLU A 1 124 ? -6.073  13.588  22.144  1.00 54.00 ? 122 GLU A CB  1 
ATOM   944  C  CG  . GLU A 1 124 ? -4.640  14.152  22.017  1.00 64.38 ? 122 GLU A CG  1 
ATOM   945  C  CD  . GLU A 1 124 ? -4.506  15.313  20.993  1.00 69.05 ? 122 GLU A CD  1 
ATOM   946  O  OE1 . GLU A 1 124 ? -5.556  15.888  20.595  1.00 64.11 ? 122 GLU A OE1 1 
ATOM   947  O  OE2 . GLU A 1 124 ? -3.345  15.639  20.589  1.00 63.30 ? 122 GLU A OE2 1 
ATOM   948  N  N   . SER A 1 125 ? -8.526  13.035  20.219  1.00 36.78 ? 123 SER A N   1 
ATOM   949  C  CA  . SER A 1 125 ? -9.961  13.054  20.005  1.00 33.00 ? 123 SER A CA  1 
ATOM   950  C  C   . SER A 1 125 ? -10.578 11.720  19.626  1.00 30.59 ? 123 SER A C   1 
ATOM   951  O  O   . SER A 1 125 ? -11.767 11.521  19.853  1.00 26.45 ? 123 SER A O   1 
ATOM   952  C  CB  . SER A 1 125 ? -10.328 14.078  18.918  1.00 38.81 ? 123 SER A CB  1 
ATOM   953  O  OG  . SER A 1 125 ? -9.921  13.599  17.614  1.00 32.10 ? 123 SER A OG  1 
ATOM   954  N  N   . GLY A 1 126 ? -9.812  10.859  18.949  1.00 29.50 ? 124 GLY A N   1 
ATOM   955  C  CA  . GLY A 1 126 ? -10.371 9.728   18.210  1.00 25.04 ? 124 GLY A CA  1 
ATOM   956  C  C   . GLY A 1 126 ? -11.337 10.052  17.107  1.00 25.74 ? 124 GLY A C   1 
ATOM   957  O  O   . GLY A 1 126 ? -12.020 9.163   16.638  1.00 28.10 ? 124 GLY A O   1 
ATOM   958  N  N   . THR A 1 127 ? -11.419 11.291  16.628  1.00 23.95 ? 125 THR A N   1 
ATOM   959  C  CA  . THR A 1 127 ? -12.295 11.579  15.473  1.00 24.75 ? 125 THR A CA  1 
ATOM   960  C  C   . THR A 1 127 ? -11.800 10.815  14.209  1.00 25.75 ? 125 THR A C   1 
ATOM   961  O  O   . THR A 1 127 ? -10.635 10.798  13.958  1.00 23.67 ? 125 THR A O   1 
ATOM   962  C  CB  . THR A 1 127 ? -12.191 13.057  15.147  1.00 26.14 ? 125 THR A CB  1 
ATOM   963  O  OG1 . THR A 1 127 ? -12.489 13.808  16.340  1.00 30.64 ? 125 THR A OG1 1 
ATOM   964  C  CG2 . THR A 1 127 ? -13.087 13.469  13.993  1.00 24.51 ? 125 THR A CG2 1 
ATOM   965  N  N   . ALA A 1 128 ? -12.684 10.160  13.478  1.00 24.67 ? 126 ALA A N   1 
ATOM   966  C  CA  . ALA A 1 128 ? -12.300 9.386   12.312  1.00 25.59 ? 126 ALA A CA  1 
ATOM   967  C  C   . ALA A 1 128 ? -12.191 10.338  11.136  1.00 22.77 ? 126 ALA A C   1 
ATOM   968  O  O   . ALA A 1 128 ? -13.022 11.279  10.969  1.00 21.76 ? 126 ALA A O   1 
ATOM   969  C  CB  . ALA A 1 128 ? -13.325 8.302   12.035  1.00 26.53 ? 126 ALA A CB  1 
ATOM   970  N  N   . PHE A 1 129 ? -11.140 10.117  10.346  1.00 22.52 ? 127 PHE A N   1 
ATOM   971  C  CA  . PHE A 1 129 ? -10.957 10.792  9.038   1.00 18.61 ? 127 PHE A CA  1 
ATOM   972  C  C   . PHE A 1 129 ? -10.962 9.694   8.003   1.00 18.85 ? 127 PHE A C   1 
ATOM   973  O  O   . PHE A 1 129 ? -9.999  8.884   7.905   1.00 16.59 ? 127 PHE A O   1 
ATOM   974  C  CB  . PHE A 1 129 ? -9.681  11.595  9.013   1.00 19.03 ? 127 PHE A CB  1 
ATOM   975  C  CG  . PHE A 1 129 ? -9.705  12.738  9.957   1.00 19.56 ? 127 PHE A CG  1 
ATOM   976  C  CD1 . PHE A 1 129 ? -10.246 13.959  9.576   1.00 20.39 ? 127 PHE A CD1 1 
ATOM   977  C  CD2 . PHE A 1 129 ? -9.292  12.562  11.306  1.00 19.97 ? 127 PHE A CD2 1 
ATOM   978  C  CE1 . PHE A 1 129 ? -10.317 15.041  10.488  1.00 21.38 ? 127 PHE A CE1 1 
ATOM   979  C  CE2 . PHE A 1 129 ? -9.399  13.643  12.230  1.00 19.79 ? 127 PHE A CE2 1 
ATOM   980  C  CZ  . PHE A 1 129 ? -9.899  14.876  11.817  1.00 20.07 ? 127 PHE A CZ  1 
ATOM   981  N  N   . SER A 1 130 ? -12.011 9.657   7.199   1.00 20.40 ? 128 SER A N   1 
ATOM   982  C  CA  . SER A 1 130 ? -12.163 8.569   6.244   1.00 23.37 ? 128 SER A CA  1 
ATOM   983  C  C   . SER A 1 130 ? -11.842 8.992   4.790   1.00 22.09 ? 128 SER A C   1 
ATOM   984  O  O   . SER A 1 130 ? -11.860 10.146  4.444   1.00 20.29 ? 128 SER A O   1 
ATOM   985  C  CB  . SER A 1 130 ? -13.535 7.962   6.424   1.00 27.05 ? 128 SER A CB  1 
ATOM   986  O  OG  . SER A 1 130 ? -14.443 8.712   5.679   1.00 30.58 ? 128 SER A OG  1 
ATOM   987  N  N   . ASP A 1 131 ? -11.541 8.021   3.939   1.00 22.61 ? 129 ASP A N   1 
ATOM   988  C  CA  . ASP A 1 131 ? -11.146 8.332   2.544   1.00 22.16 ? 129 ASP A CA  1 
ATOM   989  C  C   . ASP A 1 131 ? -10.176 9.515   2.340   1.00 18.57 ? 129 ASP A C   1 
ATOM   990  O  O   . ASP A 1 131 ? -10.456 10.411  1.594   1.00 19.57 ? 129 ASP A O   1 
ATOM   991  C  CB  . ASP A 1 131 ? -12.400 8.524   1.674   1.00 24.81 ? 129 ASP A CB  1 
ATOM   992  C  CG  . ASP A 1 131 ? -12.194 8.055   0.241   1.00 26.45 ? 129 ASP A CG  1 
ATOM   993  O  OD1 . ASP A 1 131 ? -11.185 7.372   -0.101  1.00 22.57 ? 129 ASP A OD1 1 
ATOM   994  O  OD2 . ASP A 1 131 ? -13.005 8.413   -0.572  1.00 29.33 ? 129 ASP A OD2 1 
ATOM   995  N  N   . ILE A 1 132 ? -9.059  9.444   3.037   1.00 16.09 ? 130 ILE A N   1 
ATOM   996  C  CA  . ILE A 1 132 ? -7.924  10.311  2.890   1.00 16.14 ? 130 ILE A CA  1 
ATOM   997  C  C   . ILE A 1 132 ? -7.226  9.958   1.550   1.00 16.59 ? 130 ILE A C   1 
ATOM   998  O  O   . ILE A 1 132 ? -6.986  8.777   1.267   1.00 15.29 ? 130 ILE A O   1 
ATOM   999  C  CB  . ILE A 1 132 ? -6.975  10.089  4.031   1.00 16.07 ? 130 ILE A CB  1 
ATOM   1000 C  CG1 . ILE A 1 132 ? -7.636  10.621  5.327   1.00 16.16 ? 130 ILE A CG1 1 
ATOM   1001 C  CG2 . ILE A 1 132 ? -5.649  10.802  3.799   1.00 15.23 ? 130 ILE A CG2 1 
ATOM   1002 C  CD1 . ILE A 1 132 ? -6.874  10.241  6.581   1.00 16.29 ? 130 ILE A CD1 1 
ATOM   1003 N  N   . ASN A 1 133 ? -7.006  10.966  0.730   1.00 16.19 ? 131 ASN A N   1 
ATOM   1004 C  CA  . ASN A 1 133 ? -6.312  10.756  -0.536  1.00 16.18 ? 131 ASN A CA  1 
ATOM   1005 C  C   . ASN A 1 133 ? -4.888  11.251  -0.388  1.00 13.61 ? 131 ASN A C   1 
ATOM   1006 O  O   . ASN A 1 133 ? -4.629  12.405  -0.133  1.00 14.45 ? 131 ASN A O   1 
ATOM   1007 C  CB  . ASN A 1 133 ? -7.019  11.465  -1.705  1.00 18.57 ? 131 ASN A CB  1 
ATOM   1008 C  CG  . ASN A 1 133 ? -6.469  10.965  -3.070  1.00 19.87 ? 131 ASN A CG  1 
ATOM   1009 O  OD1 . ASN A 1 133 ? -5.290  10.749  -3.181  1.00 16.28 ? 131 ASN A OD1 1 
ATOM   1010 N  ND2 . ASN A 1 133 ? -7.341  10.817  -4.105  1.00 22.22 ? 131 ASN A ND2 1 
ATOM   1011 N  N   . LEU A 1 134 ? -3.930  10.367  -0.523  1.00 12.00 ? 132 LEU A N   1 
ATOM   1012 C  CA  . LEU A 1 134 ? -2.543  10.802  -0.325  1.00 13.49 ? 132 LEU A CA  1 
ATOM   1013 C  C   . LEU A 1 134 ? -1.788  11.012  -1.633  1.00 13.51 ? 132 LEU A C   1 
ATOM   1014 O  O   . LEU A 1 134 ? -0.557  10.970  -1.657  1.00 12.93 ? 132 LEU A O   1 
ATOM   1015 C  CB  . LEU A 1 134 ? -1.812  9.758   0.527   1.00 13.66 ? 132 LEU A CB  1 
ATOM   1016 C  CG  . LEU A 1 134 ? -2.307  9.613   1.990   1.00 15.60 ? 132 LEU A CG  1 
ATOM   1017 C  CD1 . LEU A 1 134 ? -1.473  8.480   2.613   1.00 16.33 ? 132 LEU A CD1 1 
ATOM   1018 C  CD2 . LEU A 1 134 ? -2.205  10.896  2.777   1.00 15.54 ? 132 LEU A CD2 1 
ATOM   1019 N  N   . GLN A 1 135 ? -2.506  11.214  -2.728  1.00 14.51 ? 133 GLN A N   1 
ATOM   1020 C  CA  . GLN A 1 135 ? -1.882  11.181  -4.045  1.00 15.54 ? 133 GLN A CA  1 
ATOM   1021 C  C   . GLN A 1 135 ? -0.910  12.324  -4.200  1.00 15.71 ? 133 GLN A C   1 
ATOM   1022 O  O   . GLN A 1 135 ? 0.112   12.160  -4.814  1.00 14.62 ? 133 GLN A O   1 
ATOM   1023 C  CB  . GLN A 1 135 ? -2.921  11.293  -5.144  1.00 20.39 ? 133 GLN A CB  1 
ATOM   1024 C  CG  . GLN A 1 135 ? -2.181  11.285  -6.497  1.00 27.29 ? 133 GLN A CG  1 
ATOM   1025 C  CD  . GLN A 1 135 ? -2.978  10.627  -7.624  1.00 35.13 ? 133 GLN A CD  1 
ATOM   1026 O  OE1 . GLN A 1 135 ? -4.209  10.586  -7.568  1.00 35.09 ? 133 GLN A OE1 1 
ATOM   1027 N  NE2 . GLN A 1 135 ? -2.267  10.125  -8.653  1.00 36.50 ? 133 GLN A NE2 1 
ATOM   1028 N  N   . GLU A 1 136 ? -1.197  13.466  -3.573  1.00 14.46 ? 134 GLU A N   1 
ATOM   1029 C  CA  . GLU A 1 136 ? -0.303  14.604  -3.656  1.00 16.92 ? 134 GLU A CA  1 
ATOM   1030 C  C   . GLU A 1 136 ? 0.812   14.553  -2.626  1.00 15.34 ? 134 GLU A C   1 
ATOM   1031 O  O   . GLU A 1 136 ? 1.631   15.432  -2.620  1.00 12.53 ? 134 GLU A O   1 
ATOM   1032 C  CB  . GLU A 1 136 ? -1.096  15.899  -3.502  1.00 21.12 ? 134 GLU A CB  1 
ATOM   1033 C  CG  . GLU A 1 136 ? -2.225  16.035  -4.509  1.00 25.73 ? 134 GLU A CG  1 
ATOM   1034 C  CD  . GLU A 1 136 ? -1.747  15.781  -5.958  1.00 35.34 ? 134 GLU A CD  1 
ATOM   1035 O  OE1 . GLU A 1 136 ? -0.681  16.331  -6.335  1.00 44.65 ? 134 GLU A OE1 1 
ATOM   1036 O  OE2 . GLU A 1 136 ? -2.397  15.009  -6.718  1.00 41.97 ? 134 GLU A OE2 1 
ATOM   1037 N  N   . LYS A 1 137 ? 0.868   13.476  -1.819  1.00 14.17 ? 135 LYS A N   1 
ATOM   1038 C  CA  . LYS A 1 137 ? 1.890   13.255  -0.757  1.00 14.54 ? 135 LYS A CA  1 
ATOM   1039 C  C   . LYS A 1 137 ? 1.763   14.154  0.430   1.00 13.59 ? 135 LYS A C   1 
ATOM   1040 O  O   . LYS A 1 137 ? 2.712   14.213  1.246   1.00 14.83 ? 135 LYS A O   1 
ATOM   1041 C  CB  . LYS A 1 137 ? 3.292   13.419  -1.279  1.00 16.26 ? 135 LYS A CB  1 
ATOM   1042 C  CG  . LYS A 1 137 ? 3.529   12.718  -2.594  1.00 18.36 ? 135 LYS A CG  1 
ATOM   1043 C  CD  . LYS A 1 137 ? 3.310   11.248  -2.631  1.00 18.46 ? 135 LYS A CD  1 
ATOM   1044 C  CE  . LYS A 1 137 ? 4.020   10.733  -3.936  1.00 22.15 ? 135 LYS A CE  1 
ATOM   1045 N  NZ  . LYS A 1 137 ? 3.805   9.298   -4.072  1.00 25.76 ? 135 LYS A NZ  1 
ATOM   1046 N  N   . ASP A 1 138 ? 0.668   14.901  0.494   1.00 14.79 ? 136 ASP A N   1 
ATOM   1047 C  CA  . ASP A 1 138 ? 0.393   15.920  1.595   1.00 14.89 ? 136 ASP A CA  1 
ATOM   1048 C  C   . ASP A 1 138 ? -1.100  15.981  1.772   1.00 15.39 ? 136 ASP A C   1 
ATOM   1049 O  O   . ASP A 1 138 ? -1.840  15.900  0.797   1.00 13.81 ? 136 ASP A O   1 
ATOM   1050 C  CB  . ASP A 1 138 ? 0.945   17.312  1.298   1.00 16.29 ? 136 ASP A CB  1 
ATOM   1051 C  CG  . ASP A 1 138 ? 2.453   17.339  1.191   1.00 19.39 ? 136 ASP A CG  1 
ATOM   1052 O  OD1 . ASP A 1 138 ? 3.149   17.223  2.298   1.00 16.79 ? 136 ASP A OD1 1 
ATOM   1053 O  OD2 . ASP A 1 138 ? 2.955   17.417  -0.010  1.00 18.24 ? 136 ASP A OD2 1 
ATOM   1054 N  N   . TRP A 1 139 ? -1.597  16.066  3.010   1.00 12.44 ? 137 TRP A N   1 
ATOM   1055 C  CA  . TRP A 1 139 ? -3.057  16.065  3.254   1.00 12.40 ? 137 TRP A CA  1 
ATOM   1056 C  C   . TRP A 1 139 ? -3.318  16.866  4.524   1.00 11.95 ? 137 TRP A C   1 
ATOM   1057 O  O   . TRP A 1 139 ? -2.470  16.789  5.448   1.00 12.37 ? 137 TRP A O   1 
ATOM   1058 C  CB  . TRP A 1 139 ? -3.534  14.641  3.449   1.00 12.09 ? 137 TRP A CB  1 
ATOM   1059 C  CG  . TRP A 1 139 ? -4.872  14.503  3.905   1.00 13.69 ? 137 TRP A CG  1 
ATOM   1060 C  CD1 . TRP A 1 139 ? -6.008  14.522  3.145   1.00 13.18 ? 137 TRP A CD1 1 
ATOM   1061 C  CD2 . TRP A 1 139 ? -5.319  14.375  5.294   1.00 14.11 ? 137 TRP A CD2 1 
ATOM   1062 N  NE1 . TRP A 1 139 ? -7.115  14.413  3.952   1.00 14.40 ? 137 TRP A NE1 1 
ATOM   1063 C  CE2 . TRP A 1 139 ? -6.727  14.251  5.262   1.00 16.21 ? 137 TRP A CE2 1 
ATOM   1064 C  CE3 . TRP A 1 139 ? -4.656  14.287  6.517   1.00 16.50 ? 137 TRP A CE3 1 
ATOM   1065 C  CZ2 . TRP A 1 139 ? -7.516  14.101  6.442   1.00 16.05 ? 137 TRP A CZ2 1 
ATOM   1066 C  CZ3 . TRP A 1 139 ? -5.416  14.073  7.695   1.00 15.97 ? 137 TRP A CZ3 1 
ATOM   1067 C  CH2 . TRP A 1 139 ? -6.812  13.966  7.648   1.00 16.95 ? 137 TRP A CH2 1 
ATOM   1068 N  N   . THR A 1 140 ? -4.379  17.677  4.522   1.00 12.14 ? 138 THR A N   1 
ATOM   1069 C  CA  . THR A 1 140 ? -4.689  18.606  5.635   1.00 14.46 ? 138 THR A CA  1 
ATOM   1070 C  C   . THR A 1 140 ? -6.156  18.473  5.873   1.00 15.76 ? 138 THR A C   1 
ATOM   1071 O  O   . THR A 1 140 ? -6.946  18.334  4.943   1.00 15.44 ? 138 THR A O   1 
ATOM   1072 C  CB  . THR A 1 140 ? -4.222  20.045  5.348   1.00 13.99 ? 138 THR A CB  1 
ATOM   1073 O  OG1 . THR A 1 140 ? -2.796  20.013  5.090   1.00 14.19 ? 138 THR A OG1 1 
ATOM   1074 C  CG2 . THR A 1 140 ? -4.463  20.997  6.575   1.00 16.27 ? 138 THR A CG2 1 
ATOM   1075 N  N   . ASP A 1 141 ? -6.550  18.428  7.158   1.00 17.04 ? 139 ASP A N   1 
ATOM   1076 C  CA  . ASP A 1 141 ? -7.953  18.600  7.514   1.00 14.59 ? 139 ASP A CA  1 
ATOM   1077 C  C   . ASP A 1 141 ? -7.969  19.325  8.922   1.00 15.26 ? 139 ASP A C   1 
ATOM   1078 O  O   . ASP A 1 141 ? -6.943  19.812  9.431   1.00 14.92 ? 139 ASP A O   1 
ATOM   1079 C  CB  . ASP A 1 141 ? -8.607  17.203  7.565   1.00 14.05 ? 139 ASP A CB  1 
ATOM   1080 C  CG  . ASP A 1 141 ? -10.121 17.174  7.301   1.00 15.30 ? 139 ASP A CG  1 
ATOM   1081 O  OD1 . ASP A 1 141 ? -10.876 18.170  7.600   1.00 15.65 ? 139 ASP A OD1 1 
ATOM   1082 O  OD2 . ASP A 1 141 ? -10.580 16.088  6.809   1.00 15.56 ? 139 ASP A OD2 1 
ATOM   1083 N  N   . TYR A 1 142 ? -9.161  19.422  9.479   1.00 15.90 ? 140 TYR A N   1 
ATOM   1084 C  CA  . TYR A 1 142 ? -9.372  20.039  10.799  1.00 18.84 ? 140 TYR A CA  1 
ATOM   1085 C  C   . TYR A 1 142 ? -10.229 19.077  11.646  1.00 18.02 ? 140 TYR A C   1 
ATOM   1086 O  O   . TYR A 1 142 ? -11.248 18.510  11.197  1.00 17.17 ? 140 TYR A O   1 
ATOM   1087 C  CB  . TYR A 1 142 ? -10.078 21.354  10.643  1.00 21.71 ? 140 TYR A CB  1 
ATOM   1088 C  CG  . TYR A 1 142 ? -10.104 22.170  11.943  1.00 22.94 ? 140 TYR A CG  1 
ATOM   1089 C  CD1 . TYR A 1 142 ? -8.962  22.747  12.439  1.00 27.26 ? 140 TYR A CD1 1 
ATOM   1090 C  CD2 . TYR A 1 142 ? -11.290 22.334  12.665  1.00 23.91 ? 140 TYR A CD2 1 
ATOM   1091 C  CE1 . TYR A 1 142 ? -8.961  23.474  13.643  1.00 29.75 ? 140 TYR A CE1 1 
ATOM   1092 C  CE2 . TYR A 1 142 ? -11.295 23.044  13.855  1.00 26.01 ? 140 TYR A CE2 1 
ATOM   1093 C  CZ  . TYR A 1 142 ? -10.142 23.623  14.323  1.00 27.21 ? 140 TYR A CZ  1 
ATOM   1094 O  OH  . TYR A 1 142 ? -10.122 24.354  15.482  1.00 33.35 ? 140 TYR A OH  1 
ATOM   1095 N  N   . ASP A 1 143 ? -9.798  18.920  12.867  1.00 21.43 ? 141 ASP A N   1 
ATOM   1096 C  CA  . ASP A 1 143 ? -10.499 18.088  13.875  1.00 20.54 ? 141 ASP A CA  1 
ATOM   1097 C  C   . ASP A 1 143 ? -11.318 19.034  14.822  1.00 23.08 ? 141 ASP A C   1 
ATOM   1098 O  O   . ASP A 1 143 ? -10.727 19.757  15.650  1.00 23.33 ? 141 ASP A O   1 
ATOM   1099 C  CB  . ASP A 1 143 ? -9.457  17.364  14.661  1.00 21.05 ? 141 ASP A CB  1 
ATOM   1100 C  CG  . ASP A 1 143 ? -10.078 16.291  15.633  1.00 25.12 ? 141 ASP A CG  1 
ATOM   1101 O  OD1 . ASP A 1 143 ? -11.276 16.400  16.067  1.00 24.52 ? 141 ASP A OD1 1 
ATOM   1102 O  OD2 . ASP A 1 143 ? -9.303  15.391  15.912  1.00 21.75 ? 141 ASP A OD2 1 
ATOM   1103 N  N   . GLU A 1 144 ? -12.635 19.018  14.690  1.00 24.46 ? 142 GLU A N   1 
ATOM   1104 C  CA  . GLU A 1 144 ? -13.519 19.978  15.366  1.00 29.46 ? 142 GLU A CA  1 
ATOM   1105 C  C   . GLU A 1 144 ? -13.581 19.720  16.850  1.00 30.19 ? 142 GLU A C   1 
ATOM   1106 O  O   . GLU A 1 144 ? -13.584 20.671  17.632  1.00 30.41 ? 142 GLU A O   1 
ATOM   1107 C  CB  . GLU A 1 144 ? -14.952 19.952  14.825  1.00 32.88 ? 142 GLU A CB  1 
ATOM   1108 C  CG  . GLU A 1 144 ? -15.112 20.381  13.389  1.00 41.32 ? 142 GLU A CG  1 
ATOM   1109 C  CD  . GLU A 1 144 ? -14.845 21.869  13.127  1.00 49.41 ? 142 GLU A CD  1 
ATOM   1110 O  OE1 . GLU A 1 144 ? -14.806 22.678  14.099  1.00 56.24 ? 142 GLU A OE1 1 
ATOM   1111 O  OE2 . GLU A 1 144 ? -14.680 22.219  11.923  1.00 52.28 ? 142 GLU A OE2 1 
ATOM   1112 N  N   . LYS A 1 145 ? -13.576 18.440  17.207  1.00 33.61 ? 143 LYS A N   1 
ATOM   1113 C  CA  . LYS A 1 145 ? -13.590 17.986  18.614  1.00 35.02 ? 143 LYS A CA  1 
ATOM   1114 C  C   . LYS A 1 145 ? -12.357 18.441  19.328  1.00 36.01 ? 143 LYS A C   1 
ATOM   1115 O  O   . LYS A 1 145 ? -12.447 19.096  20.341  1.00 35.95 ? 143 LYS A O   1 
ATOM   1116 C  CB  . LYS A 1 145 ? -13.728 16.451  18.676  1.00 37.94 ? 143 LYS A CB  1 
ATOM   1117 C  CG  . LYS A 1 145 ? -13.682 15.899  20.089  1.00 43.62 ? 143 LYS A CG  1 
ATOM   1118 C  CD  . LYS A 1 145 ? -14.128 14.454  20.188  1.00 48.03 ? 143 LYS A CD  1 
ATOM   1119 C  CE  . LYS A 1 145 ? -13.729 13.869  21.548  1.00 47.73 ? 143 LYS A CE  1 
ATOM   1120 N  NZ  . LYS A 1 145 ? -14.385 12.558  21.779  1.00 44.53 ? 143 LYS A NZ  1 
ATOM   1121 N  N   . ALA A 1 146 ? -11.179 18.154  18.780  1.00 27.74 ? 144 ALA A N   1 
ATOM   1122 C  CA  . ALA A 1 146 ? -9.928  18.565  19.389  1.00 27.09 ? 144 ALA A CA  1 
ATOM   1123 C  C   . ALA A 1 146 ? -9.605  20.006  19.141  1.00 23.92 ? 144 ALA A C   1 
ATOM   1124 O  O   . ALA A 1 146 ? -8.642  20.475  19.685  1.00 31.90 ? 144 ALA A O   1 
ATOM   1125 C  CB  . ALA A 1 146 ? -8.753  17.708  18.887  1.00 26.59 ? 144 ALA A CB  1 
ATOM   1126 N  N   . GLN A 1 147 ? -10.355 20.702  18.307  1.00 23.72 ? 145 GLN A N   1 
ATOM   1127 C  CA  . GLN A 1 147 ? -10.045 22.088  17.902  1.00 28.15 ? 145 GLN A CA  1 
ATOM   1128 C  C   . GLN A 1 147 ? -8.599  22.251  17.469  1.00 28.51 ? 145 GLN A C   1 
ATOM   1129 O  O   . GLN A 1 147 ? -7.831  23.085  18.015  1.00 23.41 ? 145 GLN A O   1 
ATOM   1130 C  CB  . GLN A 1 147 ? -10.390 23.126  19.000  1.00 32.24 ? 145 GLN A CB  1 
ATOM   1131 C  CG  . GLN A 1 147 ? -11.844 23.130  19.334  1.00 38.11 ? 145 GLN A CG  1 
ATOM   1132 C  CD  . GLN A 1 147 ? -12.235 24.363  20.138  1.00 46.63 ? 145 GLN A CD  1 
ATOM   1133 O  OE1 . GLN A 1 147 ? -11.408 24.968  20.834  1.00 53.47 ? 145 GLN A OE1 1 
ATOM   1134 N  NE2 . GLN A 1 147 ? -13.497 24.735  20.048  1.00 47.70 ? 145 GLN A NE2 1 
ATOM   1135 N  N   . GLU A 1 148 ? -8.186  21.400  16.510  1.00 24.45 ? 146 GLU A N   1 
ATOM   1136 C  CA  . GLU A 1 148 ? -6.837  21.529  15.982  1.00 24.90 ? 146 GLU A CA  1 
ATOM   1137 C  C   . GLU A 1 148 ? -6.751  20.905  14.577  1.00 21.37 ? 146 GLU A C   1 
ATOM   1138 O  O   . GLU A 1 148 ? -7.547  20.020  14.201  1.00 19.00 ? 146 GLU A O   1 
ATOM   1139 C  CB  . GLU A 1 148 ? -5.793  20.926  16.920  1.00 27.71 ? 146 GLU A CB  1 
ATOM   1140 C  CG  . GLU A 1 148 ? -5.791  19.422  16.963  1.00 30.32 ? 146 GLU A CG  1 
ATOM   1141 C  CD  . GLU A 1 148 ? -5.009  18.869  18.148  1.00 34.13 ? 146 GLU A CD  1 
ATOM   1142 O  OE1 . GLU A 1 148 ? -4.294  19.656  18.775  1.00 45.29 ? 146 GLU A OE1 1 
ATOM   1143 O  OE2 . GLU A 1 148 ? -5.060  17.648  18.394  1.00 33.12 ? 146 GLU A OE2 1 
ATOM   1144 N  N   . SER A 1 149 ? -5.794  21.433  13.832  1.00 22.58 ? 147 SER A N   1 
ATOM   1145 C  CA  . SER A 1 149 ? -5.440  20.906  12.514  1.00 21.30 ? 147 SER A CA  1 
ATOM   1146 C  C   . SER A 1 149 ? -4.911  19.484  12.594  1.00 19.33 ? 147 SER A C   1 
ATOM   1147 O  O   . SER A 1 149 ? -4.195  19.114  13.550  1.00 19.76 ? 147 SER A O   1 
ATOM   1148 C  CB  . SER A 1 149 ? -4.366  21.795  11.925  1.00 21.17 ? 147 SER A CB  1 
ATOM   1149 O  OG  . SER A 1 149 ? -4.829  23.134  11.993  1.00 27.96 ? 147 SER A OG  1 
ATOM   1150 N  N   . VAL A 1 150 ? -5.188  18.700  11.558  1.00 17.60 ? 148 VAL A N   1 
ATOM   1151 C  CA  . VAL A 1 150 ? -4.588  17.430  11.388  1.00 15.34 ? 148 VAL A CA  1 
ATOM   1152 C  C   . VAL A 1 150 ? -3.901  17.373  10.011  1.00 17.70 ? 148 VAL A C   1 
ATOM   1153 O  O   . VAL A 1 150 ? -4.298  18.090  9.090   1.00 15.71 ? 148 VAL A O   1 
ATOM   1154 C  CB  . VAL A 1 150 ? -5.577  16.288  11.548  1.00 16.90 ? 148 VAL A CB  1 
ATOM   1155 C  CG1 . VAL A 1 150 ? -5.991  16.120  13.028  1.00 16.34 ? 148 VAL A CG1 1 
ATOM   1156 C  CG2 . VAL A 1 150 ? -6.796  16.404  10.600  1.00 16.52 ? 148 VAL A CG2 1 
ATOM   1157 N  N   . GLY A 1 151 ? -2.846  16.579  9.887   1.00 17.50 ? 149 GLY A N   1 
ATOM   1158 C  CA  . GLY A 1 151 ? -2.157  16.526  8.606   1.00 17.13 ? 149 GLY A CA  1 
ATOM   1159 C  C   . GLY A 1 151 ? -1.244  15.338  8.505   1.00 16.92 ? 149 GLY A C   1 
ATOM   1160 O  O   . GLY A 1 151 ? -0.729  14.806  9.515   1.00 16.49 ? 149 GLY A O   1 
ATOM   1161 N  N   . ILE A 1 152 ? -0.943  15.013  7.254   1.00 14.77 ? 150 ILE A N   1 
ATOM   1162 C  CA  . ILE A 1 152 ? 0.003   13.976  6.875   1.00 13.02 ? 150 ILE A CA  1 
ATOM   1163 C  C   . ILE A 1 152 ? 0.865   14.584  5.758   1.00 14.28 ? 150 ILE A C   1 
ATOM   1164 O  O   . ILE A 1 152 ? 0.322   14.905  4.662   1.00 12.91 ? 150 ILE A O   1 
ATOM   1165 C  CB  . ILE A 1 152 ? -0.781  12.786  6.353   1.00 13.42 ? 150 ILE A CB  1 
ATOM   1166 C  CG1 . ILE A 1 152 ? -1.743  12.134  7.410   1.00 13.46 ? 150 ILE A CG1 1 
ATOM   1167 C  CG2 . ILE A 1 152 ? 0.139   11.710  5.841   1.00 14.43 ? 150 ILE A CG2 1 
ATOM   1168 C  CD1 . ILE A 1 152 ? -2.802  11.251  6.806   1.00 12.50 ? 150 ILE A CD1 1 
ATOM   1169 N  N   . TYR A 1 153 ? 2.165   14.690  5.977   1.00 13.09 ? 151 TYR A N   1 
ATOM   1170 C  CA  . TYR A 1 153 ? 3.071   15.437  5.090   1.00 14.60 ? 151 TYR A CA  1 
ATOM   1171 C  C   . TYR A 1 153 ? 4.278   14.650  4.630   1.00 15.09 ? 151 TYR A C   1 
ATOM   1172 O  O   . TYR A 1 153 ? 4.670   13.623  5.274   1.00 14.28 ? 151 TYR A O   1 
ATOM   1173 C  CB  . TYR A 1 153 ? 3.474   16.798  5.672   1.00 14.24 ? 151 TYR A CB  1 
ATOM   1174 C  CG  . TYR A 1 153 ? 2.273   17.609  6.058   1.00 14.67 ? 151 TYR A CG  1 
ATOM   1175 C  CD1 . TYR A 1 153 ? 1.482   18.200  5.095   1.00 14.91 ? 151 TYR A CD1 1 
ATOM   1176 C  CD2 . TYR A 1 153 ? 1.917   17.784  7.393   1.00 15.18 ? 151 TYR A CD2 1 
ATOM   1177 C  CE1 . TYR A 1 153 ? 0.359   18.900  5.431   1.00 14.87 ? 151 TYR A CE1 1 
ATOM   1178 C  CE2 . TYR A 1 153 ? 0.813   18.539  7.741   1.00 15.06 ? 151 TYR A CE2 1 
ATOM   1179 C  CZ  . TYR A 1 153 ? 0.008   19.060  6.766   1.00 15.99 ? 151 TYR A CZ  1 
ATOM   1180 O  OH  . TYR A 1 153 ? -1.131  19.768  7.073   1.00 14.07 ? 151 TYR A OH  1 
ATOM   1181 N  N   . GLU A 1 154 ? 4.812   15.058  3.470   1.00 14.46 ? 152 GLU A N   1 
ATOM   1182 C  CA  . GLU A 1 154 ? 5.966   14.458  2.892   1.00 14.96 ? 152 GLU A CA  1 
ATOM   1183 C  C   . GLU A 1 154 ? 5.926   12.934  2.818   1.00 14.40 ? 152 GLU A C   1 
ATOM   1184 O  O   . GLU A 1 154 ? 6.914   12.284  3.201   1.00 16.31 ? 152 GLU A O   1 
ATOM   1185 C  CB  . GLU A 1 154 ? 7.241   14.848  3.745   1.00 16.98 ? 152 GLU A CB  1 
ATOM   1186 C  CG  . GLU A 1 154 ? 7.391   16.376  3.897   1.00 21.19 ? 152 GLU A CG  1 
ATOM   1187 C  CD  . GLU A 1 154 ? 8.704   16.818  4.544   1.00 23.25 ? 152 GLU A CD  1 
ATOM   1188 O  OE1 . GLU A 1 154 ? 9.758   16.302  4.121   1.00 28.96 ? 152 GLU A OE1 1 
ATOM   1189 O  OE2 . GLU A 1 154 ? 8.699   17.781  5.332   1.00 24.67 ? 152 GLU A OE2 1 
ATOM   1190 N  N   . VAL A 1 155 ? 4.842   12.346  2.327   1.00 13.15 ? 153 VAL A N   1 
ATOM   1191 C  CA  . VAL A 1 155 ? 4.725   10.926  2.232   1.00 14.02 ? 153 VAL A CA  1 
ATOM   1192 C  C   . VAL A 1 155 ? 5.751   10.372  1.243   1.00 14.77 ? 153 VAL A C   1 
ATOM   1193 O  O   . VAL A 1 155 ? 5.904   10.929  0.140   1.00 13.09 ? 153 VAL A O   1 
ATOM   1194 C  CB  . VAL A 1 155 ? 3.307   10.497  1.772   1.00 14.72 ? 153 VAL A CB  1 
ATOM   1195 C  CG1 . VAL A 1 155 ? 3.202   8.975   1.533   1.00 14.26 ? 153 VAL A CG1 1 
ATOM   1196 C  CG2 . VAL A 1 155 ? 2.234   11.023  2.731   1.00 14.48 ? 153 VAL A CG2 1 
ATOM   1197 N  N   . THR A 1 156 ? 6.496   9.357   1.679   1.00 14.80 ? 154 THR A N   1 
ATOM   1198 C  CA  . THR A 1 156 ? 7.479   8.658   0.883   1.00 15.59 ? 154 THR A CA  1 
ATOM   1199 C  C   . THR A 1 156 ? 7.334   7.130   1.182   1.00 16.16 ? 154 THR A C   1 
ATOM   1200 O  O   . THR A 1 156 ? 6.529   6.699   2.029   1.00 14.01 ? 154 THR A O   1 
ATOM   1201 C  CB  . THR A 1 156 ? 8.908   9.114   1.120   1.00 16.99 ? 154 THR A CB  1 
ATOM   1202 O  OG1 . THR A 1 156 ? 9.289   8.830   2.471   1.00 19.33 ? 154 THR A OG1 1 
ATOM   1203 C  CG2 . THR A 1 156 ? 9.062   10.568  0.870   1.00 19.66 ? 154 THR A CG2 1 
ATOM   1204 N  N   . HIS A 1 157 ? 8.023   6.312   0.396   1.00 15.10 ? 155 HIS A N   1 
ATOM   1205 C  CA  . HIS A 1 157 ? 7.935   4.882   0.575   1.00 14.71 ? 155 HIS A CA  1 
ATOM   1206 C  C   . HIS A 1 157 ? 9.266   4.252   0.144   1.00 17.54 ? 155 HIS A C   1 
ATOM   1207 O  O   . HIS A 1 157 ? 10.108  4.942   -0.476  1.00 16.06 ? 155 HIS A O   1 
ATOM   1208 C  CB  . HIS A 1 157 ? 6.800   4.303   -0.260  1.00 15.51 ? 155 HIS A CB  1 
ATOM   1209 C  CG  . HIS A 1 157 ? 7.094   4.324   -1.715  1.00 15.28 ? 155 HIS A CG  1 
ATOM   1210 N  ND1 . HIS A 1 157 ? 6.763   5.396   -2.522  1.00 16.80 ? 155 HIS A ND1 1 
ATOM   1211 C  CD2 . HIS A 1 157 ? 7.737   3.435   -2.502  1.00 15.78 ? 155 HIS A CD2 1 
ATOM   1212 C  CE1 . HIS A 1 157 ? 7.230   5.169   -3.741  1.00 18.18 ? 155 HIS A CE1 1 
ATOM   1213 N  NE2 . HIS A 1 157 ? 7.815   3.971   -3.752  1.00 17.78 ? 155 HIS A NE2 1 
ATOM   1214 N  N   . GLN A 1 158 ? 9.426   2.984   0.479   1.00 18.48 ? 156 GLN A N   1 
ATOM   1215 C  CA  . GLN A 1 158 ? 10.476  2.147   -0.073  1.00 21.04 ? 156 GLN A CA  1 
ATOM   1216 C  C   . GLN A 1 158 ? 10.062  0.681   0.064   1.00 21.83 ? 156 GLN A C   1 
ATOM   1217 O  O   . GLN A 1 158 ? 9.194   0.313   0.894   1.00 22.13 ? 156 GLN A O   1 
ATOM   1218 C  CB  . GLN A 1 158 ? 11.820  2.442   0.657   1.00 22.65 ? 156 GLN A CB  1 
ATOM   1219 C  CG  . GLN A 1 158 ? 11.906  1.878   2.057   1.00 22.74 ? 156 GLN A CG  1 
ATOM   1220 C  CD  . GLN A 1 158 ? 13.288  2.065   2.715   1.00 25.81 ? 156 GLN A CD  1 
ATOM   1221 O  OE1 . GLN A 1 158 ? 14.143  2.765   2.191   1.00 26.08 ? 156 GLN A OE1 1 
ATOM   1222 N  NE2 . GLN A 1 158 ? 13.452  1.495   3.885   1.00 21.51 ? 156 GLN A NE2 1 
ATOM   1223 N  N   . PHE A 1 159 ? 10.673  -0.166  -0.760  1.00 21.56 ? 157 PHE A N   1 
ATOM   1224 C  CA  . PHE A 1 159 ? 10.440  -1.601  -0.699  1.00 20.94 ? 157 PHE A CA  1 
ATOM   1225 C  C   . PHE A 1 159 ? 11.636  -2.289  -0.073  1.00 23.22 ? 157 PHE A C   1 
ATOM   1226 O  O   . PHE A 1 159 ? 12.762  -1.847  -0.287  1.00 25.61 ? 157 PHE A O   1 
ATOM   1227 C  CB  . PHE A 1 159 ? 10.233  -2.141  -2.083  1.00 22.03 ? 157 PHE A CB  1 
ATOM   1228 C  CG  . PHE A 1 159 ? 8.963   -1.663  -2.736  1.00 20.47 ? 157 PHE A CG  1 
ATOM   1229 C  CD1 . PHE A 1 159 ? 7.810   -2.369  -2.566  1.00 18.05 ? 157 PHE A CD1 1 
ATOM   1230 C  CD2 . PHE A 1 159 ? 8.944   -0.524  -3.521  1.00 18.79 ? 157 PHE A CD2 1 
ATOM   1231 C  CE1 . PHE A 1 159 ? 6.654   -2.007  -3.179  1.00 18.40 ? 157 PHE A CE1 1 
ATOM   1232 C  CE2 . PHE A 1 159 ? 7.754   -0.130  -4.135  1.00 16.95 ? 157 PHE A CE2 1 
ATOM   1233 C  CZ  . PHE A 1 159 ? 6.619   -0.873  -3.960  1.00 18.09 ? 157 PHE A CZ  1 
ATOM   1234 N  N   . VAL A 1 160 ? 11.392  -3.279  0.758   1.00 24.78 ? 158 VAL A N   1 
ATOM   1235 C  CA  . VAL A 1 160 ? 12.468  -4.083  1.363   1.00 28.69 ? 158 VAL A CA  1 
ATOM   1236 C  C   . VAL A 1 160 ? 12.094  -5.587  1.255   1.00 30.35 ? 158 VAL A C   1 
ATOM   1237 O  O   . VAL A 1 160 ? 10.881  -5.939  1.308   1.00 23.30 ? 158 VAL A O   1 
ATOM   1238 C  CB  . VAL A 1 160 ? 12.756  -3.743  2.833   1.00 29.25 ? 158 VAL A CB  1 
ATOM   1239 C  CG1 . VAL A 1 160 ? 13.095  -2.279  3.062   1.00 31.08 ? 158 VAL A CG1 1 
ATOM   1240 C  CG2 . VAL A 1 160 ? 11.593  -4.105  3.728   1.00 31.47 ? 158 VAL A CG2 1 
ATOM   1241 N  N   . LYS A 1 161 ? 13.114  -6.483  1.129   1.00 31.35 ? 159 LYS A N   1 
ATOM   1242 C  CA  . LYS A 1 161 ? 12.842  -7.945  1.238   1.00 35.86 ? 159 LYS A CA  1 
ATOM   1243 C  C   . LYS A 1 161 ? 12.397  -8.288  2.634   1.00 32.55 ? 159 LYS A C   1 
ATOM   1244 O  O   . LYS A 1 161 ? 12.828  -7.672  3.573   1.00 38.43 ? 159 LYS A O   1 
ATOM   1245 C  CB  . LYS A 1 161 ? 14.065  -8.816  0.891   1.00 41.56 ? 159 LYS A CB  1 
ATOM   1246 C  CG  . LYS A 1 161 ? 14.113  -9.272  -0.541  1.00 49.00 ? 159 LYS A CG  1 
ATOM   1247 C  CD  . LYS A 1 161 ? 14.256  -8.102  -1.484  1.00 53.15 ? 159 LYS A CD  1 
ATOM   1248 C  CE  . LYS A 1 161 ? 14.285  -8.589  -2.926  1.00 61.53 ? 159 LYS A CE  1 
ATOM   1249 N  NZ  . LYS A 1 161 ? 14.046  -7.471  -3.887  1.00 58.52 ? 159 LYS A NZ  1 
ATOM   1250 N  N   . CYS A 1 162 ? 11.508  -9.256  2.772   1.00 34.70 ? 160 CYS A N   1 
ATOM   1251 C  CA  . CYS A 1 162 ? 11.089  -9.698  4.091   1.00 38.77 ? 160 CYS A CA  1 
ATOM   1252 C  C   . CYS A 1 162 ? 10.723  -11.191 4.038   1.00 43.86 ? 160 CYS A C   1 
ATOM   1253 O  O   . CYS A 1 162 ? 9.912   -11.685 4.834   1.00 43.25 ? 160 CYS A O   1 
ATOM   1254 C  CB  . CYS A 1 162 ? 9.872   -8.896  4.536   1.00 41.15 ? 160 CYS A CB  1 
ATOM   1255 S  SG  . CYS A 1 162 ? 8.402   -9.159  3.512   1.00 39.64 ? 160 CYS A SG  1 
ATOM   1256 O  OXT . CYS A 1 162 ? 11.198  -11.931 3.170   1.00 45.05 ? 160 CYS A OXT 1 
HETATM 1257 ZN ZN  . ZN  B 2 .   ? 9.396   -11.212 -18.348 1.00 22.52 ? 201 ZN  A ZN  1 
HETATM 1258 O  O   . HOH C 3 .   ? -2.284  -5.382  -13.966 1.00 44.12 ? 301 HOH A O   1 
HETATM 1259 O  O   . HOH C 3 .   ? 7.285   7.203   -8.995  1.00 33.06 ? 302 HOH A O   1 
HETATM 1260 O  O   . HOH C 3 .   ? -6.313  -10.637 -3.514  1.00 33.59 ? 303 HOH A O   1 
HETATM 1261 O  O   . HOH C 3 .   ? 14.427  -3.832  -15.491 1.00 43.40 ? 304 HOH A O   1 
HETATM 1262 O  O   . HOH C 3 .   ? -14.952 13.343  16.672  1.00 47.20 ? 305 HOH A O   1 
HETATM 1263 O  O   . HOH C 3 .   ? -15.186 2.061   -1.508  1.00 29.61 ? 306 HOH A O   1 
HETATM 1264 O  O   . HOH C 3 .   ? 8.620   -17.765 -4.263  1.00 41.76 ? 307 HOH A O   1 
HETATM 1265 O  O   . HOH C 3 .   ? -1.468  21.452  9.018   1.00 20.13 ? 308 HOH A O   1 
HETATM 1266 O  O   . HOH C 3 .   ? -6.343  10.001  -6.321  1.00 38.68 ? 309 HOH A O   1 
HETATM 1267 O  O   . HOH C 3 .   ? -13.599 13.651  10.252  1.00 29.08 ? 310 HOH A O   1 
HETATM 1268 O  O   . HOH C 3 .   ? -11.183 1.493   -0.053  1.00 26.26 ? 311 HOH A O   1 
HETATM 1269 O  O   . HOH C 3 .   ? 8.811   10.979  4.381   1.00 23.76 ? 312 HOH A O   1 
HETATM 1270 O  O   . HOH C 3 .   ? 4.857   7.690   -5.833  1.00 19.63 ? 313 HOH A O   1 
HETATM 1271 O  O   . HOH C 3 .   ? 6.862   13.304  -0.347  1.00 17.02 ? 314 HOH A O   1 
HETATM 1272 O  O   . HOH C 3 .   ? 0.853   8.969   -4.985  1.00 20.89 ? 315 HOH A O   1 
HETATM 1273 O  O   . HOH C 3 .   ? -11.805 5.494   4.609   1.00 34.47 ? 316 HOH A O   1 
HETATM 1274 O  O   . HOH C 3 .   ? 1.009   -3.573  -18.828 1.00 46.96 ? 317 HOH A O   1 
HETATM 1275 O  O   . HOH C 3 .   ? 15.618  -8.990  -20.956 1.00 41.56 ? 318 HOH A O   1 
HETATM 1276 O  O   . HOH C 3 .   ? 14.460  5.049   0.904   1.00 35.17 ? 319 HOH A O   1 
HETATM 1277 O  O   . HOH C 3 .   ? 3.221   -6.119  8.285   1.00 43.09 ? 320 HOH A O   1 
HETATM 1278 O  O   . HOH C 3 .   ? 7.556   -10.655 -26.503 1.00 35.30 ? 321 HOH A O   1 
HETATM 1279 O  O   . HOH C 3 .   ? -2.402  6.028   -11.924 1.00 21.88 ? 322 HOH A O   1 
HETATM 1280 O  O   . HOH C 3 .   ? 5.416   16.463  -0.165  1.00 24.66 ? 323 HOH A O   1 
HETATM 1281 O  O   . HOH C 3 .   ? 3.000   1.416   15.822  1.00 38.16 ? 324 HOH A O   1 
HETATM 1282 O  O   . HOH C 3 .   ? -3.384  2.318   15.744  1.00 42.02 ? 325 HOH A O   1 
HETATM 1283 O  O   . HOH C 3 .   ? -1.290  22.815  14.342  1.00 26.75 ? 326 HOH A O   1 
HETATM 1284 O  O   . HOH C 3 .   ? 3.509   -5.662  -15.433 1.00 30.46 ? 327 HOH A O   1 
HETATM 1285 O  O   . HOH C 3 .   ? -5.545  -0.223  12.963  1.00 35.84 ? 328 HOH A O   1 
HETATM 1286 O  O   . HOH C 3 .   ? -10.652 11.446  -0.840  1.00 36.61 ? 329 HOH A O   1 
HETATM 1287 O  O   . HOH C 3 .   ? 13.551  -0.097  6.882   1.00 44.59 ? 330 HOH A O   1 
HETATM 1288 O  O   . HOH C 3 .   ? -7.123  3.900   -12.147 1.00 34.60 ? 331 HOH A O   1 
HETATM 1289 O  O   . HOH C 3 .   ? 4.610   -3.234  10.290  1.00 36.81 ? 332 HOH A O   1 
HETATM 1290 O  O   . HOH C 3 .   ? -1.510  5.798   18.404  1.00 37.51 ? 333 HOH A O   1 
HETATM 1291 O  O   . HOH C 3 .   ? 9.493   1.840   11.908  1.00 34.29 ? 334 HOH A O   1 
HETATM 1292 O  O   . HOH C 3 .   ? -2.330  19.646  2.472   1.00 21.83 ? 335 HOH A O   1 
HETATM 1293 O  O   . HOH C 3 .   ? -6.630  -1.724  7.634   1.00 35.56 ? 336 HOH A O   1 
HETATM 1294 O  O   . HOH C 3 .   ? 11.948  9.047   2.791   1.00 28.18 ? 337 HOH A O   1 
HETATM 1295 O  O   . HOH C 3 .   ? -6.104  -7.128  -8.192  1.00 24.62 ? 338 HOH A O   1 
HETATM 1296 O  O   . HOH C 3 .   ? 11.150  -4.070  -4.907  1.00 29.89 ? 339 HOH A O   1 
HETATM 1297 O  O   . HOH C 3 .   ? -3.310  14.034  -1.990  1.00 30.12 ? 340 HOH A O   1 
HETATM 1298 O  O   . HOH C 3 .   ? -8.728  -5.270  -10.425 1.00 39.40 ? 341 HOH A O   1 
HETATM 1299 O  O   . HOH C 3 .   ? 0.714   12.288  15.188  1.00 18.87 ? 342 HOH A O   1 
HETATM 1300 O  O   . HOH C 3 .   ? 8.939   8.568   15.446  1.00 26.93 ? 343 HOH A O   1 
HETATM 1301 O  O   . HOH C 3 .   ? 3.841   -12.533 -23.678 1.00 27.65 ? 344 HOH A O   1 
HETATM 1302 O  O   . HOH C 3 .   ? 7.828   4.561   -11.753 1.00 28.78 ? 345 HOH A O   1 
HETATM 1303 O  O   . HOH C 3 .   ? 16.438  3.333   3.535   1.00 42.56 ? 346 HOH A O   1 
HETATM 1304 O  O   . HOH C 3 .   ? -7.503  -4.154  -1.276  1.00 19.07 ? 347 HOH A O   1 
HETATM 1305 O  O   . HOH C 3 .   ? -7.116  23.005  20.641  1.00 48.10 ? 348 HOH A O   1 
HETATM 1306 O  O   . HOH C 3 .   ? 3.519   -9.749  -26.051 1.00 37.07 ? 349 HOH A O   1 
HETATM 1307 O  O   . HOH C 3 .   ? -2.586  24.664  11.724  0.33 33.23 ? 350 HOH A O   1 
HETATM 1308 O  O   . HOH C 3 .   ? 8.607   12.270  6.978   1.00 28.75 ? 351 HOH A O   1 
HETATM 1309 O  O   . HOH C 3 .   ? -13.151 16.585  10.838  1.00 31.16 ? 352 HOH A O   1 
HETATM 1310 O  O   . HOH C 3 .   ? -14.045 17.391  13.003  1.00 33.29 ? 353 HOH A O   1 
HETATM 1311 O  O   . HOH C 3 .   ? 10.902  -2.569  -19.073 1.00 35.78 ? 354 HOH A O   1 
HETATM 1312 O  O   . HOH C 3 .   ? 11.240  18.792  5.254   1.00 29.48 ? 355 HOH A O   1 
HETATM 1313 O  O   . HOH C 3 .   ? 1.846   -17.600 -10.008 1.00 33.07 ? 356 HOH A O   1 
HETATM 1314 O  O   . HOH C 3 .   ? -6.587  22.504  9.867   1.00 37.36 ? 357 HOH A O   1 
HETATM 1315 O  O   . HOH C 3 .   ? 8.577   3.463   13.652  1.00 37.79 ? 358 HOH A O   1 
HETATM 1316 O  O   . HOH C 3 .   ? 6.205   -5.631  -15.800 1.00 22.92 ? 359 HOH A O   1 
HETATM 1317 O  O   . HOH C 3 .   ? 4.698   -9.758  -15.421 1.00 30.36 ? 360 HOH A O   1 
HETATM 1318 O  O   . HOH C 3 .   ? 15.565  -5.300  0.704   1.00 45.55 ? 361 HOH A O   1 
HETATM 1319 O  O   . HOH C 3 .   ? -9.418  17.423  4.141   1.00 17.18 ? 362 HOH A O   1 
HETATM 1320 O  O   . HOH C 3 .   ? -7.969  2.947   -2.787  1.00 13.20 ? 363 HOH A O   1 
HETATM 1321 O  O   . HOH C 3 .   ? -6.627  15.419  16.597  1.00 37.82 ? 364 HOH A O   1 
HETATM 1322 O  O   . HOH C 3 .   ? -6.328  18.212  2.245   1.00 20.46 ? 365 HOH A O   1 
HETATM 1323 O  O   . HOH C 3 .   ? -0.522  15.282  18.921  1.00 32.63 ? 366 HOH A O   1 
HETATM 1324 O  O   . HOH C 3 .   ? -2.003  2.974   -4.129  1.00 12.42 ? 367 HOH A O   1 
HETATM 1325 O  O   . HOH C 3 .   ? 1.886   13.628  -6.378  1.00 37.37 ? 368 HOH A O   1 
HETATM 1326 O  O   . HOH C 3 .   ? 0.464   -10.499 -21.794 1.00 33.17 ? 369 HOH A O   1 
HETATM 1327 O  O   . HOH C 3 .   ? -4.323  -12.137 1.857   1.00 33.32 ? 370 HOH A O   1 
HETATM 1328 O  O   . HOH C 3 .   ? -11.479 -0.417  -6.075  1.00 17.33 ? 371 HOH A O   1 
HETATM 1329 O  O   . HOH C 3 .   ? 9.869   2.874   -5.312  1.00 20.64 ? 372 HOH A O   1 
HETATM 1330 O  O   . HOH C 3 .   ? 0.489   -16.290 -4.272  1.00 34.39 ? 373 HOH A O   1 
HETATM 1331 O  O   . HOH C 3 .   ? 1.765   -14.429 -5.916  1.00 29.59 ? 374 HOH A O   1 
HETATM 1332 O  O   . HOH C 3 .   ? -2.365  -7.598  -15.606 1.00 35.59 ? 375 HOH A O   1 
HETATM 1333 O  O   . HOH C 3 .   ? -11.796 5.465   -2.075  1.00 34.34 ? 376 HOH A O   1 
HETATM 1334 O  O   . HOH C 3 .   ? 6.552   -17.275 -3.356  1.00 48.37 ? 377 HOH A O   1 
HETATM 1335 O  O   . HOH C 3 .   ? -16.552 -1.091  -3.620  1.00 29.92 ? 378 HOH A O   1 
HETATM 1336 O  O   . HOH C 3 .   ? 9.231   16.687  8.048   1.00 30.89 ? 379 HOH A O   1 
HETATM 1337 O  O   . HOH C 3 .   ? -5.378  -11.357 -12.409 1.00 28.69 ? 380 HOH A O   1 
HETATM 1338 O  O   . HOH C 3 .   ? -12.276 9.046   -3.228  1.00 43.56 ? 381 HOH A O   1 
HETATM 1339 O  O   . HOH C 3 .   ? -4.065  16.580  -0.815  1.00 26.80 ? 382 HOH A O   1 
HETATM 1340 O  O   . HOH C 3 .   ? 4.193   16.181  -3.579  1.00 35.71 ? 383 HOH A O   1 
HETATM 1341 O  O   . HOH C 3 .   ? -4.675  4.124   -2.822  1.00 16.06 ? 384 HOH A O   1 
HETATM 1342 O  O   . HOH C 3 .   ? 15.542  1.533   5.815   1.00 39.61 ? 385 HOH A O   1 
HETATM 1343 O  O   . HOH C 3 .   ? 13.183  5.215   9.136   1.00 30.45 ? 386 HOH A O   1 
HETATM 1344 O  O   . HOH C 3 .   ? 5.283   0.783   15.337  1.00 44.15 ? 387 HOH A O   1 
HETATM 1345 O  O   . HOH C 3 .   ? -7.038  -6.369  5.875   1.00 40.50 ? 388 HOH A O   1 
HETATM 1346 O  O   . HOH C 3 .   ? 4.298   -7.423  -19.051 1.00 27.84 ? 389 HOH A O   1 
HETATM 1347 O  O   . HOH C 3 .   ? -5.658  -4.084  0.684   1.00 20.58 ? 390 HOH A O   1 
HETATM 1348 O  O   . HOH C 3 .   ? 1.455   18.340  -2.285  1.00 21.30 ? 391 HOH A O   1 
HETATM 1349 O  O   . HOH C 3 .   ? 8.272   -2.091  9.789   1.00 26.85 ? 392 HOH A O   1 
HETATM 1350 O  O   . HOH C 3 .   ? 1.474   5.740   18.314  1.00 31.61 ? 393 HOH A O   1 
HETATM 1351 O  O   . HOH C 3 .   ? 4.855   -19.337 -17.263 1.00 30.08 ? 394 HOH A O   1 
HETATM 1352 O  O   . HOH C 3 .   ? 11.222  12.750  7.695   1.00 35.30 ? 395 HOH A O   1 
HETATM 1353 O  O   . HOH C 3 .   ? 1.600   15.715  15.996  1.00 23.77 ? 396 HOH A O   1 
HETATM 1354 O  O   . HOH C 3 .   ? -8.956  -1.012  9.970   1.00 36.95 ? 397 HOH A O   1 
HETATM 1355 O  O   . HOH C 3 .   ? -4.700  6.735   -11.389 1.00 30.11 ? 398 HOH A O   1 
HETATM 1356 O  O   . HOH C 3 .   ? 6.932   2.741   -16.148 1.00 42.17 ? 399 HOH A O   1 
HETATM 1357 O  O   . HOH C 3 .   ? -8.447  13.516  0.804   1.00 18.32 ? 400 HOH A O   1 
HETATM 1358 O  O   . HOH C 3 .   ? 1.115   -8.270  -18.710 1.00 40.52 ? 401 HOH A O   1 
HETATM 1359 O  O   . HOH C 3 .   ? 14.146  -5.760  -19.935 1.00 38.37 ? 402 HOH A O   1 
HETATM 1360 O  O   . HOH C 3 .   ? -0.751  2.153   6.821   1.00 24.63 ? 403 HOH A O   1 
HETATM 1361 O  O   . HOH C 3 .   ? -4.801  -1.375  -13.041 1.00 28.91 ? 404 HOH A O   1 
HETATM 1362 O  O   . HOH C 3 .   ? -11.380 3.678   2.760   1.00 39.67 ? 405 HOH A O   1 
HETATM 1363 O  O   . HOH C 3 .   ? -0.131  4.707   -15.731 1.00 29.85 ? 406 HOH A O   1 
HETATM 1364 O  O   . HOH C 3 .   ? 9.667   -14.909 -7.510  1.00 35.86 ? 407 HOH A O   1 
HETATM 1365 O  O   . HOH C 3 .   ? 4.963   7.632   -1.723  1.00 4.97  ? 408 HOH A O   1 
HETATM 1366 O  O   . HOH C 3 .   ? -7.177  -2.872  2.779   1.00 20.47 ? 409 HOH A O   1 
HETATM 1367 O  O   . HOH C 3 .   ? -14.673 10.153  8.749   1.00 43.36 ? 410 HOH A O   1 
HETATM 1368 O  O   . HOH C 3 .   ? 4.283   -1.539  -14.177 1.00 26.31 ? 411 HOH A O   1 
HETATM 1369 O  O   . HOH C 3 .   ? -10.107 14.584  4.095   1.00 22.21 ? 412 HOH A O   1 
HETATM 1370 O  O   . HOH C 3 .   ? -3.487  3.388   -13.415 1.00 39.09 ? 413 HOH A O   1 
HETATM 1371 O  O   . HOH C 3 .   ? 9.319   7.718   -1.952  1.00 20.53 ? 414 HOH A O   1 
HETATM 1372 O  O   . HOH C 3 .   ? 12.377  0.216   -6.024  1.00 38.65 ? 415 HOH A O   1 
HETATM 1373 O  O   . HOH C 3 .   ? -3.862  23.492  14.986  1.00 19.90 ? 416 HOH A O   1 
HETATM 1374 O  O   . HOH C 3 .   ? -10.988 12.652  5.964   1.00 27.68 ? 417 HOH A O   1 
HETATM 1375 O  O   . HOH C 3 .   ? 4.035   8.595   -12.766 1.00 42.60 ? 418 HOH A O   1 
HETATM 1376 O  O   . HOH C 3 .   ? 4.399   6.849   -14.818 1.00 53.84 ? 419 HOH A O   1 
HETATM 1377 O  O   . HOH C 3 .   ? 12.557  1.097   -2.828  1.00 25.44 ? 420 HOH A O   1 
HETATM 1378 O  O   . HOH C 3 .   ? -5.799  12.910  -6.328  1.00 33.05 ? 421 HOH A O   1 
HETATM 1379 O  O   . HOH C 3 .   ? 6.437   -16.299 -1.168  1.00 32.10 ? 422 HOH A O   1 
HETATM 1380 O  O   . HOH C 3 .   ? -10.347 10.760  -3.330  1.00 42.88 ? 423 HOH A O   1 
HETATM 1381 O  O   . HOH C 3 .   ? -5.339  -6.381  -10.924 1.00 42.58 ? 424 HOH A O   1 
HETATM 1382 O  O   . HOH C 3 .   ? -0.472  20.840  16.767  1.00 33.11 ? 425 HOH A O   1 
HETATM 1383 O  O   . HOH C 3 .   ? 10.550  5.657   -3.484  1.00 40.69 ? 426 HOH A O   1 
HETATM 1384 O  O   . HOH C 3 .   ? 1.604   -2.193  13.960  1.00 46.85 ? 427 HOH A O   1 
HETATM 1385 O  O   . HOH C 3 .   ? 3.037   20.398  -1.015  1.00 27.46 ? 428 HOH A O   1 
HETATM 1386 O  O   . HOH C 3 .   ? 3.334   12.074  15.355  1.00 30.29 ? 429 HOH A O   1 
HETATM 1387 O  O   . HOH C 3 .   ? 5.470   -19.515 -13.833 1.00 40.67 ? 430 HOH A O   1 
HETATM 1388 O  O   . HOH C 3 .   ? 4.068   -0.971  -21.209 1.00 42.25 ? 431 HOH A O   1 
HETATM 1389 O  O   . HOH C 3 .   ? 12.605  -4.986  -2.504  1.00 36.83 ? 432 HOH A O   1 
HETATM 1390 O  O   . HOH C 3 .   ? -2.113  -11.455 -19.066 1.00 33.63 ? 433 HOH A O   1 
HETATM 1391 O  O   . HOH C 3 .   ? -10.604 -0.463  11.429  1.00 43.05 ? 434 HOH A O   1 
HETATM 1392 O  O   . HOH C 3 .   ? -2.610  -13.136 4.948   1.00 33.56 ? 435 HOH A O   1 
HETATM 1393 O  O   . HOH C 3 .   ? -10.421 1.676   -12.971 1.00 34.81 ? 436 HOH A O   1 
HETATM 1394 O  O   . HOH C 3 .   ? -2.041  -0.231  16.003  1.00 42.10 ? 437 HOH A O   1 
HETATM 1395 O  O   . HOH C 3 .   ? -4.621  23.997  17.707  1.00 42.76 ? 438 HOH A O   1 
HETATM 1396 O  O   . HOH C 3 .   ? -7.899  4.778   -4.646  1.00 31.82 ? 439 HOH A O   1 
HETATM 1397 O  O   . HOH C 3 .   ? 12.231  -14.550 -10.410 1.00 38.59 ? 440 HOH A O   1 
HETATM 1398 O  O   . HOH C 3 .   ? -8.756  0.190   13.550  1.00 40.22 ? 441 HOH A O   1 
HETATM 1399 O  O   . HOH C 3 .   ? 1.125   19.046  -5.280  1.00 37.71 ? 442 HOH A O   1 
HETATM 1400 O  O   . HOH C 3 .   ? 3.206   8.900   -8.304  1.00 43.21 ? 443 HOH A O   1 
HETATM 1401 O  O   . HOH C 3 .   ? -14.422 -0.103  -8.300  1.00 39.43 ? 444 HOH A O   1 
HETATM 1402 O  O   . HOH C 3 .   ? 7.301   9.394   -2.661  1.00 33.88 ? 445 HOH A O   1 
HETATM 1403 O  O   . HOH C 3 .   ? 2.184   -6.123  -18.057 1.00 33.56 ? 446 HOH A O   1 
HETATM 1404 O  O   . HOH C 3 .   ? -12.098 3.314   -12.250 1.00 58.07 ? 447 HOH A O   1 
HETATM 1405 O  O   . HOH C 3 .   ? 12.921  -19.201 -12.588 1.00 44.90 ? 448 HOH A O   1 
HETATM 1406 O  O   . HOH C 3 .   ? -6.047  14.225  -3.923  1.00 34.07 ? 449 HOH A O   1 
HETATM 1407 O  O   . HOH C 3 .   ? 11.192  4.124   -7.920  1.00 44.28 ? 450 HOH A O   1 
HETATM 1408 O  O   . HOH C 3 .   ? 10.904  -11.674 -9.142  1.00 33.51 ? 451 HOH A O   1 
HETATM 1409 O  O   . HOH C 3 .   ? 14.300  -1.218  -3.578  1.00 45.14 ? 452 HOH A O   1 
HETATM 1410 O  O   . HOH C 3 .   ? 10.918  12.268  3.337   1.00 40.10 ? 453 HOH A O   1 
HETATM 1411 O  O   . HOH C 3 .   ? 3.380   -3.412  12.888  1.00 41.02 ? 454 HOH A O   1 
HETATM 1412 O  O   . HOH C 3 .   ? -10.650 3.062   -2.028  1.00 20.89 ? 455 HOH A O   1 
HETATM 1413 O  O   . HOH C 3 .   ? 12.545  2.843   12.826  1.00 44.14 ? 456 HOH A O   1 
HETATM 1414 O  O   . HOH C 3 .   ? -7.512  -3.892  4.908   1.00 32.92 ? 457 HOH A O   1 
HETATM 1415 O  O   . HOH C 3 .   ? -2.674  23.879  8.721   0.33 17.19 ? 458 HOH A O   1 
HETATM 1416 O  O   . HOH C 3 .   ? 6.048   -7.957  -17.261 1.00 28.38 ? 459 HOH A O   1 
HETATM 1417 O  O   . HOH C 3 .   ? 9.419   13.922  0.398   1.00 29.85 ? 460 HOH A O   1 
HETATM 1418 O  O   . HOH C 3 .   ? 0.651   13.281  17.815  1.00 31.93 ? 461 HOH A O   1 
HETATM 1419 O  O   . HOH C 3 .   ? -5.065  20.294  1.371   1.00 22.97 ? 462 HOH A O   1 
HETATM 1420 O  O   . HOH C 3 .   ? -10.186 8.325   -5.942  1.00 47.52 ? 463 HOH A O   1 
HETATM 1421 O  O   . HOH C 3 .   ? 14.465  2.175   7.950   1.00 40.45 ? 464 HOH A O   1 
HETATM 1422 O  O   . HOH C 3 .   ? -3.239  18.568  -2.206  1.00 30.85 ? 465 HOH A O   1 
HETATM 1423 O  O   . HOH C 3 .   ? -8.749  14.570  -2.649  1.00 35.24 ? 466 HOH A O   1 
HETATM 1424 O  O   . HOH C 3 .   ? -12.753 13.081  -0.908  1.00 41.04 ? 467 HOH A O   1 
HETATM 1425 O  O   . HOH C 3 .   ? 9.254   2.088   -12.119 1.00 37.90 ? 468 HOH A O   1 
HETATM 1426 O  O   . HOH C 3 .   ? -0.844  19.496  -1.526  1.00 28.02 ? 469 HOH A O   1 
HETATM 1427 O  O   . HOH C 3 .   ? 5.582   -5.686  9.658   1.00 35.45 ? 470 HOH A O   1 
HETATM 1428 O  O   . HOH C 3 .   ? -5.915  2.020   -13.657 1.00 40.19 ? 471 HOH A O   1 
HETATM 1429 O  O   . HOH C 3 .   ? -1.355  6.712   -14.331 1.00 41.20 ? 472 HOH A O   1 
HETATM 1430 O  O   . HOH C 3 .   ? 11.748  9.391   -1.575  1.00 40.77 ? 473 HOH A O   1 
HETATM 1431 O  O   . HOH C 3 .   ? 10.685  -18.774 -8.327  1.00 44.89 ? 474 HOH A O   1 
HETATM 1432 O  O   . HOH C 3 .   ? 11.450  -19.448 -6.183  1.00 47.18 ? 475 HOH A O   1 
# 
